data_1EOT
# 
_entry.id   1EOT 
# 
_audit_conform.dict_name       mmcif_pdbx.dic 
_audit_conform.dict_version    5.399 
_audit_conform.dict_location   http://mmcif.pdb.org/dictionaries/ascii/mmcif_pdbx.dic 
# 
loop_
_database_2.database_id 
_database_2.database_code 
_database_2.pdbx_database_accession 
_database_2.pdbx_DOI 
PDB   1EOT         pdb_00001eot 10.2210/pdb1eot/pdb 
WWPDB D_1000173107 ?            ?                   
# 
loop_
_pdbx_audit_revision_history.ordinal 
_pdbx_audit_revision_history.data_content_type 
_pdbx_audit_revision_history.major_revision 
_pdbx_audit_revision_history.minor_revision 
_pdbx_audit_revision_history.revision_date 
1 'Structure model' 1 0 1999-01-13 
2 'Structure model' 1 1 2008-03-24 
3 'Structure model' 1 2 2011-07-13 
4 'Structure model' 1 3 2022-02-16 
5 'Structure model' 1 4 2024-11-20 
# 
_pdbx_audit_revision_details.ordinal             1 
_pdbx_audit_revision_details.revision_ordinal    1 
_pdbx_audit_revision_details.data_content_type   'Structure model' 
_pdbx_audit_revision_details.provider            repository 
_pdbx_audit_revision_details.type                'Initial release' 
_pdbx_audit_revision_details.description         ? 
_pdbx_audit_revision_details.details             ? 
# 
loop_
_pdbx_audit_revision_group.ordinal 
_pdbx_audit_revision_group.revision_ordinal 
_pdbx_audit_revision_group.data_content_type 
_pdbx_audit_revision_group.group 
1 2 'Structure model' 'Version format compliance' 
2 3 'Structure model' 'Version format compliance' 
3 4 'Structure model' 'Data collection'           
4 4 'Structure model' 'Database references'       
5 4 'Structure model' 'Derived calculations'      
6 4 'Structure model' 'Experimental preparation'  
7 4 'Structure model' Other                       
8 5 'Structure model' 'Data collection'           
9 5 'Structure model' 'Structure summary'         
# 
loop_
_pdbx_audit_revision_category.ordinal 
_pdbx_audit_revision_category.revision_ordinal 
_pdbx_audit_revision_category.data_content_type 
_pdbx_audit_revision_category.category 
1  4 'Structure model' database_2                       
2  4 'Structure model' pdbx_database_status             
3  4 'Structure model' pdbx_nmr_exptl_sample_conditions 
4  4 'Structure model' pdbx_nmr_software                
5  4 'Structure model' pdbx_struct_assembly             
6  4 'Structure model' pdbx_struct_oper_list            
7  5 'Structure model' chem_comp_atom                   
8  5 'Structure model' chem_comp_bond                   
9  5 'Structure model' pdbx_entry_details               
10 5 'Structure model' pdbx_modification_feature        
# 
loop_
_pdbx_audit_revision_item.ordinal 
_pdbx_audit_revision_item.revision_ordinal 
_pdbx_audit_revision_item.data_content_type 
_pdbx_audit_revision_item.item 
1 4 'Structure model' '_database_2.pdbx_DOI'                             
2 4 'Structure model' '_database_2.pdbx_database_accession'              
3 4 'Structure model' '_pdbx_database_status.process_site'               
4 4 'Structure model' '_pdbx_nmr_exptl_sample_conditions.pressure_units' 
5 4 'Structure model' '_pdbx_nmr_software.name'                          
# 
_pdbx_database_status.status_code                     REL 
_pdbx_database_status.entry_id                        1EOT 
_pdbx_database_status.recvd_initial_deposition_date   1998-06-17 
_pdbx_database_status.deposit_site                    ? 
_pdbx_database_status.process_site                    BNL 
_pdbx_database_status.status_code_sf                  ? 
_pdbx_database_status.status_code_mr                  REL 
_pdbx_database_status.SG_entry                        ? 
_pdbx_database_status.pdb_format_compatible           Y 
_pdbx_database_status.status_code_cs                  ? 
_pdbx_database_status.status_code_nmr_data            ? 
_pdbx_database_status.methods_development_category    ? 
# 
loop_
_audit_author.name 
_audit_author.pdbx_ordinal 
'Crump, M.P.'     1 
'Rajarathnam, K.' 2 
'Sykes, B.D.'     3 
# 
_citation.id                        primary 
_citation.title                     
'Solution structure of eotaxin, a chemokine that selectively recruits eosinophils in allergic inflammation.' 
_citation.journal_abbrev            J.Biol.Chem. 
_citation.journal_volume            273 
_citation.page_first                22471 
_citation.page_last                 22479 
_citation.year                      1998 
_citation.journal_id_ASTM           JBCHA3 
_citation.country                   US 
_citation.journal_id_ISSN           0021-9258 
_citation.journal_id_CSD            0071 
_citation.book_publisher            ? 
_citation.pdbx_database_id_PubMed   9712872 
_citation.pdbx_database_id_DOI      10.1074/jbc.273.35.22471 
# 
loop_
_citation_author.citation_id 
_citation_author.name 
_citation_author.ordinal 
_citation_author.identifier_ORCID 
primary 'Crump, M.P.'     1 ? 
primary 'Rajarathnam, K.' 2 ? 
primary 'Kim, K.S.'       3 ? 
primary 'Clark-Lewis, I.' 4 ? 
primary 'Sykes, B.D.'     5 ? 
# 
_entity.id                         1 
_entity.type                       polymer 
_entity.src_method                 man 
_entity.pdbx_description           EOTAXIN 
_entity.formula_weight             8380.936 
_entity.pdbx_number_of_molecules   1 
_entity.pdbx_ec                    ? 
_entity.pdbx_mutation              ? 
_entity.pdbx_fragment              ? 
_entity.details                    
'BOTH SYNTHETIC AND RECOMBINANT SAMPLES WERE PREPARED. RECOMBINANT SAMPLES WERE UNIFORMLY LABELLED WITH N15.' 
# 
_entity_poly.entity_id                      1 
_entity_poly.type                           'polypeptide(L)' 
_entity_poly.nstd_linkage                   no 
_entity_poly.nstd_monomer                   no 
_entity_poly.pdbx_seq_one_letter_code       GPASVPTTCCFNLANRKIPLQRLESYRRITSGKCPQKAVIFKTKLAKDICADPKKKWVQDSMKYLDQKSPTPKP 
_entity_poly.pdbx_seq_one_letter_code_can   GPASVPTTCCFNLANRKIPLQRLESYRRITSGKCPQKAVIFKTKLAKDICADPKKKWVQDSMKYLDQKSPTPKP 
_entity_poly.pdbx_strand_id                 A 
_entity_poly.pdbx_target_identifier         ? 
# 
loop_
_entity_poly_seq.entity_id 
_entity_poly_seq.num 
_entity_poly_seq.mon_id 
_entity_poly_seq.hetero 
1 1  GLY n 
1 2  PRO n 
1 3  ALA n 
1 4  SER n 
1 5  VAL n 
1 6  PRO n 
1 7  THR n 
1 8  THR n 
1 9  CYS n 
1 10 CYS n 
1 11 PHE n 
1 12 ASN n 
1 13 LEU n 
1 14 ALA n 
1 15 ASN n 
1 16 ARG n 
1 17 LYS n 
1 18 ILE n 
1 19 PRO n 
1 20 LEU n 
1 21 GLN n 
1 22 ARG n 
1 23 LEU n 
1 24 GLU n 
1 25 SER n 
1 26 TYR n 
1 27 ARG n 
1 28 ARG n 
1 29 ILE n 
1 30 THR n 
1 31 SER n 
1 32 GLY n 
1 33 LYS n 
1 34 CYS n 
1 35 PRO n 
1 36 GLN n 
1 37 LYS n 
1 38 ALA n 
1 39 VAL n 
1 40 ILE n 
1 41 PHE n 
1 42 LYS n 
1 43 THR n 
1 44 LYS n 
1 45 LEU n 
1 46 ALA n 
1 47 LYS n 
1 48 ASP n 
1 49 ILE n 
1 50 CYS n 
1 51 ALA n 
1 52 ASP n 
1 53 PRO n 
1 54 LYS n 
1 55 LYS n 
1 56 LYS n 
1 57 TRP n 
1 58 VAL n 
1 59 GLN n 
1 60 ASP n 
1 61 SER n 
1 62 MET n 
1 63 LYS n 
1 64 TYR n 
1 65 LEU n 
1 66 ASP n 
1 67 GLN n 
1 68 LYS n 
1 69 SER n 
1 70 PRO n 
1 71 THR n 
1 72 PRO n 
1 73 LYS n 
1 74 PRO n 
# 
_entity_src_gen.entity_id                          1 
_entity_src_gen.pdbx_src_id                        1 
_entity_src_gen.pdbx_alt_source_flag               sample 
_entity_src_gen.pdbx_seq_type                      ? 
_entity_src_gen.pdbx_beg_seq_num                   ? 
_entity_src_gen.pdbx_end_seq_num                   ? 
_entity_src_gen.gene_src_common_name               human 
_entity_src_gen.gene_src_genus                     Homo 
_entity_src_gen.pdbx_gene_src_gene                 ? 
_entity_src_gen.gene_src_species                   ? 
_entity_src_gen.gene_src_strain                    ? 
_entity_src_gen.gene_src_tissue                    ? 
_entity_src_gen.gene_src_tissue_fraction           ? 
_entity_src_gen.gene_src_details                   ? 
_entity_src_gen.pdbx_gene_src_fragment             ? 
_entity_src_gen.pdbx_gene_src_scientific_name      'Homo sapiens' 
_entity_src_gen.pdbx_gene_src_ncbi_taxonomy_id     9606 
_entity_src_gen.pdbx_gene_src_variant              ? 
_entity_src_gen.pdbx_gene_src_cell_line            BL21 
_entity_src_gen.pdbx_gene_src_atcc                 ? 
_entity_src_gen.pdbx_gene_src_organ                ? 
_entity_src_gen.pdbx_gene_src_organelle            ? 
_entity_src_gen.pdbx_gene_src_cell                 ? 
_entity_src_gen.pdbx_gene_src_cellular_location    ? 
_entity_src_gen.host_org_common_name               ? 
_entity_src_gen.pdbx_host_org_scientific_name      'Escherichia coli BL21(DE3)' 
_entity_src_gen.pdbx_host_org_ncbi_taxonomy_id     469008 
_entity_src_gen.host_org_genus                     Escherichia 
_entity_src_gen.pdbx_host_org_gene                 ? 
_entity_src_gen.pdbx_host_org_organ                ? 
_entity_src_gen.host_org_species                   'Escherichia coli' 
_entity_src_gen.pdbx_host_org_tissue               ? 
_entity_src_gen.pdbx_host_org_tissue_fraction      ? 
_entity_src_gen.pdbx_host_org_strain               'BL21 (DE3)' 
_entity_src_gen.pdbx_host_org_variant              ? 
_entity_src_gen.pdbx_host_org_cell_line            ? 
_entity_src_gen.pdbx_host_org_atcc                 ? 
_entity_src_gen.pdbx_host_org_culture_collection   ? 
_entity_src_gen.pdbx_host_org_cell                 ? 
_entity_src_gen.pdbx_host_org_organelle            ? 
_entity_src_gen.pdbx_host_org_cellular_location    ? 
_entity_src_gen.pdbx_host_org_vector_type          ? 
_entity_src_gen.pdbx_host_org_vector               ? 
_entity_src_gen.host_org_details                   ? 
_entity_src_gen.expression_system_id               ? 
_entity_src_gen.plasmid_name                       PET15B 
_entity_src_gen.plasmid_details                    ? 
_entity_src_gen.pdbx_description                   'BOTH SYNTHETIC AND RECOMBINANT SAMPLES WERE PREPARED YES' 
# 
loop_
_chem_comp.id 
_chem_comp.type 
_chem_comp.mon_nstd_flag 
_chem_comp.name 
_chem_comp.pdbx_synonyms 
_chem_comp.formula 
_chem_comp.formula_weight 
ALA 'L-peptide linking' y ALANINE         ? 'C3 H7 N O2'     89.093  
ARG 'L-peptide linking' y ARGININE        ? 'C6 H15 N4 O2 1' 175.209 
ASN 'L-peptide linking' y ASPARAGINE      ? 'C4 H8 N2 O3'    132.118 
ASP 'L-peptide linking' y 'ASPARTIC ACID' ? 'C4 H7 N O4'     133.103 
CYS 'L-peptide linking' y CYSTEINE        ? 'C3 H7 N O2 S'   121.158 
GLN 'L-peptide linking' y GLUTAMINE       ? 'C5 H10 N2 O3'   146.144 
GLU 'L-peptide linking' y 'GLUTAMIC ACID' ? 'C5 H9 N O4'     147.129 
GLY 'peptide linking'   y GLYCINE         ? 'C2 H5 N O2'     75.067  
ILE 'L-peptide linking' y ISOLEUCINE      ? 'C6 H13 N O2'    131.173 
LEU 'L-peptide linking' y LEUCINE         ? 'C6 H13 N O2'    131.173 
LYS 'L-peptide linking' y LYSINE          ? 'C6 H15 N2 O2 1' 147.195 
MET 'L-peptide linking' y METHIONINE      ? 'C5 H11 N O2 S'  149.211 
PHE 'L-peptide linking' y PHENYLALANINE   ? 'C9 H11 N O2'    165.189 
PRO 'L-peptide linking' y PROLINE         ? 'C5 H9 N O2'     115.130 
SER 'L-peptide linking' y SERINE          ? 'C3 H7 N O3'     105.093 
THR 'L-peptide linking' y THREONINE       ? 'C4 H9 N O3'     119.119 
TRP 'L-peptide linking' y TRYPTOPHAN      ? 'C11 H12 N2 O2'  204.225 
TYR 'L-peptide linking' y TYROSINE        ? 'C9 H11 N O3'    181.189 
VAL 'L-peptide linking' y VALINE          ? 'C5 H11 N O2'    117.146 
# 
loop_
_pdbx_poly_seq_scheme.asym_id 
_pdbx_poly_seq_scheme.entity_id 
_pdbx_poly_seq_scheme.seq_id 
_pdbx_poly_seq_scheme.mon_id 
_pdbx_poly_seq_scheme.ndb_seq_num 
_pdbx_poly_seq_scheme.pdb_seq_num 
_pdbx_poly_seq_scheme.auth_seq_num 
_pdbx_poly_seq_scheme.pdb_mon_id 
_pdbx_poly_seq_scheme.auth_mon_id 
_pdbx_poly_seq_scheme.pdb_strand_id 
_pdbx_poly_seq_scheme.pdb_ins_code 
_pdbx_poly_seq_scheme.hetero 
A 1 1  GLY 1  1  1  GLY GLY A . n 
A 1 2  PRO 2  2  2  PRO PRO A . n 
A 1 3  ALA 3  3  3  ALA ALA A . n 
A 1 4  SER 4  4  4  SER SER A . n 
A 1 5  VAL 5  5  5  VAL VAL A . n 
A 1 6  PRO 6  6  6  PRO PRO A . n 
A 1 7  THR 7  7  7  THR THR A . n 
A 1 8  THR 8  8  8  THR THR A . n 
A 1 9  CYS 9  9  9  CYS CYS A . n 
A 1 10 CYS 10 10 10 CYS CYS A . n 
A 1 11 PHE 11 11 11 PHE PHE A . n 
A 1 12 ASN 12 12 12 ASN ASN A . n 
A 1 13 LEU 13 13 13 LEU LEU A . n 
A 1 14 ALA 14 14 14 ALA ALA A . n 
A 1 15 ASN 15 15 15 ASN ASN A . n 
A 1 16 ARG 16 16 16 ARG ARG A . n 
A 1 17 LYS 17 17 17 LYS LYS A . n 
A 1 18 ILE 18 18 18 ILE ILE A . n 
A 1 19 PRO 19 19 19 PRO PRO A . n 
A 1 20 LEU 20 20 20 LEU LEU A . n 
A 1 21 GLN 21 21 21 GLN GLN A . n 
A 1 22 ARG 22 22 22 ARG ARG A . n 
A 1 23 LEU 23 23 23 LEU LEU A . n 
A 1 24 GLU 24 24 24 GLU GLU A . n 
A 1 25 SER 25 25 25 SER SER A . n 
A 1 26 TYR 26 26 26 TYR TYR A . n 
A 1 27 ARG 27 27 27 ARG ARG A . n 
A 1 28 ARG 28 28 28 ARG ARG A . n 
A 1 29 ILE 29 29 29 ILE ILE A . n 
A 1 30 THR 30 30 30 THR THR A . n 
A 1 31 SER 31 31 31 SER SER A . n 
A 1 32 GLY 32 32 32 GLY GLY A . n 
A 1 33 LYS 33 33 33 LYS LYS A . n 
A 1 34 CYS 34 34 34 CYS CYS A . n 
A 1 35 PRO 35 35 35 PRO PRO A . n 
A 1 36 GLN 36 36 36 GLN GLN A . n 
A 1 37 LYS 37 37 37 LYS LYS A . n 
A 1 38 ALA 38 38 38 ALA ALA A . n 
A 1 39 VAL 39 39 39 VAL VAL A . n 
A 1 40 ILE 40 40 40 ILE ILE A . n 
A 1 41 PHE 41 41 41 PHE PHE A . n 
A 1 42 LYS 42 42 42 LYS LYS A . n 
A 1 43 THR 43 43 43 THR THR A . n 
A 1 44 LYS 44 44 44 LYS LYS A . n 
A 1 45 LEU 45 45 45 LEU LEU A . n 
A 1 46 ALA 46 46 46 ALA ALA A . n 
A 1 47 LYS 47 47 47 LYS LYS A . n 
A 1 48 ASP 48 48 48 ASP ASP A . n 
A 1 49 ILE 49 49 49 ILE ILE A . n 
A 1 50 CYS 50 50 50 CYS CYS A . n 
A 1 51 ALA 51 51 51 ALA ALA A . n 
A 1 52 ASP 52 52 52 ASP ASP A . n 
A 1 53 PRO 53 53 53 PRO PRO A . n 
A 1 54 LYS 54 54 54 LYS LYS A . n 
A 1 55 LYS 55 55 55 LYS LYS A . n 
A 1 56 LYS 56 56 56 LYS LYS A . n 
A 1 57 TRP 57 57 57 TRP TRP A . n 
A 1 58 VAL 58 58 58 VAL VAL A . n 
A 1 59 GLN 59 59 59 GLN GLN A . n 
A 1 60 ASP 60 60 60 ASP ASP A . n 
A 1 61 SER 61 61 61 SER SER A . n 
A 1 62 MET 62 62 62 MET MET A . n 
A 1 63 LYS 63 63 63 LYS LYS A . n 
A 1 64 TYR 64 64 64 TYR TYR A . n 
A 1 65 LEU 65 65 65 LEU LEU A . n 
A 1 66 ASP 66 66 66 ASP ASP A . n 
A 1 67 GLN 67 67 67 GLN GLN A . n 
A 1 68 LYS 68 68 68 LYS LYS A . n 
A 1 69 SER 69 69 69 SER SER A . n 
A 1 70 PRO 70 70 70 PRO PRO A . n 
A 1 71 THR 71 71 71 THR THR A . n 
A 1 72 PRO 72 72 72 PRO PRO A . n 
A 1 73 LYS 73 73 73 LYS LYS A . n 
A 1 74 PRO 74 74 74 PRO PRO A . n 
# 
loop_
_software.name 
_software.classification 
_software.version 
_software.citation_id 
_software.pdbx_ordinal 
X-PLOR 'model building' 3.1 ? 1 
X-PLOR refinement       3.1 ? 2 
X-PLOR phasing          3.1 ? 3 
# 
_cell.entry_id           1EOT 
_cell.length_a           1.000 
_cell.length_b           1.000 
_cell.length_c           1.000 
_cell.angle_alpha        90.00 
_cell.angle_beta         90.00 
_cell.angle_gamma        90.00 
_cell.Z_PDB              1 
_cell.pdbx_unique_axis   ? 
# 
_symmetry.entry_id                         1EOT 
_symmetry.space_group_name_H-M             'P 1' 
_symmetry.pdbx_full_space_group_name_H-M   ? 
_symmetry.cell_setting                     ? 
_symmetry.Int_Tables_number                1 
# 
_exptl.entry_id          1EOT 
_exptl.method            'SOLUTION NMR' 
_exptl.crystals_number   ? 
# 
_struct.entry_id                  1EOT 
_struct.title                     'SOLUTION NMR STRUCTURE OF EOTAXIN, MINIMIZED AVERAGE STRUCTURE' 
_struct.pdbx_model_details        ? 
_struct.pdbx_CASP_flag            ? 
_struct.pdbx_model_type_details   ? 
# 
_struct_keywords.entry_id        1EOT 
_struct_keywords.pdbx_keywords   CYTOKINE 
_struct_keywords.text            'CYTOKINE, CHEMOKINE, PROTEIN SYNTHESIS, EOTAXIN, SOLUTION STRUCTURE, CCR3, EOSINOPHIL' 
# 
_struct_asym.id                            A 
_struct_asym.pdbx_blank_PDB_chainid_flag   Y 
_struct_asym.pdbx_modified                 N 
_struct_asym.entity_id                     1 
_struct_asym.details                       ? 
# 
_struct_ref.id                         1 
_struct_ref.db_name                    UNP 
_struct_ref.db_code                    CCL11_HUMAN 
_struct_ref.entity_id                  1 
_struct_ref.pdbx_db_accession          P51671 
_struct_ref.pdbx_align_begin           1 
_struct_ref.pdbx_seq_one_letter_code   
;MKVSAALLWLLLIAAAFSPQGLAGPASVPTTCCFNLANRKIPLQRLESYRRITSGKCPQKAVIFKTKLAKDICADPKKKW
VQDSMKYLDQKSPTPKP
;
_struct_ref.pdbx_db_isoform            ? 
# 
_struct_ref_seq.align_id                      1 
_struct_ref_seq.ref_id                        1 
_struct_ref_seq.pdbx_PDB_id_code              1EOT 
_struct_ref_seq.pdbx_strand_id                A 
_struct_ref_seq.seq_align_beg                 1 
_struct_ref_seq.pdbx_seq_align_beg_ins_code   ? 
_struct_ref_seq.seq_align_end                 74 
_struct_ref_seq.pdbx_seq_align_end_ins_code   ? 
_struct_ref_seq.pdbx_db_accession             P51671 
_struct_ref_seq.db_align_beg                  24 
_struct_ref_seq.pdbx_db_align_beg_ins_code    ? 
_struct_ref_seq.db_align_end                  97 
_struct_ref_seq.pdbx_db_align_end_ins_code    ? 
_struct_ref_seq.pdbx_auth_seq_align_beg       1 
_struct_ref_seq.pdbx_auth_seq_align_end       74 
# 
_pdbx_struct_assembly.id                   1 
_pdbx_struct_assembly.details              author_defined_assembly 
_pdbx_struct_assembly.method_details       ? 
_pdbx_struct_assembly.oligomeric_details   monomeric 
_pdbx_struct_assembly.oligomeric_count     1 
# 
_pdbx_struct_assembly_gen.assembly_id       1 
_pdbx_struct_assembly_gen.oper_expression   1 
_pdbx_struct_assembly_gen.asym_id_list      A 
# 
_pdbx_struct_oper_list.id                   1 
_pdbx_struct_oper_list.type                 'identity operation' 
_pdbx_struct_oper_list.name                 1_555 
_pdbx_struct_oper_list.symmetry_operation   x,y,z 
_pdbx_struct_oper_list.matrix[1][1]         1.0000000000 
_pdbx_struct_oper_list.matrix[1][2]         0.0000000000 
_pdbx_struct_oper_list.matrix[1][3]         0.0000000000 
_pdbx_struct_oper_list.vector[1]            0.0000000000 
_pdbx_struct_oper_list.matrix[2][1]         0.0000000000 
_pdbx_struct_oper_list.matrix[2][2]         1.0000000000 
_pdbx_struct_oper_list.matrix[2][3]         0.0000000000 
_pdbx_struct_oper_list.vector[2]            0.0000000000 
_pdbx_struct_oper_list.matrix[3][1]         0.0000000000 
_pdbx_struct_oper_list.matrix[3][2]         0.0000000000 
_pdbx_struct_oper_list.matrix[3][3]         1.0000000000 
_pdbx_struct_oper_list.vector[3]            0.0000000000 
# 
_struct_biol.id   1 
# 
_struct_conf.conf_type_id            HELX_P 
_struct_conf.id                      HELX_P1 
_struct_conf.pdbx_PDB_helix_id       1 
_struct_conf.beg_label_comp_id       TRP 
_struct_conf.beg_label_asym_id       A 
_struct_conf.beg_label_seq_id        57 
_struct_conf.pdbx_beg_PDB_ins_code   ? 
_struct_conf.end_label_comp_id       LYS 
_struct_conf.end_label_asym_id       A 
_struct_conf.end_label_seq_id        68 
_struct_conf.pdbx_end_PDB_ins_code   ? 
_struct_conf.beg_auth_comp_id        TRP 
_struct_conf.beg_auth_asym_id        A 
_struct_conf.beg_auth_seq_id         57 
_struct_conf.end_auth_comp_id        LYS 
_struct_conf.end_auth_asym_id        A 
_struct_conf.end_auth_seq_id         68 
_struct_conf.pdbx_PDB_helix_class    1 
_struct_conf.details                 ? 
_struct_conf.pdbx_PDB_helix_length   12 
# 
_struct_conf_type.id          HELX_P 
_struct_conf_type.criteria    ? 
_struct_conf_type.reference   ? 
# 
loop_
_struct_conn.id 
_struct_conn.conn_type_id 
_struct_conn.pdbx_leaving_atom_flag 
_struct_conn.pdbx_PDB_id 
_struct_conn.ptnr1_label_asym_id 
_struct_conn.ptnr1_label_comp_id 
_struct_conn.ptnr1_label_seq_id 
_struct_conn.ptnr1_label_atom_id 
_struct_conn.pdbx_ptnr1_label_alt_id 
_struct_conn.pdbx_ptnr1_PDB_ins_code 
_struct_conn.pdbx_ptnr1_standard_comp_id 
_struct_conn.ptnr1_symmetry 
_struct_conn.ptnr2_label_asym_id 
_struct_conn.ptnr2_label_comp_id 
_struct_conn.ptnr2_label_seq_id 
_struct_conn.ptnr2_label_atom_id 
_struct_conn.pdbx_ptnr2_label_alt_id 
_struct_conn.pdbx_ptnr2_PDB_ins_code 
_struct_conn.ptnr1_auth_asym_id 
_struct_conn.ptnr1_auth_comp_id 
_struct_conn.ptnr1_auth_seq_id 
_struct_conn.ptnr2_auth_asym_id 
_struct_conn.ptnr2_auth_comp_id 
_struct_conn.ptnr2_auth_seq_id 
_struct_conn.ptnr2_symmetry 
_struct_conn.pdbx_ptnr3_label_atom_id 
_struct_conn.pdbx_ptnr3_label_seq_id 
_struct_conn.pdbx_ptnr3_label_comp_id 
_struct_conn.pdbx_ptnr3_label_asym_id 
_struct_conn.pdbx_ptnr3_label_alt_id 
_struct_conn.pdbx_ptnr3_PDB_ins_code 
_struct_conn.details 
_struct_conn.pdbx_dist_value 
_struct_conn.pdbx_value_order 
_struct_conn.pdbx_role 
disulf1 disulf ? ? A CYS 9  SG ? ? ? 1_555 A CYS 34 SG ? ? A CYS 9  A CYS 34 1_555 ? ? ? ? ? ? ? 2.020 ? ? 
disulf2 disulf ? ? A CYS 10 SG ? ? ? 1_555 A CYS 50 SG ? ? A CYS 10 A CYS 50 1_555 ? ? ? ? ? ? ? 2.021 ? ? 
# 
_struct_conn_type.id          disulf 
_struct_conn_type.criteria    ? 
_struct_conn_type.reference   ? 
# 
loop_
_pdbx_modification_feature.ordinal 
_pdbx_modification_feature.label_comp_id 
_pdbx_modification_feature.label_asym_id 
_pdbx_modification_feature.label_seq_id 
_pdbx_modification_feature.label_alt_id 
_pdbx_modification_feature.modified_residue_label_comp_id 
_pdbx_modification_feature.modified_residue_label_asym_id 
_pdbx_modification_feature.modified_residue_label_seq_id 
_pdbx_modification_feature.modified_residue_label_alt_id 
_pdbx_modification_feature.auth_comp_id 
_pdbx_modification_feature.auth_asym_id 
_pdbx_modification_feature.auth_seq_id 
_pdbx_modification_feature.PDB_ins_code 
_pdbx_modification_feature.symmetry 
_pdbx_modification_feature.modified_residue_auth_comp_id 
_pdbx_modification_feature.modified_residue_auth_asym_id 
_pdbx_modification_feature.modified_residue_auth_seq_id 
_pdbx_modification_feature.modified_residue_PDB_ins_code 
_pdbx_modification_feature.modified_residue_symmetry 
_pdbx_modification_feature.comp_id_linking_atom 
_pdbx_modification_feature.modified_residue_id_linking_atom 
_pdbx_modification_feature.modified_residue_id 
_pdbx_modification_feature.ref_pcm_id 
_pdbx_modification_feature.ref_comp_id 
_pdbx_modification_feature.type 
_pdbx_modification_feature.category 
1 CYS A 9  ? CYS A 34 ? CYS A 9  ? 1_555 CYS A 34 ? 1_555 SG SG . . . None 'Disulfide bridge' 
2 CYS A 10 ? CYS A 50 ? CYS A 10 ? 1_555 CYS A 50 ? 1_555 SG SG . . . None 'Disulfide bridge' 
# 
_struct_sheet.id               A 
_struct_sheet.type             ? 
_struct_sheet.number_strands   3 
_struct_sheet.details          ? 
# 
loop_
_struct_sheet_order.sheet_id 
_struct_sheet_order.range_id_1 
_struct_sheet_order.range_id_2 
_struct_sheet_order.offset 
_struct_sheet_order.sense 
A 1 2 ? anti-parallel 
A 2 3 ? anti-parallel 
# 
loop_
_struct_sheet_range.sheet_id 
_struct_sheet_range.id 
_struct_sheet_range.beg_label_comp_id 
_struct_sheet_range.beg_label_asym_id 
_struct_sheet_range.beg_label_seq_id 
_struct_sheet_range.pdbx_beg_PDB_ins_code 
_struct_sheet_range.end_label_comp_id 
_struct_sheet_range.end_label_asym_id 
_struct_sheet_range.end_label_seq_id 
_struct_sheet_range.pdbx_end_PDB_ins_code 
_struct_sheet_range.beg_auth_comp_id 
_struct_sheet_range.beg_auth_asym_id 
_struct_sheet_range.beg_auth_seq_id 
_struct_sheet_range.end_auth_comp_id 
_struct_sheet_range.end_auth_asym_id 
_struct_sheet_range.end_auth_seq_id 
A 1 ASP A 48 ? ALA A 51 ? ASP A 48 ALA A 51 
A 2 ALA A 38 ? THR A 43 ? ALA A 38 THR A 43 
A 3 SER A 25 ? ILE A 29 ? SER A 25 ILE A 29 
# 
loop_
_pdbx_struct_sheet_hbond.sheet_id 
_pdbx_struct_sheet_hbond.range_id_1 
_pdbx_struct_sheet_hbond.range_id_2 
_pdbx_struct_sheet_hbond.range_1_label_atom_id 
_pdbx_struct_sheet_hbond.range_1_label_comp_id 
_pdbx_struct_sheet_hbond.range_1_label_asym_id 
_pdbx_struct_sheet_hbond.range_1_label_seq_id 
_pdbx_struct_sheet_hbond.range_1_PDB_ins_code 
_pdbx_struct_sheet_hbond.range_1_auth_atom_id 
_pdbx_struct_sheet_hbond.range_1_auth_comp_id 
_pdbx_struct_sheet_hbond.range_1_auth_asym_id 
_pdbx_struct_sheet_hbond.range_1_auth_seq_id 
_pdbx_struct_sheet_hbond.range_2_label_atom_id 
_pdbx_struct_sheet_hbond.range_2_label_comp_id 
_pdbx_struct_sheet_hbond.range_2_label_asym_id 
_pdbx_struct_sheet_hbond.range_2_label_seq_id 
_pdbx_struct_sheet_hbond.range_2_PDB_ins_code 
_pdbx_struct_sheet_hbond.range_2_auth_atom_id 
_pdbx_struct_sheet_hbond.range_2_auth_comp_id 
_pdbx_struct_sheet_hbond.range_2_auth_asym_id 
_pdbx_struct_sheet_hbond.range_2_auth_seq_id 
A 1 2 O ILE A 49 ? O ILE A 49 N PHE A 41 ? N PHE A 41 
A 2 3 O ALA A 38 ? O ALA A 38 N ILE A 29 ? N ILE A 29 
# 
_pdbx_entry_details.entry_id                   1EOT 
_pdbx_entry_details.compound_details           ? 
_pdbx_entry_details.source_details             ? 
_pdbx_entry_details.nonpolymer_details         ? 
_pdbx_entry_details.sequence_details           ? 
_pdbx_entry_details.has_ligand_of_interest     ? 
_pdbx_entry_details.has_protein_modification   Y 
# 
loop_
_pdbx_validate_torsion.id 
_pdbx_validate_torsion.PDB_model_num 
_pdbx_validate_torsion.auth_comp_id 
_pdbx_validate_torsion.auth_asym_id 
_pdbx_validate_torsion.auth_seq_id 
_pdbx_validate_torsion.PDB_ins_code 
_pdbx_validate_torsion.label_alt_id 
_pdbx_validate_torsion.phi 
_pdbx_validate_torsion.psi 
1 1 ALA A 3  ? ? -69.32  84.05   
2 1 SER A 4  ? ? 62.99   -80.04  
3 1 THR A 8  ? ? -139.11 -66.51  
4 1 SER A 25 ? ? -170.08 -175.29 
5 1 THR A 30 ? ? -164.18 31.73   
6 1 LYS A 44 ? ? -97.68  30.03   
7 1 SER A 69 ? ? -57.07  174.95  
8 1 LYS A 73 ? ? 51.53   164.76  
# 
_pdbx_nmr_ensemble.entry_id                             1EOT 
_pdbx_nmr_ensemble.conformers_calculated_total_number   40 
_pdbx_nmr_ensemble.conformers_submitted_total_number    1 
_pdbx_nmr_ensemble.conformer_selection_criteria         
'STRUCTURES WERE SELECTED WITH NO VIOLATIONS > 0.3 A OR DIHEDRAL ANGLES > 0.5 A AND GOOD COVALENT GEOMETRY.' 
# 
_pdbx_nmr_sample_details.solution_id   1 
_pdbx_nmr_sample_details.contents      '90% H2O/10% H2O OR 100% D2O. BUFFER ALSO CONTAINED 1MM DSS AND 1MM SODIUM AZIDE.' 
# 
_pdbx_nmr_exptl_sample_conditions.conditions_id       1 
_pdbx_nmr_exptl_sample_conditions.temperature         303 
_pdbx_nmr_exptl_sample_conditions.pressure            1 
_pdbx_nmr_exptl_sample_conditions.pH                  5.00 
_pdbx_nmr_exptl_sample_conditions.ionic_strength      '20mM SODIUM ACETATE' 
_pdbx_nmr_exptl_sample_conditions.pressure_units      atm 
_pdbx_nmr_exptl_sample_conditions.temperature_units   K 
# 
loop_
_pdbx_nmr_exptl.experiment_id 
_pdbx_nmr_exptl.conditions_id 
_pdbx_nmr_exptl.type 
_pdbx_nmr_exptl.solution_id 
1 1 DQF-COSY                1 
2 1 NOESY                   1 
3 1 TOCSY                   1 
4 1 RPESY                   1 
5 1 13C-HSQC                1 
6 1 '13C-EDITED HMQC-NOESY' 1 
7 1 '15N-NOESY HSQC'        1 
8 1 '15N TOCSY HSQC'        1 
# 
_pdbx_nmr_details.entry_id   1EOT 
_pdbx_nmr_details.text       
;RESONANCE ASSIGNMENTS WERE ACHIEVED USING STANDARD TWO- AND THREE-DIMENSIONAL SEQUENTIAL ASSIGNMENT TECHNIQUES. NMR RESTRAINTS WERE EXTRACTED FROM 50, 75 AND 150 MS NOESY EXPERIMENTS. COUPLING CONSTANTS WERE CALCULATED FROM AN HNHA EXPERIMENT WITH UNIFORMLY LABELLED EOTAXIN.
;
# 
_pdbx_nmr_refine.entry_id           1EOT 
_pdbx_nmr_refine.method             'simulated annealing' 
_pdbx_nmr_refine.details            
;STRUCTURES WERE REFINED WITH MULTIPLE ROUNDS OF SIMULATED ANNEALING WITH THE ADDITION OF NEW NOES AND CORRECTION OF UNAMBIGUOUS NOES. PHI ANGLES WERE ONLY ADDED WHEN THEY AGREED WITH THE PURELY NOE DRIVEN CONVERGENCE OF THAT ANGLE IN INITIAL STRUCTURE CALCULATIONS. OTHER REFINEMENT INFORMATION CAN BE FOUND IN THE JRNL CITATION ABOVE.
;
_pdbx_nmr_refine.software_ordinal   1 
# 
loop_
_pdbx_nmr_software.classification 
_pdbx_nmr_software.name 
_pdbx_nmr_software.version 
_pdbx_nmr_software.authors 
_pdbx_nmr_software.ordinal 
refinement           X-PLOR  3.1 BRUNGER 1 
'structure solution' VNMR    ?   ?       2 
'structure solution' X-PLOR  ?   ?       3 
'structure solution' NMRPipe ?   ?       4 
# 
loop_
_chem_comp_atom.comp_id 
_chem_comp_atom.atom_id 
_chem_comp_atom.type_symbol 
_chem_comp_atom.pdbx_aromatic_flag 
_chem_comp_atom.pdbx_stereo_config 
_chem_comp_atom.pdbx_ordinal 
ALA N    N N N 1   
ALA CA   C N S 2   
ALA C    C N N 3   
ALA O    O N N 4   
ALA CB   C N N 5   
ALA OXT  O N N 6   
ALA H    H N N 7   
ALA H2   H N N 8   
ALA HA   H N N 9   
ALA HB1  H N N 10  
ALA HB2  H N N 11  
ALA HB3  H N N 12  
ALA HXT  H N N 13  
ARG N    N N N 14  
ARG CA   C N S 15  
ARG C    C N N 16  
ARG O    O N N 17  
ARG CB   C N N 18  
ARG CG   C N N 19  
ARG CD   C N N 20  
ARG NE   N N N 21  
ARG CZ   C N N 22  
ARG NH1  N N N 23  
ARG NH2  N N N 24  
ARG OXT  O N N 25  
ARG H    H N N 26  
ARG H2   H N N 27  
ARG HA   H N N 28  
ARG HB2  H N N 29  
ARG HB3  H N N 30  
ARG HG2  H N N 31  
ARG HG3  H N N 32  
ARG HD2  H N N 33  
ARG HD3  H N N 34  
ARG HE   H N N 35  
ARG HH11 H N N 36  
ARG HH12 H N N 37  
ARG HH21 H N N 38  
ARG HH22 H N N 39  
ARG HXT  H N N 40  
ASN N    N N N 41  
ASN CA   C N S 42  
ASN C    C N N 43  
ASN O    O N N 44  
ASN CB   C N N 45  
ASN CG   C N N 46  
ASN OD1  O N N 47  
ASN ND2  N N N 48  
ASN OXT  O N N 49  
ASN H    H N N 50  
ASN H2   H N N 51  
ASN HA   H N N 52  
ASN HB2  H N N 53  
ASN HB3  H N N 54  
ASN HD21 H N N 55  
ASN HD22 H N N 56  
ASN HXT  H N N 57  
ASP N    N N N 58  
ASP CA   C N S 59  
ASP C    C N N 60  
ASP O    O N N 61  
ASP CB   C N N 62  
ASP CG   C N N 63  
ASP OD1  O N N 64  
ASP OD2  O N N 65  
ASP OXT  O N N 66  
ASP H    H N N 67  
ASP H2   H N N 68  
ASP HA   H N N 69  
ASP HB2  H N N 70  
ASP HB3  H N N 71  
ASP HD2  H N N 72  
ASP HXT  H N N 73  
CYS N    N N N 74  
CYS CA   C N R 75  
CYS C    C N N 76  
CYS O    O N N 77  
CYS CB   C N N 78  
CYS SG   S N N 79  
CYS OXT  O N N 80  
CYS H    H N N 81  
CYS H2   H N N 82  
CYS HA   H N N 83  
CYS HB2  H N N 84  
CYS HB3  H N N 85  
CYS HG   H N N 86  
CYS HXT  H N N 87  
GLN N    N N N 88  
GLN CA   C N S 89  
GLN C    C N N 90  
GLN O    O N N 91  
GLN CB   C N N 92  
GLN CG   C N N 93  
GLN CD   C N N 94  
GLN OE1  O N N 95  
GLN NE2  N N N 96  
GLN OXT  O N N 97  
GLN H    H N N 98  
GLN H2   H N N 99  
GLN HA   H N N 100 
GLN HB2  H N N 101 
GLN HB3  H N N 102 
GLN HG2  H N N 103 
GLN HG3  H N N 104 
GLN HE21 H N N 105 
GLN HE22 H N N 106 
GLN HXT  H N N 107 
GLU N    N N N 108 
GLU CA   C N S 109 
GLU C    C N N 110 
GLU O    O N N 111 
GLU CB   C N N 112 
GLU CG   C N N 113 
GLU CD   C N N 114 
GLU OE1  O N N 115 
GLU OE2  O N N 116 
GLU OXT  O N N 117 
GLU H    H N N 118 
GLU H2   H N N 119 
GLU HA   H N N 120 
GLU HB2  H N N 121 
GLU HB3  H N N 122 
GLU HG2  H N N 123 
GLU HG3  H N N 124 
GLU HE2  H N N 125 
GLU HXT  H N N 126 
GLY N    N N N 127 
GLY CA   C N N 128 
GLY C    C N N 129 
GLY O    O N N 130 
GLY OXT  O N N 131 
GLY H    H N N 132 
GLY H2   H N N 133 
GLY HA2  H N N 134 
GLY HA3  H N N 135 
GLY HXT  H N N 136 
ILE N    N N N 137 
ILE CA   C N S 138 
ILE C    C N N 139 
ILE O    O N N 140 
ILE CB   C N S 141 
ILE CG1  C N N 142 
ILE CG2  C N N 143 
ILE CD1  C N N 144 
ILE OXT  O N N 145 
ILE H    H N N 146 
ILE H2   H N N 147 
ILE HA   H N N 148 
ILE HB   H N N 149 
ILE HG12 H N N 150 
ILE HG13 H N N 151 
ILE HG21 H N N 152 
ILE HG22 H N N 153 
ILE HG23 H N N 154 
ILE HD11 H N N 155 
ILE HD12 H N N 156 
ILE HD13 H N N 157 
ILE HXT  H N N 158 
LEU N    N N N 159 
LEU CA   C N S 160 
LEU C    C N N 161 
LEU O    O N N 162 
LEU CB   C N N 163 
LEU CG   C N N 164 
LEU CD1  C N N 165 
LEU CD2  C N N 166 
LEU OXT  O N N 167 
LEU H    H N N 168 
LEU H2   H N N 169 
LEU HA   H N N 170 
LEU HB2  H N N 171 
LEU HB3  H N N 172 
LEU HG   H N N 173 
LEU HD11 H N N 174 
LEU HD12 H N N 175 
LEU HD13 H N N 176 
LEU HD21 H N N 177 
LEU HD22 H N N 178 
LEU HD23 H N N 179 
LEU HXT  H N N 180 
LYS N    N N N 181 
LYS CA   C N S 182 
LYS C    C N N 183 
LYS O    O N N 184 
LYS CB   C N N 185 
LYS CG   C N N 186 
LYS CD   C N N 187 
LYS CE   C N N 188 
LYS NZ   N N N 189 
LYS OXT  O N N 190 
LYS H    H N N 191 
LYS H2   H N N 192 
LYS HA   H N N 193 
LYS HB2  H N N 194 
LYS HB3  H N N 195 
LYS HG2  H N N 196 
LYS HG3  H N N 197 
LYS HD2  H N N 198 
LYS HD3  H N N 199 
LYS HE2  H N N 200 
LYS HE3  H N N 201 
LYS HZ1  H N N 202 
LYS HZ2  H N N 203 
LYS HZ3  H N N 204 
LYS HXT  H N N 205 
MET N    N N N 206 
MET CA   C N S 207 
MET C    C N N 208 
MET O    O N N 209 
MET CB   C N N 210 
MET CG   C N N 211 
MET SD   S N N 212 
MET CE   C N N 213 
MET OXT  O N N 214 
MET H    H N N 215 
MET H2   H N N 216 
MET HA   H N N 217 
MET HB2  H N N 218 
MET HB3  H N N 219 
MET HG2  H N N 220 
MET HG3  H N N 221 
MET HE1  H N N 222 
MET HE2  H N N 223 
MET HE3  H N N 224 
MET HXT  H N N 225 
PHE N    N N N 226 
PHE CA   C N S 227 
PHE C    C N N 228 
PHE O    O N N 229 
PHE CB   C N N 230 
PHE CG   C Y N 231 
PHE CD1  C Y N 232 
PHE CD2  C Y N 233 
PHE CE1  C Y N 234 
PHE CE2  C Y N 235 
PHE CZ   C Y N 236 
PHE OXT  O N N 237 
PHE H    H N N 238 
PHE H2   H N N 239 
PHE HA   H N N 240 
PHE HB2  H N N 241 
PHE HB3  H N N 242 
PHE HD1  H N N 243 
PHE HD2  H N N 244 
PHE HE1  H N N 245 
PHE HE2  H N N 246 
PHE HZ   H N N 247 
PHE HXT  H N N 248 
PRO N    N N N 249 
PRO CA   C N S 250 
PRO C    C N N 251 
PRO O    O N N 252 
PRO CB   C N N 253 
PRO CG   C N N 254 
PRO CD   C N N 255 
PRO OXT  O N N 256 
PRO H    H N N 257 
PRO HA   H N N 258 
PRO HB2  H N N 259 
PRO HB3  H N N 260 
PRO HG2  H N N 261 
PRO HG3  H N N 262 
PRO HD2  H N N 263 
PRO HD3  H N N 264 
PRO HXT  H N N 265 
SER N    N N N 266 
SER CA   C N S 267 
SER C    C N N 268 
SER O    O N N 269 
SER CB   C N N 270 
SER OG   O N N 271 
SER OXT  O N N 272 
SER H    H N N 273 
SER H2   H N N 274 
SER HA   H N N 275 
SER HB2  H N N 276 
SER HB3  H N N 277 
SER HG   H N N 278 
SER HXT  H N N 279 
THR N    N N N 280 
THR CA   C N S 281 
THR C    C N N 282 
THR O    O N N 283 
THR CB   C N R 284 
THR OG1  O N N 285 
THR CG2  C N N 286 
THR OXT  O N N 287 
THR H    H N N 288 
THR H2   H N N 289 
THR HA   H N N 290 
THR HB   H N N 291 
THR HG1  H N N 292 
THR HG21 H N N 293 
THR HG22 H N N 294 
THR HG23 H N N 295 
THR HXT  H N N 296 
TRP N    N N N 297 
TRP CA   C N S 298 
TRP C    C N N 299 
TRP O    O N N 300 
TRP CB   C N N 301 
TRP CG   C Y N 302 
TRP CD1  C Y N 303 
TRP CD2  C Y N 304 
TRP NE1  N Y N 305 
TRP CE2  C Y N 306 
TRP CE3  C Y N 307 
TRP CZ2  C Y N 308 
TRP CZ3  C Y N 309 
TRP CH2  C Y N 310 
TRP OXT  O N N 311 
TRP H    H N N 312 
TRP H2   H N N 313 
TRP HA   H N N 314 
TRP HB2  H N N 315 
TRP HB3  H N N 316 
TRP HD1  H N N 317 
TRP HE1  H N N 318 
TRP HE3  H N N 319 
TRP HZ2  H N N 320 
TRP HZ3  H N N 321 
TRP HH2  H N N 322 
TRP HXT  H N N 323 
TYR N    N N N 324 
TYR CA   C N S 325 
TYR C    C N N 326 
TYR O    O N N 327 
TYR CB   C N N 328 
TYR CG   C Y N 329 
TYR CD1  C Y N 330 
TYR CD2  C Y N 331 
TYR CE1  C Y N 332 
TYR CE2  C Y N 333 
TYR CZ   C Y N 334 
TYR OH   O N N 335 
TYR OXT  O N N 336 
TYR H    H N N 337 
TYR H2   H N N 338 
TYR HA   H N N 339 
TYR HB2  H N N 340 
TYR HB3  H N N 341 
TYR HD1  H N N 342 
TYR HD2  H N N 343 
TYR HE1  H N N 344 
TYR HE2  H N N 345 
TYR HH   H N N 346 
TYR HXT  H N N 347 
VAL N    N N N 348 
VAL CA   C N S 349 
VAL C    C N N 350 
VAL O    O N N 351 
VAL CB   C N N 352 
VAL CG1  C N N 353 
VAL CG2  C N N 354 
VAL OXT  O N N 355 
VAL H    H N N 356 
VAL H2   H N N 357 
VAL HA   H N N 358 
VAL HB   H N N 359 
VAL HG11 H N N 360 
VAL HG12 H N N 361 
VAL HG13 H N N 362 
VAL HG21 H N N 363 
VAL HG22 H N N 364 
VAL HG23 H N N 365 
VAL HXT  H N N 366 
# 
loop_
_chem_comp_bond.comp_id 
_chem_comp_bond.atom_id_1 
_chem_comp_bond.atom_id_2 
_chem_comp_bond.value_order 
_chem_comp_bond.pdbx_aromatic_flag 
_chem_comp_bond.pdbx_stereo_config 
_chem_comp_bond.pdbx_ordinal 
ALA N   CA   sing N N 1   
ALA N   H    sing N N 2   
ALA N   H2   sing N N 3   
ALA CA  C    sing N N 4   
ALA CA  CB   sing N N 5   
ALA CA  HA   sing N N 6   
ALA C   O    doub N N 7   
ALA C   OXT  sing N N 8   
ALA CB  HB1  sing N N 9   
ALA CB  HB2  sing N N 10  
ALA CB  HB3  sing N N 11  
ALA OXT HXT  sing N N 12  
ARG N   CA   sing N N 13  
ARG N   H    sing N N 14  
ARG N   H2   sing N N 15  
ARG CA  C    sing N N 16  
ARG CA  CB   sing N N 17  
ARG CA  HA   sing N N 18  
ARG C   O    doub N N 19  
ARG C   OXT  sing N N 20  
ARG CB  CG   sing N N 21  
ARG CB  HB2  sing N N 22  
ARG CB  HB3  sing N N 23  
ARG CG  CD   sing N N 24  
ARG CG  HG2  sing N N 25  
ARG CG  HG3  sing N N 26  
ARG CD  NE   sing N N 27  
ARG CD  HD2  sing N N 28  
ARG CD  HD3  sing N N 29  
ARG NE  CZ   sing N N 30  
ARG NE  HE   sing N N 31  
ARG CZ  NH1  sing N N 32  
ARG CZ  NH2  doub N N 33  
ARG NH1 HH11 sing N N 34  
ARG NH1 HH12 sing N N 35  
ARG NH2 HH21 sing N N 36  
ARG NH2 HH22 sing N N 37  
ARG OXT HXT  sing N N 38  
ASN N   CA   sing N N 39  
ASN N   H    sing N N 40  
ASN N   H2   sing N N 41  
ASN CA  C    sing N N 42  
ASN CA  CB   sing N N 43  
ASN CA  HA   sing N N 44  
ASN C   O    doub N N 45  
ASN C   OXT  sing N N 46  
ASN CB  CG   sing N N 47  
ASN CB  HB2  sing N N 48  
ASN CB  HB3  sing N N 49  
ASN CG  OD1  doub N N 50  
ASN CG  ND2  sing N N 51  
ASN ND2 HD21 sing N N 52  
ASN ND2 HD22 sing N N 53  
ASN OXT HXT  sing N N 54  
ASP N   CA   sing N N 55  
ASP N   H    sing N N 56  
ASP N   H2   sing N N 57  
ASP CA  C    sing N N 58  
ASP CA  CB   sing N N 59  
ASP CA  HA   sing N N 60  
ASP C   O    doub N N 61  
ASP C   OXT  sing N N 62  
ASP CB  CG   sing N N 63  
ASP CB  HB2  sing N N 64  
ASP CB  HB3  sing N N 65  
ASP CG  OD1  doub N N 66  
ASP CG  OD2  sing N N 67  
ASP OD2 HD2  sing N N 68  
ASP OXT HXT  sing N N 69  
CYS N   CA   sing N N 70  
CYS N   H    sing N N 71  
CYS N   H2   sing N N 72  
CYS CA  C    sing N N 73  
CYS CA  CB   sing N N 74  
CYS CA  HA   sing N N 75  
CYS C   O    doub N N 76  
CYS C   OXT  sing N N 77  
CYS CB  SG   sing N N 78  
CYS CB  HB2  sing N N 79  
CYS CB  HB3  sing N N 80  
CYS SG  HG   sing N N 81  
CYS OXT HXT  sing N N 82  
GLN N   CA   sing N N 83  
GLN N   H    sing N N 84  
GLN N   H2   sing N N 85  
GLN CA  C    sing N N 86  
GLN CA  CB   sing N N 87  
GLN CA  HA   sing N N 88  
GLN C   O    doub N N 89  
GLN C   OXT  sing N N 90  
GLN CB  CG   sing N N 91  
GLN CB  HB2  sing N N 92  
GLN CB  HB3  sing N N 93  
GLN CG  CD   sing N N 94  
GLN CG  HG2  sing N N 95  
GLN CG  HG3  sing N N 96  
GLN CD  OE1  doub N N 97  
GLN CD  NE2  sing N N 98  
GLN NE2 HE21 sing N N 99  
GLN NE2 HE22 sing N N 100 
GLN OXT HXT  sing N N 101 
GLU N   CA   sing N N 102 
GLU N   H    sing N N 103 
GLU N   H2   sing N N 104 
GLU CA  C    sing N N 105 
GLU CA  CB   sing N N 106 
GLU CA  HA   sing N N 107 
GLU C   O    doub N N 108 
GLU C   OXT  sing N N 109 
GLU CB  CG   sing N N 110 
GLU CB  HB2  sing N N 111 
GLU CB  HB3  sing N N 112 
GLU CG  CD   sing N N 113 
GLU CG  HG2  sing N N 114 
GLU CG  HG3  sing N N 115 
GLU CD  OE1  doub N N 116 
GLU CD  OE2  sing N N 117 
GLU OE2 HE2  sing N N 118 
GLU OXT HXT  sing N N 119 
GLY N   CA   sing N N 120 
GLY N   H    sing N N 121 
GLY N   H2   sing N N 122 
GLY CA  C    sing N N 123 
GLY CA  HA2  sing N N 124 
GLY CA  HA3  sing N N 125 
GLY C   O    doub N N 126 
GLY C   OXT  sing N N 127 
GLY OXT HXT  sing N N 128 
ILE N   CA   sing N N 129 
ILE N   H    sing N N 130 
ILE N   H2   sing N N 131 
ILE CA  C    sing N N 132 
ILE CA  CB   sing N N 133 
ILE CA  HA   sing N N 134 
ILE C   O    doub N N 135 
ILE C   OXT  sing N N 136 
ILE CB  CG1  sing N N 137 
ILE CB  CG2  sing N N 138 
ILE CB  HB   sing N N 139 
ILE CG1 CD1  sing N N 140 
ILE CG1 HG12 sing N N 141 
ILE CG1 HG13 sing N N 142 
ILE CG2 HG21 sing N N 143 
ILE CG2 HG22 sing N N 144 
ILE CG2 HG23 sing N N 145 
ILE CD1 HD11 sing N N 146 
ILE CD1 HD12 sing N N 147 
ILE CD1 HD13 sing N N 148 
ILE OXT HXT  sing N N 149 
LEU N   CA   sing N N 150 
LEU N   H    sing N N 151 
LEU N   H2   sing N N 152 
LEU CA  C    sing N N 153 
LEU CA  CB   sing N N 154 
LEU CA  HA   sing N N 155 
LEU C   O    doub N N 156 
LEU C   OXT  sing N N 157 
LEU CB  CG   sing N N 158 
LEU CB  HB2  sing N N 159 
LEU CB  HB3  sing N N 160 
LEU CG  CD1  sing N N 161 
LEU CG  CD2  sing N N 162 
LEU CG  HG   sing N N 163 
LEU CD1 HD11 sing N N 164 
LEU CD1 HD12 sing N N 165 
LEU CD1 HD13 sing N N 166 
LEU CD2 HD21 sing N N 167 
LEU CD2 HD22 sing N N 168 
LEU CD2 HD23 sing N N 169 
LEU OXT HXT  sing N N 170 
LYS N   CA   sing N N 171 
LYS N   H    sing N N 172 
LYS N   H2   sing N N 173 
LYS CA  C    sing N N 174 
LYS CA  CB   sing N N 175 
LYS CA  HA   sing N N 176 
LYS C   O    doub N N 177 
LYS C   OXT  sing N N 178 
LYS CB  CG   sing N N 179 
LYS CB  HB2  sing N N 180 
LYS CB  HB3  sing N N 181 
LYS CG  CD   sing N N 182 
LYS CG  HG2  sing N N 183 
LYS CG  HG3  sing N N 184 
LYS CD  CE   sing N N 185 
LYS CD  HD2  sing N N 186 
LYS CD  HD3  sing N N 187 
LYS CE  NZ   sing N N 188 
LYS CE  HE2  sing N N 189 
LYS CE  HE3  sing N N 190 
LYS NZ  HZ1  sing N N 191 
LYS NZ  HZ2  sing N N 192 
LYS NZ  HZ3  sing N N 193 
LYS OXT HXT  sing N N 194 
MET N   CA   sing N N 195 
MET N   H    sing N N 196 
MET N   H2   sing N N 197 
MET CA  C    sing N N 198 
MET CA  CB   sing N N 199 
MET CA  HA   sing N N 200 
MET C   O    doub N N 201 
MET C   OXT  sing N N 202 
MET CB  CG   sing N N 203 
MET CB  HB2  sing N N 204 
MET CB  HB3  sing N N 205 
MET CG  SD   sing N N 206 
MET CG  HG2  sing N N 207 
MET CG  HG3  sing N N 208 
MET SD  CE   sing N N 209 
MET CE  HE1  sing N N 210 
MET CE  HE2  sing N N 211 
MET CE  HE3  sing N N 212 
MET OXT HXT  sing N N 213 
PHE N   CA   sing N N 214 
PHE N   H    sing N N 215 
PHE N   H2   sing N N 216 
PHE CA  C    sing N N 217 
PHE CA  CB   sing N N 218 
PHE CA  HA   sing N N 219 
PHE C   O    doub N N 220 
PHE C   OXT  sing N N 221 
PHE CB  CG   sing N N 222 
PHE CB  HB2  sing N N 223 
PHE CB  HB3  sing N N 224 
PHE CG  CD1  doub Y N 225 
PHE CG  CD2  sing Y N 226 
PHE CD1 CE1  sing Y N 227 
PHE CD1 HD1  sing N N 228 
PHE CD2 CE2  doub Y N 229 
PHE CD2 HD2  sing N N 230 
PHE CE1 CZ   doub Y N 231 
PHE CE1 HE1  sing N N 232 
PHE CE2 CZ   sing Y N 233 
PHE CE2 HE2  sing N N 234 
PHE CZ  HZ   sing N N 235 
PHE OXT HXT  sing N N 236 
PRO N   CA   sing N N 237 
PRO N   CD   sing N N 238 
PRO N   H    sing N N 239 
PRO CA  C    sing N N 240 
PRO CA  CB   sing N N 241 
PRO CA  HA   sing N N 242 
PRO C   O    doub N N 243 
PRO C   OXT  sing N N 244 
PRO CB  CG   sing N N 245 
PRO CB  HB2  sing N N 246 
PRO CB  HB3  sing N N 247 
PRO CG  CD   sing N N 248 
PRO CG  HG2  sing N N 249 
PRO CG  HG3  sing N N 250 
PRO CD  HD2  sing N N 251 
PRO CD  HD3  sing N N 252 
PRO OXT HXT  sing N N 253 
SER N   CA   sing N N 254 
SER N   H    sing N N 255 
SER N   H2   sing N N 256 
SER CA  C    sing N N 257 
SER CA  CB   sing N N 258 
SER CA  HA   sing N N 259 
SER C   O    doub N N 260 
SER C   OXT  sing N N 261 
SER CB  OG   sing N N 262 
SER CB  HB2  sing N N 263 
SER CB  HB3  sing N N 264 
SER OG  HG   sing N N 265 
SER OXT HXT  sing N N 266 
THR N   CA   sing N N 267 
THR N   H    sing N N 268 
THR N   H2   sing N N 269 
THR CA  C    sing N N 270 
THR CA  CB   sing N N 271 
THR CA  HA   sing N N 272 
THR C   O    doub N N 273 
THR C   OXT  sing N N 274 
THR CB  OG1  sing N N 275 
THR CB  CG2  sing N N 276 
THR CB  HB   sing N N 277 
THR OG1 HG1  sing N N 278 
THR CG2 HG21 sing N N 279 
THR CG2 HG22 sing N N 280 
THR CG2 HG23 sing N N 281 
THR OXT HXT  sing N N 282 
TRP N   CA   sing N N 283 
TRP N   H    sing N N 284 
TRP N   H2   sing N N 285 
TRP CA  C    sing N N 286 
TRP CA  CB   sing N N 287 
TRP CA  HA   sing N N 288 
TRP C   O    doub N N 289 
TRP C   OXT  sing N N 290 
TRP CB  CG   sing N N 291 
TRP CB  HB2  sing N N 292 
TRP CB  HB3  sing N N 293 
TRP CG  CD1  doub Y N 294 
TRP CG  CD2  sing Y N 295 
TRP CD1 NE1  sing Y N 296 
TRP CD1 HD1  sing N N 297 
TRP CD2 CE2  doub Y N 298 
TRP CD2 CE3  sing Y N 299 
TRP NE1 CE2  sing Y N 300 
TRP NE1 HE1  sing N N 301 
TRP CE2 CZ2  sing Y N 302 
TRP CE3 CZ3  doub Y N 303 
TRP CE3 HE3  sing N N 304 
TRP CZ2 CH2  doub Y N 305 
TRP CZ2 HZ2  sing N N 306 
TRP CZ3 CH2  sing Y N 307 
TRP CZ3 HZ3  sing N N 308 
TRP CH2 HH2  sing N N 309 
TRP OXT HXT  sing N N 310 
TYR N   CA   sing N N 311 
TYR N   H    sing N N 312 
TYR N   H2   sing N N 313 
TYR CA  C    sing N N 314 
TYR CA  CB   sing N N 315 
TYR CA  HA   sing N N 316 
TYR C   O    doub N N 317 
TYR C   OXT  sing N N 318 
TYR CB  CG   sing N N 319 
TYR CB  HB2  sing N N 320 
TYR CB  HB3  sing N N 321 
TYR CG  CD1  doub Y N 322 
TYR CG  CD2  sing Y N 323 
TYR CD1 CE1  sing Y N 324 
TYR CD1 HD1  sing N N 325 
TYR CD2 CE2  doub Y N 326 
TYR CD2 HD2  sing N N 327 
TYR CE1 CZ   doub Y N 328 
TYR CE1 HE1  sing N N 329 
TYR CE2 CZ   sing Y N 330 
TYR CE2 HE2  sing N N 331 
TYR CZ  OH   sing N N 332 
TYR OH  HH   sing N N 333 
TYR OXT HXT  sing N N 334 
VAL N   CA   sing N N 335 
VAL N   H    sing N N 336 
VAL N   H2   sing N N 337 
VAL CA  C    sing N N 338 
VAL CA  CB   sing N N 339 
VAL CA  HA   sing N N 340 
VAL C   O    doub N N 341 
VAL C   OXT  sing N N 342 
VAL CB  CG1  sing N N 343 
VAL CB  CG2  sing N N 344 
VAL CB  HB   sing N N 345 
VAL CG1 HG11 sing N N 346 
VAL CG1 HG12 sing N N 347 
VAL CG1 HG13 sing N N 348 
VAL CG2 HG21 sing N N 349 
VAL CG2 HG22 sing N N 350 
VAL CG2 HG23 sing N N 351 
VAL OXT HXT  sing N N 352 
# 
loop_
_pdbx_nmr_spectrometer.spectrometer_id 
_pdbx_nmr_spectrometer.model 
_pdbx_nmr_spectrometer.manufacturer 
_pdbx_nmr_spectrometer.field_strength 
1 'UNITY 600' Varian 500 
2 'INOVA 500' Varian 600 
# 
_atom_sites.entry_id                    1EOT 
_atom_sites.fract_transf_matrix[1][1]   1.000000 
_atom_sites.fract_transf_matrix[1][2]   0.000000 
_atom_sites.fract_transf_matrix[1][3]   0.000000 
_atom_sites.fract_transf_matrix[2][1]   0.000000 
_atom_sites.fract_transf_matrix[2][2]   1.000000 
_atom_sites.fract_transf_matrix[2][3]   0.000000 
_atom_sites.fract_transf_matrix[3][1]   0.000000 
_atom_sites.fract_transf_matrix[3][2]   0.000000 
_atom_sites.fract_transf_matrix[3][3]   1.000000 
_atom_sites.fract_transf_vector[1]      0.00000 
_atom_sites.fract_transf_vector[2]      0.00000 
_atom_sites.fract_transf_vector[3]      0.00000 
# 
loop_
_atom_type.symbol 
C 
H 
N 
O 
S 
# 
loop_
_atom_site.group_PDB 
_atom_site.id 
_atom_site.type_symbol 
_atom_site.label_atom_id 
_atom_site.label_alt_id 
_atom_site.label_comp_id 
_atom_site.label_asym_id 
_atom_site.label_entity_id 
_atom_site.label_seq_id 
_atom_site.pdbx_PDB_ins_code 
_atom_site.Cartn_x 
_atom_site.Cartn_y 
_atom_site.Cartn_z 
_atom_site.occupancy 
_atom_site.B_iso_or_equiv 
_atom_site.pdbx_formal_charge 
_atom_site.auth_seq_id 
_atom_site.auth_comp_id 
_atom_site.auth_asym_id 
_atom_site.auth_atom_id 
_atom_site.pdbx_PDB_model_num 
ATOM 1    N N    . GLY A 1 1  ? 18.182  -7.513  17.781  1.00 13.37 ? 1  GLY A N    1 
ATOM 2    C CA   . GLY A 1 1  ? 18.041  -6.259  16.987  1.00 13.20 ? 1  GLY A CA   1 
ATOM 3    C C    . GLY A 1 1  ? 17.478  -6.589  15.602  1.00 12.51 ? 1  GLY A C    1 
ATOM 4    O O    . GLY A 1 1  ? 17.702  -7.683  15.085  1.00 12.38 ? 1  GLY A O    1 
ATOM 5    H H1   . GLY A 1 1  ? 18.805  -8.175  17.276  1.00 13.36 ? 1  GLY A H1   1 
ATOM 6    H H2   . GLY A 1 1  ? 18.593  -7.290  18.711  1.00 13.61 ? 1  GLY A H2   1 
ATOM 7    H H3   . GLY A 1 1  ? 17.247  -7.949  17.910  1.00 13.43 ? 1  GLY A H3   1 
ATOM 8    H HA2  . GLY A 1 1  ? 17.369  -5.583  17.500  1.00 13.74 ? 1  GLY A HA2  1 
ATOM 9    H HA3  . GLY A 1 1  ? 19.007  -5.791  16.878  1.00 13.21 ? 1  GLY A HA3  1 
ATOM 10   N N    . PRO A 1 2  ? 16.740  -5.653  14.980  1.00 12.25 ? 2  PRO A N    1 
ATOM 11   C CA   . PRO A 1 2  ? 16.158  -5.880  13.646  1.00 11.80 ? 2  PRO A CA   1 
ATOM 12   C C    . PRO A 1 2  ? 17.158  -5.631  12.518  1.00 11.04 ? 2  PRO A C    1 
ATOM 13   O O    . PRO A 1 2  ? 18.083  -4.831  12.655  1.00 11.15 ? 2  PRO A O    1 
ATOM 14   C CB   . PRO A 1 2  ? 15.030  -4.856  13.604  1.00 12.16 ? 2  PRO A CB   1 
ATOM 15   C CG   . PRO A 1 2  ? 15.392  -3.751  14.590  1.00 12.52 ? 2  PRO A CG   1 
ATOM 16   C CD   . PRO A 1 2  ? 16.438  -4.320  15.554  1.00 12.63 ? 2  PRO A CD   1 
ATOM 17   H HA   . PRO A 1 2  ? 15.746  -6.874  13.575  1.00 12.03 ? 2  PRO A HA   1 
ATOM 18   H HB2  . PRO A 1 2  ? 14.940  -4.449  12.606  1.00 11.82 ? 2  PRO A HB2  1 
ATOM 19   H HB3  . PRO A 1 2  ? 14.101  -5.318  13.901  1.00 12.69 ? 2  PRO A HB3  1 
ATOM 20   H HG2  . PRO A 1 2  ? 15.802  -2.904  14.057  1.00 12.23 ? 2  PRO A HG2  1 
ATOM 21   H HG3  . PRO A 1 2  ? 14.516  -3.450  15.143  1.00 13.16 ? 2  PRO A HG3  1 
ATOM 22   H HD2  . PRO A 1 2  ? 17.323  -3.697  15.567  1.00 12.47 ? 2  PRO A HD2  1 
ATOM 23   H HD3  . PRO A 1 2  ? 16.028  -4.425  16.546  1.00 13.32 ? 2  PRO A HD3  1 
ATOM 24   N N    . ALA A 1 3  ? 16.959  -6.327  11.402  1.00 10.47 ? 3  ALA A N    1 
ATOM 25   C CA   . ALA A 1 3  ? 17.847  -6.176  10.253  1.00 9.93  ? 3  ALA A CA   1 
ATOM 26   C C    . ALA A 1 3  ? 17.666  -4.800  9.618   1.00 9.11  ? 3  ALA A C    1 
ATOM 27   O O    . ALA A 1 3  ? 16.920  -4.642  8.651   1.00 9.11  ? 3  ALA A O    1 
ATOM 28   C CB   . ALA A 1 3  ? 17.557  -7.252  9.206   1.00 10.06 ? 3  ALA A CB   1 
ATOM 29   H H    . ALA A 1 3  ? 16.204  -6.950  11.350  1.00 10.57 ? 3  ALA A H    1 
ATOM 30   H HA   . ALA A 1 3  ? 18.870  -6.276  10.584  1.00 10.27 ? 3  ALA A HA   1 
ATOM 31   H HB1  . ALA A 1 3  ? 17.692  -8.229  9.647   1.00 10.11 ? 3  ALA A HB1  1 
ATOM 32   H HB2  . ALA A 1 3  ? 16.540  -7.152  8.858   1.00 10.09 ? 3  ALA A HB2  1 
ATOM 33   H HB3  . ALA A 1 3  ? 18.235  -7.137  8.373   1.00 10.32 ? 3  ALA A HB3  1 
ATOM 34   N N    . SER A 1 4  ? 18.359  -3.810  10.177  1.00 8.67  ? 4  SER A N    1 
ATOM 35   C CA   . SER A 1 4  ? 18.282  -2.439  9.673   1.00 8.12  ? 4  SER A CA   1 
ATOM 36   C C    . SER A 1 4  ? 16.862  -1.886  9.817   1.00 7.36  ? 4  SER A C    1 
ATOM 37   O O    . SER A 1 4  ? 16.569  -1.139  10.752  1.00 7.45  ? 4  SER A O    1 
ATOM 38   C CB   . SER A 1 4  ? 18.715  -2.373  8.204   1.00 8.66  ? 4  SER A CB   1 
ATOM 39   O OG   . SER A 1 4  ? 18.450  -1.072  7.694   1.00 9.12  ? 4  SER A OG   1 
ATOM 40   H H    . SER A 1 4  ? 18.935  -4.005  10.946  1.00 8.90  ? 4  SER A H    1 
ATOM 41   H HA   . SER A 1 4  ? 18.951  -1.822  10.255  1.00 8.16  ? 4  SER A HA   1 
ATOM 42   H HB2  . SER A 1 4  ? 19.770  -2.574  8.128   1.00 8.82  ? 4  SER A HB2  1 
ATOM 43   H HB3  . SER A 1 4  ? 18.170  -3.112  7.633   1.00 8.83  ? 4  SER A HB3  1 
ATOM 44   H HG   . SER A 1 4  ? 18.297  -1.149  6.750   1.00 9.39  ? 4  SER A HG   1 
ATOM 45   N N    . VAL A 1 5  ? 15.983  -2.257  8.889   1.00 6.88  ? 5  VAL A N    1 
ATOM 46   C CA   . VAL A 1 5  ? 14.601  -1.790  8.930   1.00 6.35  ? 5  VAL A CA   1 
ATOM 47   C C    . VAL A 1 5  ? 13.644  -2.987  9.079   1.00 5.46  ? 5  VAL A C    1 
ATOM 48   O O    . VAL A 1 5  ? 13.865  -4.034  8.470   1.00 5.45  ? 5  VAL A O    1 
ATOM 49   C CB   . VAL A 1 5  ? 14.274  -1.011  7.645   1.00 6.85  ? 5  VAL A CB   1 
ATOM 50   C CG1  . VAL A 1 5  ? 14.419  -1.924  6.424   1.00 7.18  ? 5  VAL A CG1  1 
ATOM 51   C CG2  . VAL A 1 5  ? 12.842  -0.473  7.711   1.00 7.33  ? 5  VAL A CG2  1 
ATOM 52   H H    . VAL A 1 5  ? 16.266  -2.852  8.165   1.00 7.08  ? 5  VAL A H    1 
ATOM 53   H HA   . VAL A 1 5  ? 14.484  -1.132  9.777   1.00 6.56  ? 5  VAL A HA   1 
ATOM 54   H HB   . VAL A 1 5  ? 14.962  -0.182  7.550   1.00 7.05  ? 5  VAL A HB   1 
ATOM 55   H HG11 . VAL A 1 5  ? 13.747  -2.764  6.521   1.00 7.52  ? 5  VAL A HG11 1 
ATOM 56   H HG12 . VAL A 1 5  ? 14.178  -1.371  5.529   1.00 7.22  ? 5  VAL A HG12 1 
ATOM 57   H HG13 . VAL A 1 5  ? 15.436  -2.283  6.362   1.00 7.35  ? 5  VAL A HG13 1 
ATOM 58   H HG21 . VAL A 1 5  ? 12.179  -1.254  8.054   1.00 7.59  ? 5  VAL A HG21 1 
ATOM 59   H HG22 . VAL A 1 5  ? 12.802  0.359   8.399   1.00 7.53  ? 5  VAL A HG22 1 
ATOM 60   H HG23 . VAL A 1 5  ? 12.535  -0.145  6.730   1.00 7.53  ? 5  VAL A HG23 1 
ATOM 61   N N    . PRO A 1 6  ? 12.573  -2.857  9.885   1.00 5.10  ? 6  PRO A N    1 
ATOM 62   C CA   . PRO A 1 6  ? 11.613  -3.958  10.079  1.00 4.64  ? 6  PRO A CA   1 
ATOM 63   C C    . PRO A 1 6  ? 10.569  -4.033  8.965   1.00 3.85  ? 6  PRO A C    1 
ATOM 64   O O    . PRO A 1 6  ? 9.365   -4.003  9.218   1.00 4.11  ? 6  PRO A O    1 
ATOM 65   C CB   . PRO A 1 6  ? 10.963  -3.591  11.408  1.00 5.21  ? 6  PRO A CB   1 
ATOM 66   C CG   . PRO A 1 6  ? 11.123  -2.085  11.584  1.00 5.65  ? 6  PRO A CG   1 
ATOM 67   C CD   . PRO A 1 6  ? 12.247  -1.628  10.647  1.00 5.65  ? 6  PRO A CD   1 
ATOM 68   H HA   . PRO A 1 6  ? 12.129  -4.898  10.179  1.00 5.01  ? 6  PRO A HA   1 
ATOM 69   H HB2  . PRO A 1 6  ? 9.914   -3.854  11.388  1.00 5.03  ? 6  PRO A HB2  1 
ATOM 70   H HB3  . PRO A 1 6  ? 11.458  -4.107  12.216  1.00 5.90  ? 6  PRO A HB3  1 
ATOM 71   H HG2  . PRO A 1 6  ? 10.200  -1.586  11.326  1.00 5.51  ? 6  PRO A HG2  1 
ATOM 72   H HG3  . PRO A 1 6  ? 11.390  -1.861  12.605  1.00 6.48  ? 6  PRO A HG3  1 
ATOM 73   H HD2  . PRO A 1 6  ? 11.895  -0.847  9.988   1.00 5.61  ? 6  PRO A HD2  1 
ATOM 74   H HD3  . PRO A 1 6  ? 13.104  -1.299  11.211  1.00 6.43  ? 6  PRO A HD3  1 
ATOM 75   N N    . THR A 1 7  ? 11.048  -4.132  7.728   1.00 3.42  ? 7  THR A N    1 
ATOM 76   C CA   . THR A 1 7  ? 10.149  -4.211  6.579   1.00 3.20  ? 7  THR A CA   1 
ATOM 77   C C    . THR A 1 7  ? 10.900  -4.707  5.346   1.00 2.55  ? 7  THR A C    1 
ATOM 78   O O    . THR A 1 7  ? 11.968  -4.200  5.006   1.00 3.15  ? 7  THR A O    1 
ATOM 79   C CB   . THR A 1 7  ? 9.542   -2.837  6.279   1.00 4.20  ? 7  THR A CB   1 
ATOM 80   O OG1  . THR A 1 7  ? 8.728   -2.925  5.118   1.00 4.85  ? 7  THR A OG1  1 
ATOM 81   C CG2  . THR A 1 7  ? 10.658  -1.812  6.043   1.00 4.87  ? 7  THR A CG2  1 
ATOM 82   H H    . THR A 1 7  ? 12.016  -4.152  7.584   1.00 3.69  ? 7  THR A H    1 
ATOM 83   H HA   . THR A 1 7  ? 9.352   -4.902  6.805   1.00 3.46  ? 7  THR A HA   1 
ATOM 84   H HB   . THR A 1 7  ? 8.941   -2.519  7.116   1.00 4.48  ? 7  THR A HB   1 
ATOM 85   H HG1  . THR A 1 7  ? 8.394   -2.047  4.922   1.00 5.08  ? 7  THR A HG1  1 
ATOM 86   H HG21 . THR A 1 7  ? 11.596  -2.208  6.403   1.00 5.14  ? 7  THR A HG21 1 
ATOM 87   H HG22 . THR A 1 7  ? 10.737  -1.603  4.987   1.00 5.10  ? 7  THR A HG22 1 
ATOM 88   H HG23 . THR A 1 7  ? 10.426  -0.900  6.573   1.00 5.28  ? 7  THR A HG23 1 
ATOM 89   N N    . THR A 1 8  ? 10.325  -5.705  4.680   1.00 2.04  ? 8  THR A N    1 
ATOM 90   C CA   . THR A 1 8  ? 10.947  -6.265  3.483   1.00 2.21  ? 8  THR A CA   1 
ATOM 91   C C    . THR A 1 8  ? 9.892   -6.546  2.419   1.00 1.90  ? 8  THR A C    1 
ATOM 92   O O    . THR A 1 8  ? 9.870   -5.915  1.363   1.00 2.03  ? 8  THR A O    1 
ATOM 93   C CB   . THR A 1 8  ? 11.685  -7.564  3.817   1.00 3.06  ? 8  THR A CB   1 
ATOM 94   O OG1  . THR A 1 8  ? 12.561  -7.339  4.913   1.00 3.63  ? 8  THR A OG1  1 
ATOM 95   C CG2  . THR A 1 8  ? 12.493  -8.022  2.601   1.00 3.81  ? 8  THR A CG2  1 
ATOM 96   H H    . THR A 1 8  ? 9.473   -6.069  4.997   1.00 2.24  ? 8  THR A H    1 
ATOM 97   H HA   . THR A 1 8  ? 11.654  -5.553  3.091   1.00 2.69  ? 8  THR A HA   1 
ATOM 98   H HB   . THR A 1 8  ? 10.970  -8.329  4.078   1.00 3.37  ? 8  THR A HB   1 
ATOM 99   H HG1  . THR A 1 8  ? 12.612  -8.151  5.423   1.00 4.00  ? 8  THR A HG1  1 
ATOM 100  H HG21 . THR A 1 8  ? 12.022  -7.663  1.699   1.00 4.10  ? 8  THR A HG21 1 
ATOM 101  H HG22 . THR A 1 8  ? 13.496  -7.627  2.667   1.00 4.11  ? 8  THR A HG22 1 
ATOM 102  H HG23 . THR A 1 8  ? 12.532  -9.102  2.582   1.00 4.27  ? 8  THR A HG23 1 
ATOM 103  N N    . CYS A 1 9  ? 9.018   -7.502  2.712   1.00 1.76  ? 9  CYS A N    1 
ATOM 104  C CA   . CYS A 1 9  ? 7.956   -7.867  1.777   1.00 1.65  ? 9  CYS A CA   1 
ATOM 105  C C    . CYS A 1 9  ? 6.628   -7.998  2.516   1.00 1.61  ? 9  CYS A C    1 
ATOM 106  O O    . CYS A 1 9  ? 6.590   -8.345  3.696   1.00 2.00  ? 9  CYS A O    1 
ATOM 107  C CB   . CYS A 1 9  ? 8.272   -9.197  1.089   1.00 1.86  ? 9  CYS A CB   1 
ATOM 108  S SG   . CYS A 1 9  ? 9.922   -9.129  0.343   1.00 2.30  ? 9  CYS A SG   1 
ATOM 109  H H    . CYS A 1 9  ? 9.087   -7.968  3.571   1.00 1.91  ? 9  CYS A H    1 
ATOM 110  H HA   . CYS A 1 9  ? 7.868   -7.096  1.026   1.00 1.70  ? 9  CYS A HA   1 
ATOM 111  H HB2  . CYS A 1 9  ? 8.241   -9.994  1.817   1.00 2.00  ? 9  CYS A HB2  1 
ATOM 112  H HB3  . CYS A 1 9  ? 7.537   -9.386  0.320   1.00 1.89  ? 9  CYS A HB3  1 
ATOM 113  N N    . CYS A 1 10 ? 5.538   -7.718  1.808   1.00 1.58  ? 10 CYS A N    1 
ATOM 114  C CA   . CYS A 1 10 ? 4.210   -7.809  2.409   1.00 1.54  ? 10 CYS A CA   1 
ATOM 115  C C    . CYS A 1 10 ? 3.598   -9.181  2.137   1.00 1.63  ? 10 CYS A C    1 
ATOM 116  O O    . CYS A 1 10 ? 2.789   -9.348  1.224   1.00 1.98  ? 10 CYS A O    1 
ATOM 117  C CB   . CYS A 1 10 ? 3.287   -6.728  1.841   1.00 1.44  ? 10 CYS A CB   1 
ATOM 118  S SG   . CYS A 1 10 ? 3.406   -5.233  2.856   1.00 1.94  ? 10 CYS A SG   1 
ATOM 119  H H    . CYS A 1 10 ? 5.627   -7.447  0.870   1.00 1.88  ? 10 CYS A H    1 
ATOM 120  H HA   . CYS A 1 10 ? 4.298   -7.671  3.476   1.00 1.66  ? 10 CYS A HA   1 
ATOM 121  H HB2  . CYS A 1 10 ? 3.582   -6.499  0.827   1.00 1.61  ? 10 CYS A HB2  1 
ATOM 122  H HB3  . CYS A 1 10 ? 2.268   -7.086  1.846   1.00 1.31  ? 10 CYS A HB3  1 
ATOM 123  N N    . PHE A 1 11 ? 3.995   -10.162 2.943   1.00 1.70  ? 11 PHE A N    1 
ATOM 124  C CA   . PHE A 1 11 ? 3.481   -11.519 2.784   1.00 1.80  ? 11 PHE A CA   1 
ATOM 125  C C    . PHE A 1 11 ? 2.107   -11.644 3.433   1.00 1.80  ? 11 PHE A C    1 
ATOM 126  O O    . PHE A 1 11 ? 1.240   -12.374 2.953   1.00 2.38  ? 11 PHE A O    1 
ATOM 127  C CB   . PHE A 1 11 ? 4.429   -12.532 3.428   1.00 2.01  ? 11 PHE A CB   1 
ATOM 128  C CG   . PHE A 1 11 ? 5.639   -12.723 2.544   1.00 2.03  ? 11 PHE A CG   1 
ATOM 129  C CD1  . PHE A 1 11 ? 5.477   -13.100 1.205   1.00 2.36  ? 11 PHE A CD1  1 
ATOM 130  C CD2  . PHE A 1 11 ? 6.924   -12.525 3.064   1.00 2.40  ? 11 PHE A CD2  1 
ATOM 131  C CE1  . PHE A 1 11 ? 6.599   -13.278 0.388   1.00 2.40  ? 11 PHE A CE1  1 
ATOM 132  C CE2  . PHE A 1 11 ? 8.046   -12.703 2.247   1.00 2.45  ? 11 PHE A CE2  1 
ATOM 133  C CZ   . PHE A 1 11 ? 7.883   -13.079 0.908   1.00 2.14  ? 11 PHE A CZ   1 
ATOM 134  H H    . PHE A 1 11 ? 4.642   -9.971  3.653   1.00 1.94  ? 11 PHE A H    1 
ATOM 135  H HA   . PHE A 1 11 ? 3.394   -11.741 1.732   1.00 1.78  ? 11 PHE A HA   1 
ATOM 136  H HB2  . PHE A 1 11 ? 4.744   -12.167 4.395   1.00 2.08  ? 11 PHE A HB2  1 
ATOM 137  H HB3  . PHE A 1 11 ? 3.921   -13.477 3.548   1.00 2.12  ? 11 PHE A HB3  1 
ATOM 138  H HD1  . PHE A 1 11 ? 4.487   -13.253 0.803   1.00 2.92  ? 11 PHE A HD1  1 
ATOM 139  H HD2  . PHE A 1 11 ? 7.049   -12.234 4.098   1.00 2.97  ? 11 PHE A HD2  1 
ATOM 140  H HE1  . PHE A 1 11 ? 6.474   -13.568 -0.645  1.00 2.98  ? 11 PHE A HE1  1 
ATOM 141  H HE2  . PHE A 1 11 ? 9.037   -12.550 2.648   1.00 3.05  ? 11 PHE A HE2  1 
ATOM 142  H HZ   . PHE A 1 11 ? 8.750   -13.217 0.277   1.00 2.21  ? 11 PHE A HZ   1 
ATOM 143  N N    . ASN A 1 12 ? 1.920   -10.921 4.534   1.00 1.70  ? 12 ASN A N    1 
ATOM 144  C CA   . ASN A 1 12 ? 0.646   -10.954 5.246   1.00 1.68  ? 12 ASN A CA   1 
ATOM 145  C C    . ASN A 1 12 ? -0.319  -9.927  4.656   1.00 1.51  ? 12 ASN A C    1 
ATOM 146  O O    . ASN A 1 12 ? -0.575  -8.876  5.246   1.00 1.53  ? 12 ASN A O    1 
ATOM 147  C CB   . ASN A 1 12 ? 0.857   -10.654 6.734   1.00 1.80  ? 12 ASN A CB   1 
ATOM 148  C CG   . ASN A 1 12 ? -0.408  -11.009 7.509   1.00 2.30  ? 12 ASN A CG   1 
ATOM 149  O OD1  . ASN A 1 12 ? -1.520  -10.796 7.024   1.00 2.86  ? 12 ASN A OD1  1 
ATOM 150  N ND2  . ASN A 1 12 ? -0.303  -11.542 8.695   1.00 2.84  ? 12 ASN A ND2  1 
ATOM 151  H H    . ASN A 1 12 ? 2.647   -10.357 4.870   1.00 2.04  ? 12 ASN A H    1 
ATOM 152  H HA   . ASN A 1 12 ? 0.214   -11.938 5.147   1.00 1.72  ? 12 ASN A HA   1 
ATOM 153  H HB2  . ASN A 1 12 ? 1.684   -11.241 7.105   1.00 2.06  ? 12 ASN A HB2  1 
ATOM 154  H HB3  . ASN A 1 12 ? 1.073   -9.604  6.862   1.00 1.93  ? 12 ASN A HB3  1 
ATOM 155  H HD21 . ASN A 1 12 ? 0.582   -11.711 9.081   1.00 2.99  ? 12 ASN A HD21 1 
ATOM 156  H HD22 . ASN A 1 12 ? -1.111  -11.773 9.201   1.00 3.43  ? 12 ASN A HD22 1 
ATOM 157  N N    . LEU A 1 13 ? -0.849  -10.246 3.478   1.00 1.41  ? 13 LEU A N    1 
ATOM 158  C CA   . LEU A 1 13 ? -1.785  -9.350  2.807   1.00 1.27  ? 13 LEU A CA   1 
ATOM 159  C C    . LEU A 1 13 ? -3.036  -9.153  3.657   1.00 1.32  ? 13 LEU A C    1 
ATOM 160  O O    . LEU A 1 13 ? -3.542  -10.094 4.269   1.00 1.53  ? 13 LEU A O    1 
ATOM 161  C CB   . LEU A 1 13 ? -2.191  -9.919  1.448   1.00 1.18  ? 13 LEU A CB   1 
ATOM 162  C CG   . LEU A 1 13 ? -0.950  -10.066 0.569   1.00 1.16  ? 13 LEU A CG   1 
ATOM 163  C CD1  . LEU A 1 13 ? -1.256  -11.014 -0.590  1.00 1.19  ? 13 LEU A CD1  1 
ATOM 164  C CD2  . LEU A 1 13 ? -0.551  -8.696  0.016   1.00 1.08  ? 13 LEU A CD2  1 
ATOM 165  H H    . LEU A 1 13 ? -0.608  -11.096 3.055   1.00 1.49  ? 13 LEU A H    1 
ATOM 166  H HA   . LEU A 1 13 ? -1.310  -8.392  2.656   1.00 1.23  ? 13 LEU A HA   1 
ATOM 167  H HB2  . LEU A 1 13 ? -2.655  -10.885 1.587   1.00 1.26  ? 13 LEU A HB2  1 
ATOM 168  H HB3  . LEU A 1 13 ? -2.890  -9.248  0.971   1.00 1.10  ? 13 LEU A HB3  1 
ATOM 169  H HG   . LEU A 1 13 ? -0.138  -10.470 1.158   1.00 1.26  ? 13 LEU A HG   1 
ATOM 170  H HD11 . LEU A 1 13 ? -2.211  -10.756 -1.023  1.00 1.59  ? 13 LEU A HD11 1 
ATOM 171  H HD12 . LEU A 1 13 ? -0.485  -10.925 -1.341  1.00 1.59  ? 13 LEU A HD12 1 
ATOM 172  H HD13 . LEU A 1 13 ? -1.289  -12.029 -0.226  1.00 1.53  ? 13 LEU A HD13 1 
ATOM 173  H HD21 . LEU A 1 13 ? -1.371  -8.287  -0.555  1.00 1.54  ? 13 LEU A HD21 1 
ATOM 174  H HD22 . LEU A 1 13 ? -0.315  -8.033  0.835   1.00 1.42  ? 13 LEU A HD22 1 
ATOM 175  H HD23 . LEU A 1 13 ? 0.314   -8.804  -0.622  1.00 1.45  ? 13 LEU A HD23 1 
ATOM 176  N N    . ALA A 1 14 ? -3.528  -7.919  3.686   1.00 1.20  ? 14 ALA A N    1 
ATOM 177  C CA   . ALA A 1 14 ? -4.723  -7.605  4.464   1.00 1.26  ? 14 ALA A CA   1 
ATOM 178  C C    . ALA A 1 14 ? -5.963  -8.165  3.777   1.00 1.24  ? 14 ALA A C    1 
ATOM 179  O O    . ALA A 1 14 ? -6.108  -8.077  2.557   1.00 1.16  ? 14 ALA A O    1 
ATOM 180  C CB   . ALA A 1 14 ? -4.878  -6.091  4.619   1.00 1.20  ? 14 ALA A CB   1 
ATOM 181  H H    . ALA A 1 14 ? -3.083  -7.210  3.177   1.00 1.13  ? 14 ALA A H    1 
ATOM 182  H HA   . ALA A 1 14 ? -4.631  -8.051  5.443   1.00 1.39  ? 14 ALA A HA   1 
ATOM 183  H HB1  . ALA A 1 14 ? -4.625  -5.606  3.688   1.00 1.46  ? 14 ALA A HB1  1 
ATOM 184  H HB2  . ALA A 1 14 ? -5.901  -5.860  4.879   1.00 1.63  ? 14 ALA A HB2  1 
ATOM 185  H HB3  . ALA A 1 14 ? -4.220  -5.740  5.399   1.00 1.60  ? 14 ALA A HB3  1 
ATOM 186  N N    . ASN A 1 15 ? -6.858  -8.741  4.574   1.00 1.37  ? 15 ASN A N    1 
ATOM 187  C CA   . ASN A 1 15 ? -8.087  -9.311  4.031   1.00 1.41  ? 15 ASN A CA   1 
ATOM 188  C C    . ASN A 1 15 ? -9.206  -8.278  4.061   1.00 1.43  ? 15 ASN A C    1 
ATOM 189  O O    . ASN A 1 15 ? -9.974  -8.144  3.109   1.00 1.43  ? 15 ASN A O    1 
ATOM 190  C CB   . ASN A 1 15 ? -8.516  -10.537 4.840   1.00 1.59  ? 15 ASN A CB   1 
ATOM 191  C CG   . ASN A 1 15 ? -7.822  -11.779 4.291   1.00 2.10  ? 15 ASN A CG   1 
ATOM 192  O OD1  . ASN A 1 15 ? -6.609  -11.777 4.079   1.00 2.66  ? 15 ASN A OD1  1 
ATOM 193  N ND2  . ASN A 1 15 ? -8.525  -12.850 4.046   1.00 2.73  ? 15 ASN A ND2  1 
ATOM 194  H H    . ASN A 1 15 ? -6.690  -8.782  5.538   1.00 1.47  ? 15 ASN A H    1 
ATOM 195  H HA   . ASN A 1 15 ? -7.913  -9.610  3.009   1.00 1.34  ? 15 ASN A HA   1 
ATOM 196  H HB2  . ASN A 1 15 ? -8.240  -10.398 5.876   1.00 2.02  ? 15 ASN A HB2  1 
ATOM 197  H HB3  . ASN A 1 15 ? -9.586  -10.662 4.766   1.00 1.65  ? 15 ASN A HB3  1 
ATOM 198  H HD21 . ASN A 1 15 ? -9.491  -12.851 4.215   1.00 2.92  ? 15 ASN A HD21 1 
ATOM 199  H HD22 . ASN A 1 15 ? -8.089  -13.653 3.693   1.00 3.34  ? 15 ASN A HD22 1 
ATOM 200  N N    . ARG A 1 16 ? -9.284  -7.547  5.166   1.00 1.48  ? 16 ARG A N    1 
ATOM 201  C CA   . ARG A 1 16 ? -10.310 -6.519  5.317   1.00 1.51  ? 16 ARG A CA   1 
ATOM 202  C C    . ARG A 1 16 ? -10.012 -5.345  4.392   1.00 1.37  ? 16 ARG A C    1 
ATOM 203  O O    . ARG A 1 16 ? -8.891  -5.187  3.908   1.00 1.43  ? 16 ARG A O    1 
ATOM 204  C CB   . ARG A 1 16 ? -10.362 -6.020  6.762   1.00 1.63  ? 16 ARG A CB   1 
ATOM 205  C CG   . ARG A 1 16 ? -10.947 -7.111  7.659   1.00 2.05  ? 16 ARG A CG   1 
ATOM 206  C CD   . ARG A 1 16 ? -11.743 -6.467  8.795   1.00 2.47  ? 16 ARG A CD   1 
ATOM 207  N NE   . ARG A 1 16 ? -11.733 -7.324  9.983   1.00 2.78  ? 16 ARG A NE   1 
ATOM 208  C CZ   . ARG A 1 16 ? -12.486 -8.430  10.071  1.00 3.38  ? 16 ARG A CZ   1 
ATOM 209  N NH1  . ARG A 1 16 ? -13.275 -8.795  9.088   1.00 3.84  ? 16 ARG A NH1  1 
ATOM 210  N NH2  . ARG A 1 16 ? -12.436 -9.155  11.154  1.00 3.96  ? 16 ARG A NH2  1 
ATOM 211  H H    . ARG A 1 16 ? -8.641  -7.698  5.890   1.00 1.51  ? 16 ARG A H    1 
ATOM 212  H HA   . ARG A 1 16 ? -11.269 -6.939  5.056   1.00 1.59  ? 16 ARG A HA   1 
ATOM 213  H HB2  . ARG A 1 16 ? -9.363  -5.776  7.094   1.00 1.88  ? 16 ARG A HB2  1 
ATOM 214  H HB3  . ARG A 1 16 ? -10.984 -5.139  6.816   1.00 1.69  ? 16 ARG A HB3  1 
ATOM 215  H HG2  . ARG A 1 16 ? -11.600 -7.744  7.075   1.00 2.35  ? 16 ARG A HG2  1 
ATOM 216  H HG3  . ARG A 1 16 ? -10.146 -7.705  8.074   1.00 2.55  ? 16 ARG A HG3  1 
ATOM 217  H HD2  . ARG A 1 16 ? -11.302 -5.514  9.042   1.00 2.82  ? 16 ARG A HD2  1 
ATOM 218  H HD3  . ARG A 1 16 ? -12.762 -6.313  8.472   1.00 2.97  ? 16 ARG A HD3  1 
ATOM 219  H HE   . ARG A 1 16 ? -11.157 -7.082  10.738  1.00 2.97  ? 16 ARG A HE   1 
ATOM 220  H HH11 . ARG A 1 16 ? -13.326 -8.251  8.251   1.00 3.80  ? 16 ARG A HH11 1 
ATOM 221  H HH12 . ARG A 1 16 ? -13.827 -9.624  9.176   1.00 4.49  ? 16 ARG A HH12 1 
ATOM 222  H HH21 . ARG A 1 16 ? -11.838 -8.884  11.910  1.00 4.10  ? 16 ARG A HH21 1 
ATOM 223  H HH22 . ARG A 1 16 ? -12.993 -9.982  11.229  1.00 4.50  ? 16 ARG A HH22 1 
ATOM 224  N N    . LYS A 1 17 ? -11.027 -4.521  4.152   1.00 1.30  ? 17 LYS A N    1 
ATOM 225  C CA   . LYS A 1 17 ? -10.858 -3.362  3.279   1.00 1.19  ? 17 LYS A CA   1 
ATOM 226  C C    . LYS A 1 17 ? -10.664 -2.094  4.105   1.00 1.16  ? 17 LYS A C    1 
ATOM 227  O O    . LYS A 1 17 ? -11.384 -1.847  5.072   1.00 1.28  ? 17 LYS A O    1 
ATOM 228  C CB   . LYS A 1 17 ? -12.074 -3.189  2.365   1.00 1.26  ? 17 LYS A CB   1 
ATOM 229  C CG   . LYS A 1 17 ? -13.358 -3.192  3.199   1.00 1.75  ? 17 LYS A CG   1 
ATOM 230  C CD   . LYS A 1 17 ? -14.534 -2.751  2.325   1.00 1.77  ? 17 LYS A CD   1 
ATOM 231  C CE   . LYS A 1 17 ? -15.529 -1.952  3.170   1.00 2.65  ? 17 LYS A CE   1 
ATOM 232  N NZ   . LYS A 1 17 ? -16.910 -2.179  2.657   1.00 3.07  ? 17 LYS A NZ   1 
ATOM 233  H H    . LYS A 1 17 ? -11.899 -4.694  4.564   1.00 1.40  ? 17 LYS A H    1 
ATOM 234  H HA   . LYS A 1 17 ? -9.983  -3.516  2.666   1.00 1.11  ? 17 LYS A HA   1 
ATOM 235  H HB2  . LYS A 1 17 ? -11.993 -2.251  1.834   1.00 1.63  ? 17 LYS A HB2  1 
ATOM 236  H HB3  . LYS A 1 17 ? -12.108 -4.001  1.654   1.00 1.61  ? 17 LYS A HB3  1 
ATOM 237  H HG2  . LYS A 1 17 ? -13.542 -4.187  3.573   1.00 2.35  ? 17 LYS A HG2  1 
ATOM 238  H HG3  . LYS A 1 17 ? -13.251 -2.508  4.027   1.00 2.22  ? 17 LYS A HG3  1 
ATOM 239  H HD2  . LYS A 1 17 ? -14.170 -2.133  1.516   1.00 1.64  ? 17 LYS A HD2  1 
ATOM 240  H HD3  . LYS A 1 17 ? -15.027 -3.621  1.920   1.00 2.03  ? 17 LYS A HD3  1 
ATOM 241  H HE2  . LYS A 1 17 ? -15.468 -2.276  4.198   1.00 3.12  ? 17 LYS A HE2  1 
ATOM 242  H HE3  . LYS A 1 17 ? -15.289 -0.901  3.108   1.00 3.12  ? 17 LYS A HE3  1 
ATOM 243  H HZ1  . LYS A 1 17 ? -17.002 -3.161  2.330   1.00 3.42  ? 17 LYS A HZ1  1 
ATOM 244  H HZ2  . LYS A 1 17 ? -17.595 -2.004  3.418   1.00 3.36  ? 17 LYS A HZ2  1 
ATOM 245  H HZ3  . LYS A 1 17 ? -17.096 -1.530  1.865   1.00 3.35  ? 17 LYS A HZ3  1 
ATOM 246  N N    . ILE A 1 18 ? -9.678  -1.296  3.708   1.00 1.03  ? 18 ILE A N    1 
ATOM 247  C CA   . ILE A 1 18 ? -9.382  -0.050  4.411   1.00 1.02  ? 18 ILE A CA   1 
ATOM 248  C C    . ILE A 1 18 ? -10.194 1.102   3.801   1.00 0.98  ? 18 ILE A C    1 
ATOM 249  O O    . ILE A 1 18 ? -10.342 1.173   2.582   1.00 0.91  ? 18 ILE A O    1 
ATOM 250  C CB   . ILE A 1 18 ? -7.887  0.270   4.302   1.00 0.97  ? 18 ILE A CB   1 
ATOM 251  C CG1  . ILE A 1 18 ? -7.075  -0.928  4.800   1.00 1.05  ? 18 ILE A CG1  1 
ATOM 252  C CG2  . ILE A 1 18 ? -7.552  1.496   5.153   1.00 1.02  ? 18 ILE A CG2  1 
ATOM 253  C CD1  . ILE A 1 18 ? -5.591  -0.698  4.510   1.00 1.03  ? 18 ILE A CD1  1 
ATOM 254  H H    . ILE A 1 18 ? -9.137  -1.549  2.931   1.00 0.97  ? 18 ILE A H    1 
ATOM 255  H HA   . ILE A 1 18 ? -9.644  -0.164  5.451   1.00 1.12  ? 18 ILE A HA   1 
ATOM 256  H HB   . ILE A 1 18 ? -7.637  0.471   3.271   1.00 0.89  ? 18 ILE A HB   1 
ATOM 257  H HG12 . ILE A 1 18 ? -7.220  -1.044  5.865   1.00 1.16  ? 18 ILE A HG12 1 
ATOM 258  H HG13 . ILE A 1 18 ? -7.404  -1.822  4.293   1.00 1.04  ? 18 ILE A HG13 1 
ATOM 259  H HG21 . ILE A 1 18 ? -8.153  2.335   4.829   1.00 1.47  ? 18 ILE A HG21 1 
ATOM 260  H HG22 . ILE A 1 18 ? -7.763  1.283   6.190   1.00 1.41  ? 18 ILE A HG22 1 
ATOM 261  H HG23 . ILE A 1 18 ? -6.506  1.739   5.040   1.00 1.48  ? 18 ILE A HG23 1 
ATOM 262  H HD11 . ILE A 1 18 ? -5.464  -0.424  3.473   1.00 1.43  ? 18 ILE A HD11 1 
ATOM 263  H HD12 . ILE A 1 18 ? -5.220  0.097   5.140   1.00 1.54  ? 18 ILE A HD12 1 
ATOM 264  H HD13 . ILE A 1 18 ? -5.040  -1.605  4.712   1.00 1.34  ? 18 ILE A HD13 1 
ATOM 265  N N    . PRO A 1 19 ? -10.735 2.019   4.626   1.00 1.04  ? 19 PRO A N    1 
ATOM 266  C CA   . PRO A 1 19 ? -11.529 3.149   4.106   1.00 1.04  ? 19 PRO A CA   1 
ATOM 267  C C    . PRO A 1 19 ? -10.661 4.270   3.542   1.00 0.98  ? 19 PRO A C    1 
ATOM 268  O O    . PRO A 1 19 ? -9.472  4.371   3.845   1.00 0.96  ? 19 PRO A O    1 
ATOM 269  C CB   . PRO A 1 19 ? -12.292 3.614   5.338   1.00 1.16  ? 19 PRO A CB   1 
ATOM 270  C CG   . PRO A 1 19 ? -11.501 3.154   6.555   1.00 1.22  ? 19 PRO A CG   1 
ATOM 271  C CD   . PRO A 1 19 ? -10.598 2.001   6.104   1.00 1.16  ? 19 PRO A CD   1 
ATOM 272  H HA   . PRO A 1 19 ? -12.226 2.805   3.362   1.00 1.04  ? 19 PRO A HA   1 
ATOM 273  H HB2  . PRO A 1 19 ? -12.375 4.692   5.335   1.00 1.17  ? 19 PRO A HB2  1 
ATOM 274  H HB3  . PRO A 1 19 ? -13.275 3.169   5.353   1.00 1.22  ? 19 PRO A HB3  1 
ATOM 275  H HG2  . PRO A 1 19 ? -10.899 3.970   6.931   1.00 1.23  ? 19 PRO A HG2  1 
ATOM 276  H HG3  . PRO A 1 19 ? -12.174 2.808   7.323   1.00 1.31  ? 19 PRO A HG3  1 
ATOM 277  H HD2  . PRO A 1 19 ? -9.575  2.185   6.400   1.00 1.15  ? 19 PRO A HD2  1 
ATOM 278  H HD3  . PRO A 1 19 ? -10.950 1.062   6.500   1.00 1.22  ? 19 PRO A HD3  1 
ATOM 279  N N    . LEU A 1 20 ? -11.274 5.102   2.708   1.00 0.98  ? 20 LEU A N    1 
ATOM 280  C CA   . LEU A 1 20 ? -10.558 6.213   2.084   1.00 0.97  ? 20 LEU A CA   1 
ATOM 281  C C    . LEU A 1 20 ? -10.438 7.392   3.045   1.00 1.05  ? 20 LEU A C    1 
ATOM 282  O O    . LEU A 1 20 ? -9.402  8.055   3.110   1.00 1.07  ? 20 LEU A O    1 
ATOM 283  C CB   . LEU A 1 20 ? -11.283 6.675   0.817   1.00 1.00  ? 20 LEU A CB   1 
ATOM 284  C CG   . LEU A 1 20 ? -11.568 5.471   -0.085  1.00 0.96  ? 20 LEU A CG   1 
ATOM 285  C CD1  . LEU A 1 20 ? -12.518 5.888   -1.209  1.00 1.06  ? 20 LEU A CD1  1 
ATOM 286  C CD2  . LEU A 1 20 ? -10.255 4.958   -0.689  1.00 0.89  ? 20 LEU A CD2  1 
ATOM 287  H H    . LEU A 1 20 ? -12.223 4.963   2.501   1.00 1.02  ? 20 LEU A H    1 
ATOM 288  H HA   . LEU A 1 20 ? -9.568  5.882   1.817   1.00 0.92  ? 20 LEU A HA   1 
ATOM 289  H HB2  . LEU A 1 20 ? -12.215 7.149   1.090   1.00 1.07  ? 20 LEU A HB2  1 
ATOM 290  H HB3  . LEU A 1 20 ? -10.663 7.381   0.286   1.00 1.01  ? 20 LEU A HB3  1 
ATOM 291  H HG   . LEU A 1 20 ? -12.027 4.686   0.499   1.00 0.97  ? 20 LEU A HG   1 
ATOM 292  H HD11 . LEU A 1 20 ? -12.143 6.782   -1.686  1.00 1.39  ? 20 LEU A HD11 1 
ATOM 293  H HD12 . LEU A 1 20 ? -12.585 5.093   -1.937  1.00 1.58  ? 20 LEU A HD12 1 
ATOM 294  H HD13 . LEU A 1 20 ? -13.497 6.084   -0.798  1.00 1.46  ? 20 LEU A HD13 1 
ATOM 295  H HD21 . LEU A 1 20 ? -9.424  5.288   -0.083  1.00 1.36  ? 20 LEU A HD21 1 
ATOM 296  H HD22 . LEU A 1 20 ? -10.271 3.879   -0.719  1.00 1.32  ? 20 LEU A HD22 1 
ATOM 297  H HD23 . LEU A 1 20 ? -10.143 5.343   -1.692  1.00 1.33  ? 20 LEU A HD23 1 
ATOM 298  N N    . GLN A 1 21 ? -11.511 7.648   3.785   1.00 1.12  ? 21 GLN A N    1 
ATOM 299  C CA   . GLN A 1 21 ? -11.520 8.758   4.739   1.00 1.21  ? 21 GLN A CA   1 
ATOM 300  C C    . GLN A 1 21 ? -10.420 8.587   5.782   1.00 1.22  ? 21 GLN A C    1 
ATOM 301  O O    . GLN A 1 21 ? -9.873  9.563   6.296   1.00 1.29  ? 21 GLN A O    1 
ATOM 302  C CB   . GLN A 1 21 ? -12.872 8.843   5.449   1.00 1.29  ? 21 GLN A CB   1 
ATOM 303  C CG   . GLN A 1 21 ? -13.026 10.223  6.091   1.00 1.41  ? 21 GLN A CG   1 
ATOM 304  C CD   . GLN A 1 21 ? -14.501 10.610  6.118   1.00 1.65  ? 21 GLN A CD   1 
ATOM 305  O OE1  . GLN A 1 21 ? -15.269 10.219  5.240   1.00 2.06  ? 21 GLN A OE1  1 
ATOM 306  N NE2  . GLN A 1 21 ? -14.948 11.362  7.087   1.00 2.10  ? 21 GLN A NE2  1 
ATOM 307  H H    . GLN A 1 21 ? -12.308 7.090   3.688   1.00 1.12  ? 21 GLN A H    1 
ATOM 308  H HA   . GLN A 1 21 ? -11.349 9.677   4.202   1.00 1.24  ? 21 GLN A HA   1 
ATOM 309  H HB2  . GLN A 1 21 ? -13.666 8.687   4.733   1.00 1.29  ? 21 GLN A HB2  1 
ATOM 310  H HB3  . GLN A 1 21 ? -12.924 8.084   6.216   1.00 1.28  ? 21 GLN A HB3  1 
ATOM 311  H HG2  . GLN A 1 21 ? -12.641 10.196  7.100   1.00 1.51  ? 21 GLN A HG2  1 
ATOM 312  H HG3  . GLN A 1 21 ? -12.476 10.952  5.515   1.00 1.51  ? 21 GLN A HG3  1 
ATOM 313  H HE21 . GLN A 1 21 ? -14.337 11.673  7.787   1.00 2.50  ? 21 GLN A HE21 1 
ATOM 314  H HE22 . GLN A 1 21 ? -15.894 11.615  7.114   1.00 2.37  ? 21 GLN A HE22 1 
ATOM 315  N N    . ARG A 1 22 ? -10.099 7.334   6.086   1.00 1.18  ? 22 ARG A N    1 
ATOM 316  C CA   . ARG A 1 22 ? -9.058  7.041   7.068   1.00 1.23  ? 22 ARG A CA   1 
ATOM 317  C C    . ARG A 1 22 ? -7.690  6.870   6.396   1.00 1.18  ? 22 ARG A C    1 
ATOM 318  O O    . ARG A 1 22 ? -6.662  6.825   7.071   1.00 1.24  ? 22 ARG A O    1 
ATOM 319  C CB   . ARG A 1 22 ? -9.399  5.759   7.824   1.00 1.26  ? 22 ARG A CB   1 
ATOM 320  C CG   . ARG A 1 22 ? -8.789  5.812   9.226   1.00 1.38  ? 22 ARG A CG   1 
ATOM 321  C CD   . ARG A 1 22 ? -9.692  5.062   10.206  1.00 1.70  ? 22 ARG A CD   1 
ATOM 322  N NE   . ARG A 1 22 ? -9.762  3.640   9.860   1.00 1.98  ? 22 ARG A NE   1 
ATOM 323  C CZ   . ARG A 1 22 ? -10.689 2.823   10.381  1.00 2.49  ? 22 ARG A CZ   1 
ATOM 324  N NH1  . ARG A 1 22 ? -11.584 3.267   11.232  1.00 2.88  ? 22 ARG A NH1  1 
ATOM 325  N NH2  . ARG A 1 22 ? -10.702 1.565   10.035  1.00 3.17  ? 22 ARG A NH2  1 
ATOM 326  H H    . ARG A 1 22 ? -10.565 6.594   5.644   1.00 1.14  ? 22 ARG A H    1 
ATOM 327  H HA   . ARG A 1 22 ? -9.003  7.855   7.774   1.00 1.30  ? 22 ARG A HA   1 
ATOM 328  H HB2  . ARG A 1 22 ? -10.473 5.663   7.901   1.00 1.27  ? 22 ARG A HB2  1 
ATOM 329  H HB3  . ARG A 1 22 ? -9.000  4.910   7.290   1.00 1.20  ? 22 ARG A HB3  1 
ATOM 330  H HG2  . ARG A 1 22 ? -7.812  5.350   9.210   1.00 1.53  ? 22 ARG A HG2  1 
ATOM 331  H HG3  . ARG A 1 22 ? -8.696  6.841   9.540   1.00 1.55  ? 22 ARG A HG3  1 
ATOM 332  H HD2  . ARG A 1 22 ? -9.296  5.164   11.205  1.00 2.19  ? 22 ARG A HD2  1 
ATOM 333  H HD3  . ARG A 1 22 ? -10.684 5.488   10.172  1.00 2.19  ? 22 ARG A HD3  1 
ATOM 334  H HE   . ARG A 1 22 ? -9.109  3.273   9.227   1.00 2.34  ? 22 ARG A HE   1 
ATOM 335  H HH11 . ARG A 1 22 ? -11.588 4.227   11.507  1.00 2.93  ? 22 ARG A HH11 1 
ATOM 336  H HH12 . ARG A 1 22 ? -12.266 2.639   11.608  1.00 3.48  ? 22 ARG A HH12 1 
ATOM 337  H HH21 . ARG A 1 22 ? -10.026 1.218   9.387   1.00 3.48  ? 22 ARG A HH21 1 
ATOM 338  H HH22 . ARG A 1 22 ? -11.391 0.949   10.418  1.00 3.64  ? 22 ARG A HH22 1 
ATOM 339  N N    . LEU A 1 23 ? -7.683  6.769   5.065   1.00 1.09  ? 23 LEU A N    1 
ATOM 340  C CA   . LEU A 1 23 ? -6.429  6.596   4.333   1.00 1.06  ? 23 LEU A CA   1 
ATOM 341  C C    . LEU A 1 23 ? -5.628  7.894   4.302   1.00 1.13  ? 23 LEU A C    1 
ATOM 342  O O    . LEU A 1 23 ? -6.186  8.990   4.233   1.00 1.17  ? 23 LEU A O    1 
ATOM 343  C CB   . LEU A 1 23 ? -6.709  6.149   2.891   1.00 0.97  ? 23 LEU A CB   1 
ATOM 344  C CG   . LEU A 1 23 ? -6.494  4.640   2.763   1.00 0.91  ? 23 LEU A CG   1 
ATOM 345  C CD1  . LEU A 1 23 ? -7.023  4.158   1.405   1.00 0.83  ? 23 LEU A CD1  1 
ATOM 346  C CD2  . LEU A 1 23 ? -4.997  4.333   2.867   1.00 0.94  ? 23 LEU A CD2  1 
ATOM 347  H H    . LEU A 1 23 ? -8.525  6.805   4.567   1.00 1.06  ? 23 LEU A H    1 
ATOM 348  H HA   . LEU A 1 23 ? -5.840  5.836   4.826   1.00 1.07  ? 23 LEU A HA   1 
ATOM 349  H HB2  . LEU A 1 23 ? -7.731  6.388   2.634   1.00 0.96  ? 23 LEU A HB2  1 
ATOM 350  H HB3  . LEU A 1 23 ? -6.041  6.662   2.214   1.00 0.99  ? 23 LEU A HB3  1 
ATOM 351  H HG   . LEU A 1 23 ? -7.021  4.134   3.558   1.00 0.92  ? 23 LEU A HG   1 
ATOM 352  H HD11 . LEU A 1 23 ? -7.125  5.001   0.736   1.00 1.36  ? 23 LEU A HD11 1 
ATOM 353  H HD12 . LEU A 1 23 ? -6.334  3.443   0.979   1.00 1.10  ? 23 LEU A HD12 1 
ATOM 354  H HD13 . LEU A 1 23 ? -7.987  3.690   1.542   1.00 1.41  ? 23 LEU A HD13 1 
ATOM 355  H HD21 . LEU A 1 23 ? -4.430  5.181   2.512   1.00 1.34  ? 23 LEU A HD21 1 
ATOM 356  H HD22 . LEU A 1 23 ? -4.740  4.137   3.898   1.00 1.39  ? 23 LEU A HD22 1 
ATOM 357  H HD23 . LEU A 1 23 ? -4.763  3.467   2.267   1.00 1.31  ? 23 LEU A HD23 1 
ATOM 358  N N    . GLU A 1 24 ? -4.308  7.747   4.343   1.00 1.17  ? 24 GLU A N    1 
ATOM 359  C CA   . GLU A 1 24 ? -3.412  8.899   4.307   1.00 1.26  ? 24 GLU A CA   1 
ATOM 360  C C    . GLU A 1 24 ? -2.518  8.827   3.071   1.00 1.24  ? 24 GLU A C    1 
ATOM 361  O O    . GLU A 1 24 ? -2.279  9.831   2.399   1.00 1.30  ? 24 GLU A O    1 
ATOM 362  C CB   . GLU A 1 24 ? -2.532  8.935   5.559   1.00 1.37  ? 24 GLU A CB   1 
ATOM 363  C CG   . GLU A 1 24 ? -1.832  10.292  5.651   1.00 1.71  ? 24 GLU A CG   1 
ATOM 364  C CD   . GLU A 1 24 ? -0.618  10.176  6.566   1.00 1.99  ? 24 GLU A CD   1 
ATOM 365  O OE1  . GLU A 1 24 ? -0.707  9.461   7.550   1.00 2.46  ? 24 GLU A OE1  1 
ATOM 366  O OE2  . GLU A 1 24 ? 0.385   10.805  6.269   1.00 2.55  ? 24 GLU A OE2  1 
ATOM 367  H H    . GLU A 1 24 ? -3.929  6.845   4.391   1.00 1.15  ? 24 GLU A H    1 
ATOM 368  H HA   . GLU A 1 24 ? -4.001  9.803   4.265   1.00 1.29  ? 24 GLU A HA   1 
ATOM 369  H HB2  . GLU A 1 24 ? -3.147  8.786   6.435   1.00 1.42  ? 24 GLU A HB2  1 
ATOM 370  H HB3  . GLU A 1 24 ? -1.790  8.153   5.501   1.00 1.37  ? 24 GLU A HB3  1 
ATOM 371  H HG2  . GLU A 1 24 ? -1.514  10.602  4.666   1.00 2.09  ? 24 GLU A HG2  1 
ATOM 372  H HG3  . GLU A 1 24 ? -2.515  11.024  6.056   1.00 2.24  ? 24 GLU A HG3  1 
ATOM 373  N N    . SER A 1 25 ? -2.033  7.622   2.779   1.00 1.18  ? 25 SER A N    1 
ATOM 374  C CA   . SER A 1 25 ? -1.169  7.410   1.621   1.00 1.18  ? 25 SER A CA   1 
ATOM 375  C C    . SER A 1 25 ? -0.969  5.914   1.392   1.00 1.12  ? 25 SER A C    1 
ATOM 376  O O    . SER A 1 25 ? -1.567  5.085   2.077   1.00 1.16  ? 25 SER A O    1 
ATOM 377  C CB   . SER A 1 25 ? 0.193   8.071   1.836   1.00 1.31  ? 25 SER A CB   1 
ATOM 378  O OG   . SER A 1 25 ? 0.688   8.541   0.589   1.00 1.92  ? 25 SER A OG   1 
ATOM 379  H H    . SER A 1 25 ? -2.261  6.860   3.350   1.00 1.16  ? 25 SER A H    1 
ATOM 380  H HA   . SER A 1 25 ? -1.636  7.841   0.749   1.00 1.16  ? 25 SER A HA   1 
ATOM 381  H HB2  . SER A 1 25 ? 0.088   8.904   2.513   1.00 1.85  ? 25 SER A HB2  1 
ATOM 382  H HB3  . SER A 1 25 ? 0.879   7.351   2.260   1.00 1.40  ? 25 SER A HB3  1 
ATOM 383  H HG   . SER A 1 25 ? 1.507   8.076   0.401   1.00 2.23  ? 25 SER A HG   1 
ATOM 384  N N    . TYR A 1 26 ? -0.122  5.575   0.425   1.00 1.12  ? 26 TYR A N    1 
ATOM 385  C CA   . TYR A 1 26 ? 0.141   4.170   0.128   1.00 1.06  ? 26 TYR A CA   1 
ATOM 386  C C    . TYR A 1 26 ? 1.537   3.994   -0.470  1.00 1.14  ? 26 TYR A C    1 
ATOM 387  O O    . TYR A 1 26 ? 2.068   4.889   -1.127  1.00 1.21  ? 26 TYR A O    1 
ATOM 388  C CB   . TYR A 1 26 ? -0.935  3.602   -0.822  1.00 0.95  ? 26 TYR A CB   1 
ATOM 389  C CG   . TYR A 1 26 ? -0.758  4.117   -2.242  1.00 0.99  ? 26 TYR A CG   1 
ATOM 390  C CD1  . TYR A 1 26 ? -0.742  5.495   -2.498  1.00 1.55  ? 26 TYR A CD1  1 
ATOM 391  C CD2  . TYR A 1 26 ? -0.614  3.208   -3.299  1.00 1.44  ? 26 TYR A CD2  1 
ATOM 392  C CE1  . TYR A 1 26 ? -0.580  5.962   -3.808  1.00 1.62  ? 26 TYR A CE1  1 
ATOM 393  C CE2  . TYR A 1 26 ? -0.451  3.677   -4.609  1.00 1.50  ? 26 TYR A CE2  1 
ATOM 394  C CZ   . TYR A 1 26 ? -0.434  5.054   -4.862  1.00 1.15  ? 26 TYR A CZ   1 
ATOM 395  O OH   . TYR A 1 26 ? -0.274  5.515   -6.153  1.00 1.27  ? 26 TYR A OH   1 
ATOM 396  H H    . TYR A 1 26 ? 0.332   6.273   -0.092  1.00 1.21  ? 26 TYR A H    1 
ATOM 397  H HA   . TYR A 1 26 ? 0.100   3.617   1.055   1.00 1.06  ? 26 TYR A HA   1 
ATOM 398  H HB2  . TYR A 1 26 ? -0.870  2.524   -0.826  1.00 0.91  ? 26 TYR A HB2  1 
ATOM 399  H HB3  . TYR A 1 26 ? -1.907  3.892   -0.460  1.00 0.92  ? 26 TYR A HB3  1 
ATOM 400  H HD1  . TYR A 1 26 ? -0.856  6.198   -1.688  1.00 2.25  ? 26 TYR A HD1  1 
ATOM 401  H HD2  . TYR A 1 26 ? -0.627  2.145   -3.105  1.00 2.12  ? 26 TYR A HD2  1 
ATOM 402  H HE1  . TYR A 1 26 ? -0.566  7.024   -4.004  1.00 2.33  ? 26 TYR A HE1  1 
ATOM 403  H HE2  . TYR A 1 26 ? -0.340  2.977   -5.422  1.00 2.18  ? 26 TYR A HE2  1 
ATOM 404  H HH   . TYR A 1 26 ? 0.498   5.085   -6.529  1.00 1.42  ? 26 TYR A HH   1 
ATOM 405  N N    . ARG A 1 27 ? 2.121   2.826   -0.229  1.00 1.16  ? 27 ARG A N    1 
ATOM 406  C CA   . ARG A 1 27 ? 3.456   2.532   -0.743  1.00 1.26  ? 27 ARG A CA   1 
ATOM 407  C C    . ARG A 1 27 ? 3.450   1.222   -1.525  1.00 1.20  ? 27 ARG A C    1 
ATOM 408  O O    . ARG A 1 27 ? 3.345   0.138   -0.952  1.00 1.21  ? 27 ARG A O    1 
ATOM 409  C CB   . ARG A 1 27 ? 4.460   2.420   0.407   1.00 1.39  ? 27 ARG A CB   1 
ATOM 410  C CG   . ARG A 1 27 ? 5.883   2.430   -0.155  1.00 1.72  ? 27 ARG A CG   1 
ATOM 411  C CD   . ARG A 1 27 ? 6.262   3.856   -0.557  1.00 1.82  ? 27 ARG A CD   1 
ATOM 412  N NE   . ARG A 1 27 ? 6.897   4.557   0.563   1.00 2.29  ? 27 ARG A NE   1 
ATOM 413  C CZ   . ARG A 1 27 ? 7.605   5.683   0.390   1.00 2.73  ? 27 ARG A CZ   1 
ATOM 414  N NH1  . ARG A 1 27 ? 7.761   6.212   -0.800  1.00 2.95  ? 27 ARG A NH1  1 
ATOM 415  N NH2  . ARG A 1 27 ? 8.147   6.264   1.425   1.00 3.52  ? 27 ARG A NH2  1 
ATOM 416  H H    . ARG A 1 27 ? 1.647   2.152   0.302   1.00 1.13  ? 27 ARG A H    1 
ATOM 417  H HA   . ARG A 1 27 ? 3.765   3.332   -1.399  1.00 1.32  ? 27 ARG A HA   1 
ATOM 418  H HB2  . ARG A 1 27 ? 4.331   3.255   1.079   1.00 1.50  ? 27 ARG A HB2  1 
ATOM 419  H HB3  . ARG A 1 27 ? 4.293   1.497   0.942   1.00 1.56  ? 27 ARG A HB3  1 
ATOM 420  H HG2  . ARG A 1 27 ? 6.569   2.072   0.599   1.00 2.29  ? 27 ARG A HG2  1 
ATOM 421  H HG3  . ARG A 1 27 ? 5.933   1.788   -1.021  1.00 2.21  ? 27 ARG A HG3  1 
ATOM 422  H HD2  . ARG A 1 27 ? 6.949   3.821   -1.387  1.00 2.16  ? 27 ARG A HD2  1 
ATOM 423  H HD3  . ARG A 1 27 ? 5.372   4.390   -0.854  1.00 2.27  ? 27 ARG A HD3  1 
ATOM 424  H HE   . ARG A 1 27 ? 6.803   4.190   1.467   1.00 2.79  ? 27 ARG A HE   1 
ATOM 425  H HH11 . ARG A 1 27 ? 7.352   5.780   -1.603  1.00 2.84  ? 27 ARG A HH11 1 
ATOM 426  H HH12 . ARG A 1 27 ? 8.293   7.052   -0.905  1.00 3.58  ? 27 ARG A HH12 1 
ATOM 427  H HH21 . ARG A 1 27 ? 8.033   5.868   2.336   1.00 3.90  ? 27 ARG A HH21 1 
ATOM 428  H HH22 . ARG A 1 27 ? 8.676   7.103   1.307   1.00 3.99  ? 27 ARG A HH22 1 
ATOM 429  N N    . ARG A 1 28 ? 3.565   1.337   -2.845  1.00 1.20  ? 28 ARG A N    1 
ATOM 430  C CA   . ARG A 1 28 ? 3.573   0.156   -3.704  1.00 1.17  ? 28 ARG A CA   1 
ATOM 431  C C    . ARG A 1 28 ? 4.956   -0.485  -3.710  1.00 1.28  ? 28 ARG A C    1 
ATOM 432  O O    . ARG A 1 28 ? 5.973   0.192   -3.559  1.00 1.41  ? 28 ARG A O    1 
ATOM 433  C CB   . ARG A 1 28 ? 3.188   0.528   -5.136  1.00 1.18  ? 28 ARG A CB   1 
ATOM 434  C CG   . ARG A 1 28 ? 3.003   -0.744  -5.966  1.00 1.17  ? 28 ARG A CG   1 
ATOM 435  C CD   . ARG A 1 28 ? 2.041   -0.465  -7.122  1.00 1.47  ? 28 ARG A CD   1 
ATOM 436  N NE   . ARG A 1 28 ? 2.756   0.124   -8.257  1.00 1.72  ? 28 ARG A NE   1 
ATOM 437  C CZ   . ARG A 1 28 ? 3.523   -0.610  -9.076  1.00 1.98  ? 28 ARG A CZ   1 
ATOM 438  N NH1  . ARG A 1 28 ? 3.668   -1.902  -8.896  1.00 2.29  ? 28 ARG A NH1  1 
ATOM 439  N NH2  . ARG A 1 28 ? 4.136   -0.030  -10.071 1.00 2.63  ? 28 ARG A NH2  1 
ATOM 440  H H    . ARG A 1 28 ? 3.647   2.226   -3.248  1.00 1.26  ? 28 ARG A H    1 
ATOM 441  H HA   . ARG A 1 28 ? 2.857   -0.558  -3.324  1.00 1.12  ? 28 ARG A HA   1 
ATOM 442  H HB2  . ARG A 1 28 ? 2.265   1.088   -5.125  1.00 1.15  ? 28 ARG A HB2  1 
ATOM 443  H HB3  . ARG A 1 28 ? 3.969   1.131   -5.574  1.00 1.28  ? 28 ARG A HB3  1 
ATOM 444  H HG2  . ARG A 1 28 ? 3.958   -1.061  -6.358  1.00 1.37  ? 28 ARG A HG2  1 
ATOM 445  H HG3  . ARG A 1 28 ? 2.595   -1.525  -5.341  1.00 1.27  ? 28 ARG A HG3  1 
ATOM 446  H HD2  . ARG A 1 28 ? 1.582   -1.390  -7.435  1.00 2.06  ? 28 ARG A HD2  1 
ATOM 447  H HD3  . ARG A 1 28 ? 1.272   0.217   -6.788  1.00 1.90  ? 28 ARG A HD3  1 
ATOM 448  H HE   . ARG A 1 28 ? 2.671   1.087   -8.423  1.00 2.25  ? 28 ARG A HE   1 
ATOM 449  H HH11 . ARG A 1 28 ? 3.206   -2.362  -8.139  1.00 2.39  ? 28 ARG A HH11 1 
ATOM 450  H HH12 . ARG A 1 28 ? 4.246   -2.429  -9.520  1.00 2.83  ? 28 ARG A HH12 1 
ATOM 451  H HH21 . ARG A 1 28 ? 4.031   0.955   -10.217 1.00 3.06  ? 28 ARG A HH21 1 
ATOM 452  H HH22 . ARG A 1 28 ? 4.710   -0.568  -10.687 1.00 2.97  ? 28 ARG A HH22 1 
ATOM 453  N N    . ILE A 1 29 ? 4.982   -1.803  -3.886  1.00 1.28  ? 29 ILE A N    1 
ATOM 454  C CA   . ILE A 1 29 ? 6.243   -2.535  -3.910  1.00 1.40  ? 29 ILE A CA   1 
ATOM 455  C C    . ILE A 1 29 ? 6.446   -3.196  -5.270  1.00 1.41  ? 29 ILE A C    1 
ATOM 456  O O    . ILE A 1 29 ? 5.533   -3.811  -5.821  1.00 1.48  ? 29 ILE A O    1 
ATOM 457  C CB   . ILE A 1 29 ? 6.257   -3.613  -2.824  1.00 1.51  ? 29 ILE A CB   1 
ATOM 458  C CG1  . ILE A 1 29 ? 5.891   -2.988  -1.475  1.00 1.65  ? 29 ILE A CG1  1 
ATOM 459  C CG2  . ILE A 1 29 ? 7.652   -4.228  -2.736  1.00 1.65  ? 29 ILE A CG2  1 
ATOM 460  C CD1  . ILE A 1 29 ? 5.738   -4.092  -0.427  1.00 1.63  ? 29 ILE A CD1  1 
ATOM 461  H H    . ILE A 1 29 ? 4.140   -2.290  -3.998  1.00 1.21  ? 29 ILE A H    1 
ATOM 462  H HA   . ILE A 1 29 ? 7.053   -1.845  -3.729  1.00 1.51  ? 29 ILE A HA   1 
ATOM 463  H HB   . ILE A 1 29 ? 5.541   -4.382  -3.074  1.00 1.51  ? 29 ILE A HB   1 
ATOM 464  H HG12 . ILE A 1 29 ? 6.673   -2.308  -1.170  1.00 2.00  ? 29 ILE A HG12 1 
ATOM 465  H HG13 . ILE A 1 29 ? 4.960   -2.450  -1.567  1.00 1.78  ? 29 ILE A HG13 1 
ATOM 466  H HG21 . ILE A 1 29 ? 8.391   -3.478  -2.975  1.00 1.86  ? 29 ILE A HG21 1 
ATOM 467  H HG22 . ILE A 1 29 ? 7.820   -4.594  -1.734  1.00 1.98  ? 29 ILE A HG22 1 
ATOM 468  H HG23 . ILE A 1 29 ? 7.729   -5.046  -3.436  1.00 2.06  ? 29 ILE A HG23 1 
ATOM 469  H HD11 . ILE A 1 29 ? 6.391   -4.916  -0.673  1.00 1.96  ? 29 ILE A HD11 1 
ATOM 470  H HD12 . ILE A 1 29 ? 6.000   -3.703  0.546   1.00 1.90  ? 29 ILE A HD12 1 
ATOM 471  H HD13 . ILE A 1 29 ? 4.714   -4.435  -0.413  1.00 1.99  ? 29 ILE A HD13 1 
ATOM 472  N N    . THR A 1 30 ? 7.656   -3.063  -5.801  1.00 1.58  ? 30 THR A N    1 
ATOM 473  C CA   . THR A 1 30 ? 7.981   -3.651  -7.098  1.00 1.62  ? 30 THR A CA   1 
ATOM 474  C C    . THR A 1 30 ? 9.492   -3.698  -7.301  1.00 1.86  ? 30 THR A C    1 
ATOM 475  O O    . THR A 1 30 ? 9.985   -3.587  -8.424  1.00 2.07  ? 30 THR A O    1 
ATOM 476  C CB   . THR A 1 30 ? 7.352   -2.833  -8.229  1.00 1.72  ? 30 THR A CB   1 
ATOM 477  O OG1  . THR A 1 30 ? 6.008   -2.518  -7.894  1.00 2.16  ? 30 THR A OG1  1 
ATOM 478  C CG2  . THR A 1 30 ? 7.381   -3.645  -9.525  1.00 2.40  ? 30 THR A CG2  1 
ATOM 479  H H    . THR A 1 30 ? 8.343   -2.562  -5.313  1.00 1.79  ? 30 THR A H    1 
ATOM 480  H HA   . THR A 1 30 ? 7.588   -4.656  -7.136  1.00 1.55  ? 30 THR A HA   1 
ATOM 481  H HB   . THR A 1 30 ? 7.912   -1.921  -8.369  1.00 1.97  ? 30 THR A HB   1 
ATOM 482  H HG1  . THR A 1 30 ? 5.547   -3.340  -7.711  1.00 2.38  ? 30 THR A HG1  1 
ATOM 483  H HG21 . THR A 1 30 ? 7.326   -4.698  -9.291  1.00 2.89  ? 30 THR A HG21 1 
ATOM 484  H HG22 . THR A 1 30 ? 6.539   -3.368  -10.142 1.00 2.80  ? 30 THR A HG22 1 
ATOM 485  H HG23 . THR A 1 30 ? 8.299   -3.442  -10.056 1.00 2.81  ? 30 THR A HG23 1 
ATOM 486  N N    . SER A 1 31 ? 10.222  -3.862  -6.201  1.00 1.93  ? 31 SER A N    1 
ATOM 487  C CA   . SER A 1 31 ? 11.676  -3.921  -6.266  1.00 2.26  ? 31 SER A CA   1 
ATOM 488  C C    . SER A 1 31 ? 12.133  -5.291  -6.757  1.00 2.27  ? 31 SER A C    1 
ATOM 489  O O    . SER A 1 31 ? 11.318  -6.147  -7.102  1.00 2.67  ? 31 SER A O    1 
ATOM 490  C CB   . SER A 1 31 ? 12.286  -3.657  -4.889  1.00 2.44  ? 31 SER A CB   1 
ATOM 491  O OG   . SER A 1 31 ? 13.597  -3.132  -5.049  1.00 2.82  ? 31 SER A OG   1 
ATOM 492  H H    . SER A 1 31 ? 9.778   -3.942  -5.335  1.00 1.82  ? 31 SER A H    1 
ATOM 493  H HA   . SER A 1 31 ? 12.023  -3.167  -6.951  1.00 2.50  ? 31 SER A HA   1 
ATOM 494  H HB2  . SER A 1 31 ? 11.681  -2.943  -4.356  1.00 2.47  ? 31 SER A HB2  1 
ATOM 495  H HB3  . SER A 1 31 ? 12.323  -4.583  -4.330  1.00 2.35  ? 31 SER A HB3  1 
ATOM 496  H HG   . SER A 1 31 ? 13.960  -2.969  -4.175  1.00 3.00  ? 31 SER A HG   1 
ATOM 497  N N    . GLY A 1 32 ? 13.448  -5.488  -6.783  1.00 2.25  ? 32 GLY A N    1 
ATOM 498  C CA   . GLY A 1 32 ? 14.008  -6.759  -7.231  1.00 2.33  ? 32 GLY A CA   1 
ATOM 499  C C    . GLY A 1 32 ? 14.540  -7.562  -6.049  1.00 2.34  ? 32 GLY A C    1 
ATOM 500  O O    . GLY A 1 32 ? 15.513  -8.306  -6.172  1.00 2.64  ? 32 GLY A O    1 
ATOM 501  H H    . GLY A 1 32 ? 14.050  -4.770  -6.495  1.00 2.45  ? 32 GLY A H    1 
ATOM 502  H HA2  . GLY A 1 32 ? 13.239  -7.330  -7.733  1.00 2.37  ? 32 GLY A HA2  1 
ATOM 503  H HA3  . GLY A 1 32 ? 14.818  -6.568  -7.919  1.00 2.49  ? 32 GLY A HA3  1 
ATOM 504  N N    . LYS A 1 33 ? 13.890  -7.402  -4.899  1.00 2.24  ? 33 LYS A N    1 
ATOM 505  C CA   . LYS A 1 33 ? 14.304  -8.115  -3.694  1.00 2.39  ? 33 LYS A CA   1 
ATOM 506  C C    . LYS A 1 33 ? 13.198  -9.052  -3.222  1.00 2.26  ? 33 LYS A C    1 
ATOM 507  O O    . LYS A 1 33 ? 13.454  -10.185 -2.815  1.00 2.40  ? 33 LYS A O    1 
ATOM 508  C CB   . LYS A 1 33 ? 14.633  -7.128  -2.573  1.00 2.63  ? 33 LYS A CB   1 
ATOM 509  C CG   . LYS A 1 33 ? 15.920  -6.374  -2.918  1.00 2.93  ? 33 LYS A CG   1 
ATOM 510  C CD   . LYS A 1 33 ? 16.694  -6.071  -1.634  1.00 3.27  ? 33 LYS A CD   1 
ATOM 511  C CE   . LYS A 1 33 ? 18.196  -6.113  -1.922  1.00 3.84  ? 33 LYS A CE   1 
ATOM 512  N NZ   . LYS A 1 33 ? 18.924  -5.339  -0.876  1.00 4.51  ? 33 LYS A NZ   1 
ATOM 513  H H    . LYS A 1 33 ? 13.121  -6.794  -4.860  1.00 2.23  ? 33 LYS A H    1 
ATOM 514  H HA   . LYS A 1 33 ? 15.184  -8.696  -3.917  1.00 2.58  ? 33 LYS A HA   1 
ATOM 515  H HB2  . LYS A 1 33 ? 13.820  -6.424  -2.463  1.00 2.79  ? 33 LYS A HB2  1 
ATOM 516  H HB3  . LYS A 1 33 ? 14.772  -7.667  -1.648  1.00 2.94  ? 33 LYS A HB3  1 
ATOM 517  H HG2  . LYS A 1 33 ? 16.528  -6.982  -3.573  1.00 3.35  ? 33 LYS A HG2  1 
ATOM 518  H HG3  . LYS A 1 33 ? 15.672  -5.448  -3.414  1.00 3.16  ? 33 LYS A HG3  1 
ATOM 519  H HD2  . LYS A 1 33 ? 16.423  -5.090  -1.273  1.00 3.45  ? 33 LYS A HD2  1 
ATOM 520  H HD3  . LYS A 1 33 ? 16.453  -6.810  -0.884  1.00 3.55  ? 33 LYS A HD3  1 
ATOM 521  H HE2  . LYS A 1 33 ? 18.536  -7.137  -1.914  1.00 3.98  ? 33 LYS A HE2  1 
ATOM 522  H HE3  . LYS A 1 33 ? 18.390  -5.676  -2.891  1.00 4.14  ? 33 LYS A HE3  1 
ATOM 523  H HZ1  . LYS A 1 33 ? 18.441  -4.431  -0.719  1.00 4.69  ? 33 LYS A HZ1  1 
ATOM 524  H HZ2  . LYS A 1 33 ? 18.938  -5.883  0.011   1.00 4.74  ? 33 LYS A HZ2  1 
ATOM 525  H HZ3  . LYS A 1 33 ? 19.900  -5.166  -1.188  1.00 4.99  ? 33 LYS A HZ3  1 
ATOM 526  N N    . CYS A 1 34 ? 11.963  -8.565  -3.282  1.00 2.08  ? 34 CYS A N    1 
ATOM 527  C CA   . CYS A 1 34 ? 10.818  -9.366  -2.858  1.00 1.98  ? 34 CYS A CA   1 
ATOM 528  C C    . CYS A 1 34 ? 10.457  -10.394 -3.934  1.00 1.98  ? 34 CYS A C    1 
ATOM 529  O O    . CYS A 1 34 ? 10.750  -10.191 -5.112  1.00 1.99  ? 34 CYS A O    1 
ATOM 530  C CB   . CYS A 1 34 ? 9.602   -8.474  -2.595  1.00 1.83  ? 34 CYS A CB   1 
ATOM 531  S SG   . CYS A 1 34 ? 9.801   -7.629  -1.006  1.00 1.81  ? 34 CYS A SG   1 
ATOM 532  H H    . CYS A 1 34 ? 11.820  -7.655  -3.615  1.00 2.07  ? 34 CYS A H    1 
ATOM 533  H HA   . CYS A 1 34 ? 11.073  -9.888  -1.948  1.00 2.08  ? 34 CYS A HA   1 
ATOM 534  H HB2  . CYS A 1 34 ? 9.518   -7.741  -3.384  1.00 1.85  ? 34 CYS A HB2  1 
ATOM 535  H HB3  . CYS A 1 34 ? 8.710   -9.081  -2.571  1.00 1.79  ? 34 CYS A HB3  1 
ATOM 536  N N    . PRO A 1 35 ? 9.816   -11.511 -3.549  1.00 2.02  ? 35 PRO A N    1 
ATOM 537  C CA   . PRO A 1 35 ? 9.427   -12.557 -4.513  1.00 2.07  ? 35 PRO A CA   1 
ATOM 538  C C    . PRO A 1 35 ? 8.125   -12.229 -5.241  1.00 1.92  ? 35 PRO A C    1 
ATOM 539  O O    . PRO A 1 35 ? 7.911   -12.648 -6.379  1.00 1.99  ? 35 PRO A O    1 
ATOM 540  C CB   . PRO A 1 35 ? 9.251   -13.776 -3.617  1.00 2.24  ? 35 PRO A CB   1 
ATOM 541  C CG   . PRO A 1 35 ? 8.959   -13.260 -2.212  1.00 2.22  ? 35 PRO A CG   1 
ATOM 542  C CD   . PRO A 1 35 ? 9.439   -11.807 -2.147  1.00 2.08  ? 35 PRO A CD   1 
ATOM 543  H HA   . PRO A 1 35 ? 10.221  -12.738 -5.217  1.00 2.16  ? 35 PRO A HA   1 
ATOM 544  H HB2  . PRO A 1 35 ? 8.426   -14.378 -3.972  1.00 2.26  ? 35 PRO A HB2  1 
ATOM 545  H HB3  . PRO A 1 35 ? 10.159  -14.361 -3.606  1.00 2.40  ? 35 PRO A HB3  1 
ATOM 546  H HG2  . PRO A 1 35 ? 7.896   -13.309 -2.019  1.00 2.18  ? 35 PRO A HG2  1 
ATOM 547  H HG3  . PRO A 1 35 ? 9.493   -13.851 -1.484  1.00 2.40  ? 35 PRO A HG3  1 
ATOM 548  H HD2  . PRO A 1 35 ? 8.639   -11.157 -1.816  1.00 1.97  ? 35 PRO A HD2  1 
ATOM 549  H HD3  . PRO A 1 35 ? 10.298  -11.717 -1.502  1.00 2.19  ? 35 PRO A HD3  1 
ATOM 550  N N    . GLN A 1 36 ? 7.261   -11.476 -4.570  1.00 1.75  ? 36 GLN A N    1 
ATOM 551  C CA   . GLN A 1 36 ? 5.980   -11.095 -5.159  1.00 1.64  ? 36 GLN A CA   1 
ATOM 552  C C    . GLN A 1 36 ? 5.681   -9.625  -4.880  1.00 1.54  ? 36 GLN A C    1 
ATOM 553  O O    . GLN A 1 36 ? 5.823   -9.150  -3.754  1.00 1.71  ? 36 GLN A O    1 
ATOM 554  C CB   . GLN A 1 36 ? 4.849   -11.951 -4.586  1.00 1.68  ? 36 GLN A CB   1 
ATOM 555  C CG   . GLN A 1 36 ? 4.882   -11.889 -3.057  1.00 1.89  ? 36 GLN A CG   1 
ATOM 556  C CD   . GLN A 1 36 ? 3.723   -12.702 -2.489  1.00 2.41  ? 36 GLN A CD   1 
ATOM 557  O OE1  . GLN A 1 36 ? 3.851   -13.907 -2.269  1.00 2.98  ? 36 GLN A OE1  1 
ATOM 558  N NE2  . GLN A 1 36 ? 2.588   -12.110 -2.238  1.00 2.87  ? 36 GLN A NE2  1 
ATOM 559  H H    . GLN A 1 36 ? 7.486   -11.172 -3.665  1.00 1.75  ? 36 GLN A H    1 
ATOM 560  H HA   . GLN A 1 36 ? 6.026   -11.247 -6.227  1.00 1.66  ? 36 GLN A HA   1 
ATOM 561  H HB2  . GLN A 1 36 ? 3.900   -11.578 -4.942  1.00 1.99  ? 36 GLN A HB2  1 
ATOM 562  H HB3  . GLN A 1 36 ? 4.975   -12.975 -4.905  1.00 1.96  ? 36 GLN A HB3  1 
ATOM 563  H HG2  . GLN A 1 36 ? 5.817   -12.296 -2.700  1.00 2.19  ? 36 GLN A HG2  1 
ATOM 564  H HG3  . GLN A 1 36 ? 4.789   -10.862 -2.736  1.00 2.07  ? 36 GLN A HG3  1 
ATOM 565  H HE21 . GLN A 1 36 ? 2.486   -11.152 -2.414  1.00 3.03  ? 36 GLN A HE21 1 
ATOM 566  H HE22 . GLN A 1 36 ? 1.837   -12.624 -1.874  1.00 3.39  ? 36 GLN A HE22 1 
ATOM 567  N N    . LYS A 1 37 ? 5.264   -8.912  -5.923  1.00 1.45  ? 37 LYS A N    1 
ATOM 568  C CA   . LYS A 1 37 ? 4.944   -7.494  -5.784  1.00 1.40  ? 37 LYS A CA   1 
ATOM 569  C C    . LYS A 1 37 ? 3.672   -7.315  -4.961  1.00 1.29  ? 37 LYS A C    1 
ATOM 570  O O    . LYS A 1 37 ? 2.794   -8.178  -4.953  1.00 1.42  ? 37 LYS A O    1 
ATOM 571  C CB   . LYS A 1 37 ? 4.744   -6.852  -7.158  1.00 1.51  ? 37 LYS A CB   1 
ATOM 572  C CG   . LYS A 1 37 ? 5.989   -7.084  -8.016  1.00 1.89  ? 37 LYS A CG   1 
ATOM 573  C CD   . LYS A 1 37 ? 5.679   -6.729  -9.472  1.00 2.25  ? 37 LYS A CD   1 
ATOM 574  C CE   . LYS A 1 37 ? 4.856   -7.851  -10.107 1.00 2.64  ? 37 LYS A CE   1 
ATOM 575  N NZ   . LYS A 1 37 ? 4.418   -7.435  -11.470 1.00 2.99  ? 37 LYS A NZ   1 
ATOM 576  H H    . LYS A 1 37 ? 5.169   -9.344  -6.797  1.00 1.55  ? 37 LYS A H    1 
ATOM 577  H HA   . LYS A 1 37 ? 5.760   -6.997  -5.281  1.00 1.45  ? 37 LYS A HA   1 
ATOM 578  H HB2  . LYS A 1 37 ? 3.885   -7.296  -7.641  1.00 1.88  ? 37 LYS A HB2  1 
ATOM 579  H HB3  . LYS A 1 37 ? 4.582   -5.791  -7.040  1.00 1.93  ? 37 LYS A HB3  1 
ATOM 580  H HG2  . LYS A 1 37 ? 6.795   -6.460  -7.656  1.00 2.27  ? 37 LYS A HG2  1 
ATOM 581  H HG3  . LYS A 1 37 ? 6.281   -8.121  -7.955  1.00 2.46  ? 37 LYS A HG3  1 
ATOM 582  H HD2  . LYS A 1 37 ? 5.120   -5.806  -9.506  1.00 2.70  ? 37 LYS A HD2  1 
ATOM 583  H HD3  . LYS A 1 37 ? 6.604   -6.611  -10.018 1.00 2.55  ? 37 LYS A HD3  1 
ATOM 584  H HE2  . LYS A 1 37 ? 5.458   -8.744  -10.179 1.00 2.92  ? 37 LYS A HE2  1 
ATOM 585  H HE3  . LYS A 1 37 ? 3.988   -8.050  -9.496  1.00 3.14  ? 37 LYS A HE3  1 
ATOM 586  H HZ1  . LYS A 1 37 ? 5.185   -6.907  -11.934 1.00 3.26  ? 37 LYS A HZ1  1 
ATOM 587  H HZ2  . LYS A 1 37 ? 4.189   -8.280  -12.032 1.00 3.33  ? 37 LYS A HZ2  1 
ATOM 588  H HZ3  . LYS A 1 37 ? 3.578   -6.829  -11.396 1.00 3.24  ? 37 LYS A HZ3  1 
ATOM 589  N N    . ALA A 1 38 ? 3.583   -6.183  -4.268  1.00 1.18  ? 38 ALA A N    1 
ATOM 590  C CA   . ALA A 1 38 ? 2.413   -5.899  -3.441  1.00 1.07  ? 38 ALA A CA   1 
ATOM 591  C C    . ALA A 1 38 ? 2.301   -4.403  -3.171  1.00 1.04  ? 38 ALA A C    1 
ATOM 592  O O    . ALA A 1 38 ? 3.109   -3.607  -3.650  1.00 1.12  ? 38 ALA A O    1 
ATOM 593  C CB   . ALA A 1 38 ? 2.506   -6.640  -2.107  1.00 1.12  ? 38 ALA A CB   1 
ATOM 594  H H    . ALA A 1 38 ? 4.314   -5.532  -4.310  1.00 1.27  ? 38 ALA A H    1 
ATOM 595  H HA   . ALA A 1 38 ? 1.527   -6.228  -3.962  1.00 1.03  ? 38 ALA A HA   1 
ATOM 596  H HB1  . ALA A 1 38 ? 2.759   -7.675  -2.286  1.00 1.53  ? 38 ALA A HB1  1 
ATOM 597  H HB2  . ALA A 1 38 ? 3.272   -6.185  -1.495  1.00 1.43  ? 38 ALA A HB2  1 
ATOM 598  H HB3  . ALA A 1 38 ? 1.557   -6.585  -1.596  1.00 1.58  ? 38 ALA A HB3  1 
ATOM 599  N N    . VAL A 1 39 ? 1.290   -4.031  -2.391  1.00 0.97  ? 39 VAL A N    1 
ATOM 600  C CA   . VAL A 1 39 ? 1.076   -2.626  -2.054  1.00 0.95  ? 39 VAL A CA   1 
ATOM 601  C C    . VAL A 1 39 ? 0.932   -2.458  -0.545  1.00 0.98  ? 39 VAL A C    1 
ATOM 602  O O    . VAL A 1 39 ? 0.589   -3.397  0.174   1.00 0.99  ? 39 VAL A O    1 
ATOM 603  C CB   . VAL A 1 39 ? -0.187  -2.088  -2.743  1.00 0.85  ? 39 VAL A CB   1 
ATOM 604  C CG1  . VAL A 1 39 ? -0.365  -0.596  -2.430  1.00 0.86  ? 39 VAL A CG1  1 
ATOM 605  C CG2  . VAL A 1 39 ? -0.059  -2.268  -4.256  1.00 0.86  ? 39 VAL A CG2  1 
ATOM 606  H H    . VAL A 1 39 ? 0.679   -4.711  -2.036  1.00 0.95  ? 39 VAL A H    1 
ATOM 607  H HA   . VAL A 1 39 ? 1.927   -2.052  -2.390  1.00 1.03  ? 39 VAL A HA   1 
ATOM 608  H HB   . VAL A 1 39 ? -1.049  -2.633  -2.386  1.00 0.79  ? 39 VAL A HB   1 
ATOM 609  H HG11 . VAL A 1 39 ? 0.578   -0.086  -2.565  1.00 1.31  ? 39 VAL A HG11 1 
ATOM 610  H HG12 . VAL A 1 39 ? -1.101  -0.173  -3.097  1.00 1.36  ? 39 VAL A HG12 1 
ATOM 611  H HG13 . VAL A 1 39 ? -0.695  -0.479  -1.409  1.00 1.27  ? 39 VAL A HG13 1 
ATOM 612  H HG21 . VAL A 1 39 ? 0.615   -3.084  -4.465  1.00 1.36  ? 39 VAL A HG21 1 
ATOM 613  H HG22 . VAL A 1 39 ? -1.031  -2.485  -4.674  1.00 1.33  ? 39 VAL A HG22 1 
ATOM 614  H HG23 . VAL A 1 39 ? 0.327   -1.358  -4.695  1.00 1.31  ? 39 VAL A HG23 1 
ATOM 615  N N    . ILE A 1 40 ? 1.187   -1.241  -0.083  1.00 1.03  ? 40 ILE A N    1 
ATOM 616  C CA   . ILE A 1 40 ? 1.076   -0.930  1.338   1.00 1.08  ? 40 ILE A CA   1 
ATOM 617  C C    . ILE A 1 40 ? 0.190   0.297   1.519   1.00 1.04  ? 40 ILE A C    1 
ATOM 618  O O    . ILE A 1 40 ? 0.301   1.271   0.776   1.00 1.07  ? 40 ILE A O    1 
ATOM 619  C CB   . ILE A 1 40 ? 2.451   -0.650  1.950   1.00 1.24  ? 40 ILE A CB   1 
ATOM 620  C CG1  . ILE A 1 40 ? 3.421   -1.775  1.574   1.00 1.29  ? 40 ILE A CG1  1 
ATOM 621  C CG2  . ILE A 1 40 ? 2.324   -0.580  3.472   1.00 1.33  ? 40 ILE A CG2  1 
ATOM 622  C CD1  . ILE A 1 40 ? 4.853   -1.338  1.881   1.00 1.68  ? 40 ILE A CD1  1 
ATOM 623  H H    . ILE A 1 40 ? 1.446   -0.535  -0.711  1.00 1.04  ? 40 ILE A H    1 
ATOM 624  H HA   . ILE A 1 40 ? 0.625   -1.768  1.848   1.00 1.07  ? 40 ILE A HA   1 
ATOM 625  H HB   . ILE A 1 40 ? 2.826   0.292   1.575   1.00 1.27  ? 40 ILE A HB   1 
ATOM 626  H HG12 . ILE A 1 40 ? 3.183   -2.660  2.147   1.00 1.48  ? 40 ILE A HG12 1 
ATOM 627  H HG13 . ILE A 1 40 ? 3.330   -1.993  0.520   1.00 1.55  ? 40 ILE A HG13 1 
ATOM 628  H HG21 . ILE A 1 40 ? 1.450   -0.001  3.735   1.00 1.76  ? 40 ILE A HG21 1 
ATOM 629  H HG22 . ILE A 1 40 ? 2.228   -1.579  3.871   1.00 1.72  ? 40 ILE A HG22 1 
ATOM 630  H HG23 . ILE A 1 40 ? 3.205   -0.110  3.886   1.00 1.51  ? 40 ILE A HG23 1 
ATOM 631  H HD11 . ILE A 1 40 ? 4.848   -0.633  2.699   1.00 1.95  ? 40 ILE A HD11 1 
ATOM 632  H HD12 . ILE A 1 40 ? 5.443   -2.201  2.154   1.00 2.18  ? 40 ILE A HD12 1 
ATOM 633  H HD13 . ILE A 1 40 ? 5.282   -0.871  1.006   1.00 2.17  ? 40 ILE A HD13 1 
ATOM 634  N N    . PHE A 1 41 ? -0.701  0.238   2.501   1.00 1.01  ? 41 PHE A N    1 
ATOM 635  C CA   . PHE A 1 41 ? -1.606  1.356   2.749   1.00 0.99  ? 41 PHE A CA   1 
ATOM 636  C C    . PHE A 1 41 ? -1.331  1.989   4.106   1.00 1.11  ? 41 PHE A C    1 
ATOM 637  O O    . PHE A 1 41 ? -0.931  1.319   5.056   1.00 1.19  ? 41 PHE A O    1 
ATOM 638  C CB   . PHE A 1 41 ? -3.061  0.883   2.709   1.00 0.89  ? 41 PHE A CB   1 
ATOM 639  C CG   . PHE A 1 41 ? -3.472  0.637   1.277   1.00 0.78  ? 41 PHE A CG   1 
ATOM 640  C CD1  . PHE A 1 41 ? -3.345  1.658   0.329   1.00 0.82  ? 41 PHE A CD1  1 
ATOM 641  C CD2  . PHE A 1 41 ? -3.982  -0.610  0.899   1.00 0.74  ? 41 PHE A CD2  1 
ATOM 642  C CE1  . PHE A 1 41 ? -3.727  1.433   -0.997  1.00 0.77  ? 41 PHE A CE1  1 
ATOM 643  C CE2  . PHE A 1 41 ? -4.364  -0.836  -0.429  1.00 0.68  ? 41 PHE A CE2  1 
ATOM 644  C CZ   . PHE A 1 41 ? -4.237  0.186   -1.378  1.00 0.66  ? 41 PHE A CZ   1 
ATOM 645  H H    . PHE A 1 41 ? -0.757  -0.566  3.059   1.00 1.03  ? 41 PHE A H    1 
ATOM 646  H HA   . PHE A 1 41 ? -1.462  2.101   1.980   1.00 0.98  ? 41 PHE A HA   1 
ATOM 647  H HB2  . PHE A 1 41 ? -3.157  -0.031  3.274   1.00 0.92  ? 41 PHE A HB2  1 
ATOM 648  H HB3  . PHE A 1 41 ? -3.697  1.642   3.140   1.00 0.90  ? 41 PHE A HB3  1 
ATOM 649  H HD1  . PHE A 1 41 ? -2.950  2.619   0.621   1.00 0.95  ? 41 PHE A HD1  1 
ATOM 650  H HD2  . PHE A 1 41 ? -4.081  -1.398  1.631   1.00 0.83  ? 41 PHE A HD2  1 
ATOM 651  H HE1  . PHE A 1 41 ? -3.630  2.222   -1.729  1.00 0.87  ? 41 PHE A HE1  1 
ATOM 652  H HE2  . PHE A 1 41 ? -4.758  -1.799  -0.720  1.00 0.74  ? 41 PHE A HE2  1 
ATOM 653  H HZ   . PHE A 1 41 ? -4.530  0.011   -2.402  1.00 0.66  ? 41 PHE A HZ   1 
ATOM 654  N N    . LYS A 1 42 ? -1.560  3.296   4.179   1.00 1.15  ? 42 LYS A N    1 
ATOM 655  C CA   . LYS A 1 42 ? -1.349  4.031   5.421   1.00 1.27  ? 42 LYS A CA   1 
ATOM 656  C C    . LYS A 1 42 ? -2.614  4.794   5.791   1.00 1.24  ? 42 LYS A C    1 
ATOM 657  O O    . LYS A 1 42 ? -3.207  5.482   4.960   1.00 1.19  ? 42 LYS A O    1 
ATOM 658  C CB   . LYS A 1 42 ? -0.194  5.027   5.278   1.00 1.39  ? 42 LYS A CB   1 
ATOM 659  C CG   . LYS A 1 42 ? 1.032   4.319   4.695   1.00 1.91  ? 42 LYS A CG   1 
ATOM 660  C CD   . LYS A 1 42 ? 2.284   5.156   4.968   1.00 2.11  ? 42 LYS A CD   1 
ATOM 661  C CE   . LYS A 1 42 ? 2.199   6.471   4.190   1.00 2.68  ? 42 LYS A CE   1 
ATOM 662  N NZ   . LYS A 1 42 ? 3.120   7.471   4.801   1.00 3.01  ? 42 LYS A NZ   1 
ATOM 663  H H    . LYS A 1 42 ? -1.885  3.773   3.386   1.00 1.10  ? 42 LYS A H    1 
ATOM 664  H HA   . LYS A 1 42 ? -1.114  3.332   6.210   1.00 1.34  ? 42 LYS A HA   1 
ATOM 665  H HB2  . LYS A 1 42 ? -0.494  5.830   4.622   1.00 1.89  ? 42 LYS A HB2  1 
ATOM 666  H HB3  . LYS A 1 42 ? 0.055   5.430   6.249   1.00 1.56  ? 42 LYS A HB3  1 
ATOM 667  H HG2  . LYS A 1 42 ? 1.140   3.347   5.156   1.00 2.31  ? 42 LYS A HG2  1 
ATOM 668  H HG3  . LYS A 1 42 ? 0.906   4.200   3.629   1.00 2.48  ? 42 LYS A HG3  1 
ATOM 669  H HD2  . LYS A 1 42 ? 2.352   5.367   6.025   1.00 2.28  ? 42 LYS A HD2  1 
ATOM 670  H HD3  . LYS A 1 42 ? 3.159   4.609   4.652   1.00 2.50  ? 42 LYS A HD3  1 
ATOM 671  H HE2  . LYS A 1 42 ? 2.484   6.300   3.162   1.00 3.10  ? 42 LYS A HE2  1 
ATOM 672  H HE3  . LYS A 1 42 ? 1.187   6.846   4.225   1.00 3.11  ? 42 LYS A HE3  1 
ATOM 673  H HZ1  . LYS A 1 42 ? 2.923   7.544   5.821   1.00 3.17  ? 42 LYS A HZ1  1 
ATOM 674  H HZ2  . LYS A 1 42 ? 4.104   7.168   4.660   1.00 3.25  ? 42 LYS A HZ2  1 
ATOM 675  H HZ3  . LYS A 1 42 ? 2.976   8.396   4.351   1.00 3.43  ? 42 LYS A HZ3  1 
ATOM 676  N N    . THR A 1 43 ? -3.020  4.663   7.046   1.00 1.31  ? 43 THR A N    1 
ATOM 677  C CA   . THR A 1 43 ? -4.222  5.342   7.522   1.00 1.32  ? 43 THR A CA   1 
ATOM 678  C C    . THR A 1 43 ? -3.847  6.677   8.166   1.00 1.44  ? 43 THR A C    1 
ATOM 679  O O    . THR A 1 43 ? -2.720  7.152   8.024   1.00 1.50  ? 43 THR A O    1 
ATOM 680  C CB   . THR A 1 43 ? -4.959  4.470   8.545   1.00 1.38  ? 43 THR A CB   1 
ATOM 681  O OG1  . THR A 1 43 ? -4.186  4.382   9.733   1.00 1.55  ? 43 THR A OG1  1 
ATOM 682  C CG2  . THR A 1 43 ? -5.171  3.067   7.969   1.00 1.25  ? 43 THR A CG2  1 
ATOM 683  H H    . THR A 1 43 ? -2.507  4.101   7.662   1.00 1.38  ? 43 THR A H    1 
ATOM 684  H HA   . THR A 1 43 ? -4.876  5.527   6.681   1.00 1.22  ? 43 THR A HA   1 
ATOM 685  H HB   . THR A 1 43 ? -5.917  4.908   8.770   1.00 1.41  ? 43 THR A HB   1 
ATOM 686  H HG1  . THR A 1 43 ? -4.575  4.973   10.383  1.00 1.72  ? 43 THR A HG1  1 
ATOM 687  H HG21 . THR A 1 43 ? -4.229  2.678   7.615   1.00 1.55  ? 43 THR A HG21 1 
ATOM 688  H HG22 . THR A 1 43 ? -5.564  2.419   8.737   1.00 1.70  ? 43 THR A HG22 1 
ATOM 689  H HG23 . THR A 1 43 ? -5.871  3.119   7.147   1.00 1.43  ? 43 THR A HG23 1 
ATOM 690  N N    . LYS A 1 44 ? -4.801  7.280   8.876   1.00 1.48  ? 44 LYS A N    1 
ATOM 691  C CA   . LYS A 1 44 ? -4.550  8.560   9.533   1.00 1.60  ? 44 LYS A CA   1 
ATOM 692  C C    . LYS A 1 44 ? -4.201  8.353   11.007  1.00 1.75  ? 44 LYS A C    1 
ATOM 693  O O    . LYS A 1 44 ? -4.478  9.207   11.848  1.00 1.91  ? 44 LYS A O    1 
ATOM 694  C CB   . LYS A 1 44 ? -5.783  9.459   9.437   1.00 1.62  ? 44 LYS A CB   1 
ATOM 695  C CG   . LYS A 1 44 ? -5.343  10.923  9.373   1.00 2.11  ? 44 LYS A CG   1 
ATOM 696  C CD   . LYS A 1 44 ? -6.578  11.825  9.296   1.00 2.38  ? 44 LYS A CD   1 
ATOM 697  C CE   . LYS A 1 44 ? -6.228  13.105  8.535   1.00 2.72  ? 44 LYS A CE   1 
ATOM 698  N NZ   . LYS A 1 44 ? -5.625  14.093  9.474   1.00 3.32  ? 44 LYS A NZ   1 
ATOM 699  H H    . LYS A 1 44 ? -5.681  6.860   8.957   1.00 1.44  ? 44 LYS A H    1 
ATOM 700  H HA   . LYS A 1 44 ? -3.723  9.050   9.043   1.00 1.60  ? 44 LYS A HA   1 
ATOM 701  H HB2  . LYS A 1 44 ? -6.341  9.211   8.546   1.00 1.74  ? 44 LYS A HB2  1 
ATOM 702  H HB3  . LYS A 1 44 ? -6.407  9.311   10.306  1.00 1.95  ? 44 LYS A HB3  1 
ATOM 703  H HG2  . LYS A 1 44 ? -4.773  11.167  10.258  1.00 2.62  ? 44 LYS A HG2  1 
ATOM 704  H HG3  . LYS A 1 44 ? -4.732  11.078  8.497   1.00 2.49  ? 44 LYS A HG3  1 
ATOM 705  H HD2  . LYS A 1 44 ? -7.372  11.304  8.782   1.00 2.75  ? 44 LYS A HD2  1 
ATOM 706  H HD3  . LYS A 1 44 ? -6.900  12.078  10.294  1.00 2.71  ? 44 LYS A HD3  1 
ATOM 707  H HE2  . LYS A 1 44 ? -5.523  12.876  7.750   1.00 3.04  ? 44 LYS A HE2  1 
ATOM 708  H HE3  . LYS A 1 44 ? -7.126  13.522  8.101   1.00 2.99  ? 44 LYS A HE3  1 
ATOM 709  H HZ1  . LYS A 1 44 ? -4.819  13.654  9.965   1.00 3.69  ? 44 LYS A HZ1  1 
ATOM 710  H HZ2  . LYS A 1 44 ? -5.298  14.923  8.941   1.00 3.61  ? 44 LYS A HZ2  1 
ATOM 711  H HZ3  . LYS A 1 44 ? -6.338  14.389  10.170  1.00 3.65  ? 44 LYS A HZ3  1 
ATOM 712  N N    . LEU A 1 45 ? -3.588  7.209   11.309  1.00 1.72  ? 45 LEU A N    1 
ATOM 713  C CA   . LEU A 1 45 ? -3.203  6.902   12.682  1.00 1.86  ? 45 LEU A CA   1 
ATOM 714  C C    . LEU A 1 45 ? -1.712  6.565   12.771  1.00 1.92  ? 45 LEU A C    1 
ATOM 715  O O    . LEU A 1 45 ? -1.266  5.928   13.726  1.00 2.03  ? 45 LEU A O    1 
ATOM 716  C CB   . LEU A 1 45 ? -4.013  5.711   13.196  1.00 1.88  ? 45 LEU A CB   1 
ATOM 717  C CG   . LEU A 1 45 ? -5.246  6.211   13.951  1.00 1.95  ? 45 LEU A CG   1 
ATOM 718  C CD1  . LEU A 1 45 ? -6.366  5.175   13.845  1.00 1.92  ? 45 LEU A CD1  1 
ATOM 719  C CD2  . LEU A 1 45 ? -4.888  6.425   15.424  1.00 2.17  ? 45 LEU A CD2  1 
ATOM 720  H H    . LEU A 1 45 ? -3.390  6.564   10.602  1.00 1.61  ? 45 LEU A H    1 
ATOM 721  H HA   . LEU A 1 45 ? -3.408  7.759   13.305  1.00 1.95  ? 45 LEU A HA   1 
ATOM 722  H HB2  . LEU A 1 45 ? -4.325  5.107   12.357  1.00 1.77  ? 45 LEU A HB2  1 
ATOM 723  H HB3  . LEU A 1 45 ? -3.403  5.118   13.857  1.00 1.96  ? 45 LEU A HB3  1 
ATOM 724  H HG   . LEU A 1 45 ? -5.578  7.145   13.519  1.00 1.90  ? 45 LEU A HG   1 
ATOM 725  H HD11 . LEU A 1 45 ? -6.434  4.821   12.827  1.00 2.16  ? 45 LEU A HD11 1 
ATOM 726  H HD12 . LEU A 1 45 ? -6.151  4.345   14.502  1.00 2.27  ? 45 LEU A HD12 1 
ATOM 727  H HD13 . LEU A 1 45 ? -7.303  5.627   14.132  1.00 2.06  ? 45 LEU A HD13 1 
ATOM 728  H HD21 . LEU A 1 45 ? -4.137  5.707   15.720  1.00 2.48  ? 45 LEU A HD21 1 
ATOM 729  H HD22 . LEU A 1 45 ? -4.503  7.425   15.558  1.00 2.50  ? 45 LEU A HD22 1 
ATOM 730  H HD23 . LEU A 1 45 ? -5.771  6.294   16.031  1.00 2.35  ? 45 LEU A HD23 1 
ATOM 731  N N    . ALA A 1 46 ? -0.943  6.997   11.770  1.00 1.86  ? 46 ALA A N    1 
ATOM 732  C CA   . ALA A 1 46 ? 0.494   6.731   11.755  1.00 1.93  ? 46 ALA A CA   1 
ATOM 733  C C    . ALA A 1 46 ? 0.762   5.226   11.742  1.00 1.92  ? 46 ALA A C    1 
ATOM 734  O O    . ALA A 1 46 ? 1.686   4.738   12.394  1.00 2.02  ? 46 ALA A O    1 
ATOM 735  C CB   . ALA A 1 46 ? 1.168   7.353   12.982  1.00 2.11  ? 46 ALA A CB   1 
ATOM 736  H H    . ALA A 1 46 ? -1.344  7.500   11.034  1.00 1.79  ? 46 ALA A H    1 
ATOM 737  H HA   . ALA A 1 46 ? 0.921   7.168   10.864  1.00 1.90  ? 46 ALA A HA   1 
ATOM 738  H HB1  . ALA A 1 46 ? 0.845   8.377   13.089  1.00 2.34  ? 46 ALA A HB1  1 
ATOM 739  H HB2  . ALA A 1 46 ? 0.894   6.795   13.864  1.00 2.35  ? 46 ALA A HB2  1 
ATOM 740  H HB3  . ALA A 1 46 ? 2.240   7.325   12.856  1.00 2.43  ? 46 ALA A HB3  1 
ATOM 741  N N    . LYS A 1 47 ? -0.057  4.497   10.990  1.00 1.81  ? 47 LYS A N    1 
ATOM 742  C CA   . LYS A 1 47 ? 0.100   3.047   10.898  1.00 1.79  ? 47 LYS A CA   1 
ATOM 743  C C    . LYS A 1 47 ? 0.031   2.593   9.443   1.00 1.65  ? 47 LYS A C    1 
ATOM 744  O O    . LYS A 1 47 ? -0.757  3.115   8.652   1.00 1.57  ? 47 LYS A O    1 
ATOM 745  C CB   . LYS A 1 47 ? -0.996  2.336   11.693  1.00 1.82  ? 47 LYS A CB   1 
ATOM 746  C CG   . LYS A 1 47 ? -0.902  2.740   13.166  1.00 2.22  ? 47 LYS A CG   1 
ATOM 747  C CD   . LYS A 1 47 ? -1.616  1.698   14.028  1.00 2.45  ? 47 LYS A CD   1 
ATOM 748  C CE   . LYS A 1 47 ? -0.893  1.562   15.369  1.00 2.87  ? 47 LYS A CE   1 
ATOM 749  N NZ   . LYS A 1 47 ? -1.554  0.505   16.185  1.00 3.33  ? 47 LYS A NZ   1 
ATOM 750  H H    . LYS A 1 47 ? -0.776  4.937   10.490  1.00 1.74  ? 47 LYS A H    1 
ATOM 751  H HA   . LYS A 1 47 ? 1.061   2.772   11.305  1.00 1.88  ? 47 LYS A HA   1 
ATOM 752  H HB2  . LYS A 1 47 ? -1.963  2.618   11.302  1.00 1.99  ? 47 LYS A HB2  1 
ATOM 753  H HB3  . LYS A 1 47 ? -0.869  1.268   11.606  1.00 2.09  ? 47 LYS A HB3  1 
ATOM 754  H HG2  . LYS A 1 47 ? 0.137   2.799   13.457  1.00 2.71  ? 47 LYS A HG2  1 
ATOM 755  H HG3  . LYS A 1 47 ? -1.370  3.703   13.306  1.00 2.62  ? 47 LYS A HG3  1 
ATOM 756  H HD2  . LYS A 1 47 ? -2.637  2.010   14.199  1.00 2.66  ? 47 LYS A HD2  1 
ATOM 757  H HD3  . LYS A 1 47 ? -1.610  0.745   13.521  1.00 2.84  ? 47 LYS A HD3  1 
ATOM 758  H HE2  . LYS A 1 47 ? 0.138   1.290   15.196  1.00 3.13  ? 47 LYS A HE2  1 
ATOM 759  H HE3  . LYS A 1 47 ? -0.933  2.503   15.898  1.00 3.31  ? 47 LYS A HE3  1 
ATOM 760  H HZ1  . LYS A 1 47 ? -1.885  -0.259  15.562  1.00 3.62  ? 47 LYS A HZ1  1 
ATOM 761  H HZ2  . LYS A 1 47 ? -0.873  0.122   16.874  1.00 3.60  ? 47 LYS A HZ2  1 
ATOM 762  H HZ3  . LYS A 1 47 ? -2.366  0.913   16.691  1.00 3.67  ? 47 LYS A HZ3  1 
ATOM 763  N N    . ASP A 1 48 ? 0.863   1.615   9.099   1.00 1.65  ? 48 ASP A N    1 
ATOM 764  C CA   . ASP A 1 48 ? 0.889   1.093   7.734   1.00 1.53  ? 48 ASP A CA   1 
ATOM 765  C C    . ASP A 1 48 ? 0.348   -0.333  7.704   1.00 1.49  ? 48 ASP A C    1 
ATOM 766  O O    . ASP A 1 48 ? 0.368   -1.042  8.710   1.00 1.58  ? 48 ASP A O    1 
ATOM 767  C CB   . ASP A 1 48 ? 2.316   1.091   7.178   1.00 1.59  ? 48 ASP A CB   1 
ATOM 768  C CG   . ASP A 1 48 ? 2.948   2.466   7.374   1.00 1.67  ? 48 ASP A CG   1 
ATOM 769  O OD1  . ASP A 1 48 ? 3.031   2.903   8.510   1.00 2.16  ? 48 ASP A OD1  1 
ATOM 770  O OD2  . ASP A 1 48 ? 3.343   3.061   6.385   1.00 1.85  ? 48 ASP A OD2  1 
ATOM 771  H H    . ASP A 1 48 ? 1.467   1.237   9.772   1.00 1.75  ? 48 ASP A H    1 
ATOM 772  H HA   . ASP A 1 48 ? 0.270   1.717   7.108   1.00 1.46  ? 48 ASP A HA   1 
ATOM 773  H HB2  . ASP A 1 48 ? 2.904   0.347   7.695   1.00 1.67  ? 48 ASP A HB2  1 
ATOM 774  H HB3  . ASP A 1 48 ? 2.290   0.858   6.124   1.00 1.51  ? 48 ASP A HB3  1 
ATOM 775  N N    . ILE A 1 49 ? -0.135  -0.745  6.535   1.00 1.36  ? 49 ILE A N    1 
ATOM 776  C CA   . ILE A 1 49 ? -0.680  -2.091  6.381   1.00 1.32  ? 49 ILE A CA   1 
ATOM 777  C C    . ILE A 1 49 ? -0.313  -2.656  5.012   1.00 1.22  ? 49 ILE A C    1 
ATOM 778  O O    . ILE A 1 49 ? 0.005   -1.916  4.081   1.00 1.18  ? 49 ILE A O    1 
ATOM 779  C CB   . ILE A 1 49 ? -2.205  -2.074  6.521   1.00 1.26  ? 49 ILE A CB   1 
ATOM 780  C CG1  . ILE A 1 49 ? -2.587  -1.379  7.831   1.00 1.37  ? 49 ILE A CG1  1 
ATOM 781  C CG2  . ILE A 1 49 ? -2.736  -3.510  6.533   1.00 1.28  ? 49 ILE A CG2  1 
ATOM 782  C CD1  . ILE A 1 49 ? -4.109  -1.251  7.915   1.00 1.83  ? 49 ILE A CD1  1 
ATOM 783  H H    . ILE A 1 49 ? -0.124  -0.137  5.767   1.00 1.30  ? 49 ILE A H    1 
ATOM 784  H HA   . ILE A 1 49 ? -0.264  -2.728  7.146   1.00 1.42  ? 49 ILE A HA   1 
ATOM 785  H HB   . ILE A 1 49 ? -2.636  -1.539  5.688   1.00 1.16  ? 49 ILE A HB   1 
ATOM 786  H HG12 . ILE A 1 49 ? -2.227  -1.962  8.666   1.00 1.71  ? 49 ILE A HG12 1 
ATOM 787  H HG13 . ILE A 1 49 ? -2.144  -0.396  7.860   1.00 1.79  ? 49 ILE A HG13 1 
ATOM 788  H HG21 . ILE A 1 49 ? -2.145  -4.108  7.211   1.00 1.54  ? 49 ILE A HG21 1 
ATOM 789  H HG22 . ILE A 1 49 ? -3.766  -3.510  6.860   1.00 1.66  ? 49 ILE A HG22 1 
ATOM 790  H HG23 . ILE A 1 49 ? -2.674  -3.926  5.538   1.00 1.71  ? 49 ILE A HG23 1 
ATOM 791  H HD11 . ILE A 1 49 ? -4.486  -0.834  6.993   1.00 2.45  ? 49 ILE A HD11 1 
ATOM 792  H HD12 . ILE A 1 49 ? -4.544  -2.226  8.074   1.00 2.15  ? 49 ILE A HD12 1 
ATOM 793  H HD13 . ILE A 1 49 ? -4.370  -0.601  8.738   1.00 2.24  ? 49 ILE A HD13 1 
ATOM 794  N N    . CYS A 1 50 ? -0.364  -3.980  4.902   1.00 1.24  ? 50 CYS A N    1 
ATOM 795  C CA   . CYS A 1 50 ? -0.040  -4.642  3.642   1.00 1.17  ? 50 CYS A CA   1 
ATOM 796  C C    . CYS A 1 50 ? -1.310  -4.898  2.840   1.00 1.05  ? 50 CYS A C    1 
ATOM 797  O O    . CYS A 1 50 ? -2.376  -5.152  3.401   1.00 1.07  ? 50 CYS A O    1 
ATOM 798  C CB   . CYS A 1 50 ? 0.663   -5.976  3.898   1.00 1.28  ? 50 CYS A CB   1 
ATOM 799  S SG   . CYS A 1 50 ? 2.337   -5.669  4.514   1.00 1.45  ? 50 CYS A SG   1 
ATOM 800  H H    . CYS A 1 50 ? -0.628  -4.518  5.677   1.00 1.32  ? 50 CYS A H    1 
ATOM 801  H HA   . CYS A 1 50 ? 0.616   -4.005  3.069   1.00 1.16  ? 50 CYS A HA   1 
ATOM 802  H HB2  . CYS A 1 50 ? 0.107   -6.540  4.631   1.00 1.32  ? 50 CYS A HB2  1 
ATOM 803  H HB3  . CYS A 1 50 ? 0.716   -6.537  2.976   1.00 1.27  ? 50 CYS A HB3  1 
ATOM 804  N N    . ALA A 1 51 ? -1.186  -4.825  1.519   1.00 0.96  ? 51 ALA A N    1 
ATOM 805  C CA   . ALA A 1 51 ? -2.335  -5.047  0.645   1.00 0.86  ? 51 ALA A CA   1 
ATOM 806  C C    . ALA A 1 51 ? -1.894  -5.661  -0.679  1.00 0.84  ? 51 ALA A C    1 
ATOM 807  O O    . ALA A 1 51 ? -0.811  -5.370  -1.187  1.00 0.91  ? 51 ALA A O    1 
ATOM 808  C CB   . ALA A 1 51 ? -3.054  -3.727  0.365   1.00 0.78  ? 51 ALA A CB   1 
ATOM 809  H H    . ALA A 1 51 ? -0.312  -4.616  1.128   1.00 0.98  ? 51 ALA A H    1 
ATOM 810  H HA   . ALA A 1 51 ? -3.022  -5.721  1.133   1.00 0.88  ? 51 ALA A HA   1 
ATOM 811  H HB1  . ALA A 1 51 ? -2.334  -2.985  0.048   1.00 1.29  ? 51 ALA A HB1  1 
ATOM 812  H HB2  . ALA A 1 51 ? -3.786  -3.873  -0.414  1.00 1.26  ? 51 ALA A HB2  1 
ATOM 813  H HB3  . ALA A 1 51 ? -3.548  -3.387  1.264   1.00 1.27  ? 51 ALA A HB3  1 
ATOM 814  N N    . ASP A 1 52 ? -2.753  -6.513  -1.234  1.00 0.81  ? 52 ASP A N    1 
ATOM 815  C CA   . ASP A 1 52 ? -2.453  -7.165  -2.506  1.00 0.83  ? 52 ASP A CA   1 
ATOM 816  C C    . ASP A 1 52 ? -2.969  -6.305  -3.666  1.00 0.76  ? 52 ASP A C    1 
ATOM 817  O O    . ASP A 1 52 ? -3.984  -5.626  -3.528  1.00 0.73  ? 52 ASP A O    1 
ATOM 818  C CB   . ASP A 1 52 ? -3.116  -8.547  -2.565  1.00 0.93  ? 52 ASP A CB   1 
ATOM 819  C CG   . ASP A 1 52 ? -2.165  -9.551  -3.211  1.00 1.65  ? 52 ASP A CG   1 
ATOM 820  O OD1  . ASP A 1 52 ? -0.975  -9.453  -2.965  1.00 2.33  ? 52 ASP A OD1  1 
ATOM 821  O OD2  . ASP A 1 52 ? -2.644  -10.401 -3.945  1.00 2.36  ? 52 ASP A OD2  1 
ATOM 822  H H    . ASP A 1 52 ? -3.602  -6.702  -0.784  1.00 0.82  ? 52 ASP A H    1 
ATOM 823  H HA   . ASP A 1 52 ? -1.383  -7.280  -2.597  1.00 0.89  ? 52 ASP A HA   1 
ATOM 824  H HB2  . ASP A 1 52 ? -3.352  -8.873  -1.562  1.00 1.34  ? 52 ASP A HB2  1 
ATOM 825  H HB3  . ASP A 1 52 ? -4.024  -8.489  -3.145  1.00 1.45  ? 52 ASP A HB3  1 
ATOM 826  N N    . PRO A 1 53 ? -2.283  -6.313  -4.822  1.00 0.79  ? 53 PRO A N    1 
ATOM 827  C CA   . PRO A 1 53 ? -2.712  -5.506  -5.980  1.00 0.84  ? 53 PRO A CA   1 
ATOM 828  C C    . PRO A 1 53 ? -3.851  -6.144  -6.782  1.00 0.92  ? 53 PRO A C    1 
ATOM 829  O O    . PRO A 1 53 ? -4.300  -5.590  -7.785  1.00 1.03  ? 53 PRO A O    1 
ATOM 830  C CB   . PRO A 1 53 ? -1.438  -5.431  -6.814  1.00 0.93  ? 53 PRO A CB   1 
ATOM 831  C CG   . PRO A 1 53 ? -0.580  -6.629  -6.429  1.00 0.93  ? 53 PRO A CG   1 
ATOM 832  C CD   . PRO A 1 53 ? -1.058  -7.113  -5.056  1.00 0.87  ? 53 PRO A CD   1 
ATOM 833  H HA   . PRO A 1 53 ? -2.988  -4.514  -5.664  1.00 0.81  ? 53 PRO A HA   1 
ATOM 834  H HB2  . PRO A 1 53 ? -1.686  -5.474  -7.865  1.00 1.02  ? 53 PRO A HB2  1 
ATOM 835  H HB3  . PRO A 1 53 ? -0.908  -4.517  -6.595  1.00 0.95  ? 53 PRO A HB3  1 
ATOM 836  H HG2  . PRO A 1 53 ? -0.697  -7.416  -7.161  1.00 0.98  ? 53 PRO A HG2  1 
ATOM 837  H HG3  . PRO A 1 53 ? 0.456   -6.334  -6.367  1.00 0.99  ? 53 PRO A HG3  1 
ATOM 838  H HD2  . PRO A 1 53 ? -1.288  -8.170  -5.087  1.00 0.90  ? 53 PRO A HD2  1 
ATOM 839  H HD3  . PRO A 1 53 ? -0.322  -6.902  -4.298  1.00 0.89  ? 53 PRO A HD3  1 
ATOM 840  N N    . LYS A 1 54 ? -4.320  -7.310  -6.333  1.00 0.94  ? 54 LYS A N    1 
ATOM 841  C CA   . LYS A 1 54 ? -5.409  -7.991  -7.029  1.00 1.08  ? 54 LYS A CA   1 
ATOM 842  C C    . LYS A 1 54 ? -6.693  -7.960  -6.197  1.00 1.06  ? 54 LYS A C    1 
ATOM 843  O O    . LYS A 1 54 ? -7.578  -8.797  -6.373  1.00 1.17  ? 54 LYS A O    1 
ATOM 844  C CB   . LYS A 1 54 ? -5.034  -9.448  -7.307  1.00 1.21  ? 54 LYS A CB   1 
ATOM 845  C CG   . LYS A 1 54 ? -5.700  -9.908  -8.606  1.00 1.80  ? 54 LYS A CG   1 
ATOM 846  C CD   . LYS A 1 54 ? -5.431  -11.399 -8.818  1.00 2.23  ? 54 LYS A CD   1 
ATOM 847  C CE   . LYS A 1 54 ? -5.493  -11.722 -10.312 1.00 2.78  ? 54 LYS A CE   1 
ATOM 848  N NZ   . LYS A 1 54 ? -4.549  -12.833 -10.619 1.00 3.08  ? 54 LYS A NZ   1 
ATOM 849  H H    . LYS A 1 54 ? -3.937  -7.715  -5.529  1.00 0.90  ? 54 LYS A H    1 
ATOM 850  H HA   . LYS A 1 54 ? -5.590  -7.493  -7.969  1.00 1.15  ? 54 LYS A HA   1 
ATOM 851  H HB2  . LYS A 1 54 ? -3.962  -9.532  -7.403  1.00 1.38  ? 54 LYS A HB2  1 
ATOM 852  H HB3  . LYS A 1 54 ? -5.373  -10.070 -6.493  1.00 1.52  ? 54 LYS A HB3  1 
ATOM 853  H HG2  . LYS A 1 54 ? -6.765  -9.738  -8.544  1.00 2.28  ? 54 LYS A HG2  1 
ATOM 854  H HG3  . LYS A 1 54 ? -5.294  -9.349  -9.436  1.00 2.25  ? 54 LYS A HG3  1 
ATOM 855  H HD2  . LYS A 1 54 ? -4.452  -11.646 -8.435  1.00 2.57  ? 54 LYS A HD2  1 
ATOM 856  H HD3  . LYS A 1 54 ? -6.179  -11.977 -8.296  1.00 2.62  ? 54 LYS A HD3  1 
ATOM 857  H HE2  . LYS A 1 54 ? -6.497  -12.020 -10.575 1.00 3.23  ? 54 LYS A HE2  1 
ATOM 858  H HE3  . LYS A 1 54 ? -5.217  -10.847 -10.881 1.00 3.19  ? 54 LYS A HE3  1 
ATOM 859  H HZ1  . LYS A 1 54 ? -3.683  -12.717 -10.055 1.00 3.26  ? 54 LYS A HZ1  1 
ATOM 860  H HZ2  . LYS A 1 54 ? -4.996  -13.742 -10.384 1.00 3.41  ? 54 LYS A HZ2  1 
ATOM 861  H HZ3  . LYS A 1 54 ? -4.312  -12.818 -11.630 1.00 3.41  ? 54 LYS A HZ3  1 
ATOM 862  N N    . LYS A 1 55 ? -6.789  -6.988  -5.288  1.00 0.96  ? 55 LYS A N    1 
ATOM 863  C CA   . LYS A 1 55 ? -7.975  -6.869  -4.443  1.00 0.97  ? 55 LYS A CA   1 
ATOM 864  C C    . LYS A 1 55 ? -8.901  -5.780  -4.978  1.00 0.98  ? 55 LYS A C    1 
ATOM 865  O O    . LYS A 1 55 ? -8.491  -4.930  -5.768  1.00 0.99  ? 55 LYS A O    1 
ATOM 866  C CB   . LYS A 1 55 ? -7.573  -6.530  -3.005  1.00 0.90  ? 55 LYS A CB   1 
ATOM 867  C CG   . LYS A 1 55 ? -7.491  -7.815  -2.176  1.00 1.06  ? 55 LYS A CG   1 
ATOM 868  C CD   . LYS A 1 55 ? -8.891  -8.410  -2.016  1.00 1.60  ? 55 LYS A CD   1 
ATOM 869  C CE   . LYS A 1 55 ? -8.918  -9.329  -0.793  1.00 1.84  ? 55 LYS A CE   1 
ATOM 870  N NZ   . LYS A 1 55 ? -10.066 -10.273 -0.908  1.00 2.29  ? 55 LYS A NZ   1 
ATOM 871  H H    . LYS A 1 55 ? -6.059  -6.343  -5.183  1.00 0.90  ? 55 LYS A H    1 
ATOM 872  H HA   . LYS A 1 55 ? -8.503  -7.811  -4.447  1.00 1.07  ? 55 LYS A HA   1 
ATOM 873  H HB2  . LYS A 1 55 ? -6.609  -6.043  -3.009  1.00 0.84  ? 55 LYS A HB2  1 
ATOM 874  H HB3  . LYS A 1 55 ? -8.309  -5.871  -2.568  1.00 0.98  ? 55 LYS A HB3  1 
ATOM 875  H HG2  . LYS A 1 55 ? -6.851  -8.527  -2.680  1.00 1.49  ? 55 LYS A HG2  1 
ATOM 876  H HG3  . LYS A 1 55 ? -7.083  -7.590  -1.202  1.00 1.65  ? 55 LYS A HG3  1 
ATOM 877  H HD2  . LYS A 1 55 ? -9.608  -7.611  -1.883  1.00 2.29  ? 55 LYS A HD2  1 
ATOM 878  H HD3  . LYS A 1 55 ? -9.144  -8.979  -2.897  1.00 2.08  ? 55 LYS A HD3  1 
ATOM 879  H HE2  . LYS A 1 55 ? -7.995  -9.888  -0.744  1.00 2.12  ? 55 LYS A HE2  1 
ATOM 880  H HE3  . LYS A 1 55 ? -9.027  -8.735  0.101   1.00 2.32  ? 55 LYS A HE3  1 
ATOM 881  H HZ1  . LYS A 1 55 ? -10.905 -9.761  -1.244  1.00 2.70  ? 55 LYS A HZ1  1 
ATOM 882  H HZ2  . LYS A 1 55 ? -9.826  -11.029 -1.582  1.00 2.56  ? 55 LYS A HZ2  1 
ATOM 883  H HZ3  . LYS A 1 55 ? -10.267 -10.689 0.023   1.00 2.70  ? 55 LYS A HZ3  1 
ATOM 884  N N    . LYS A 1 56 ? -10.156 -5.821  -4.540  1.00 1.03  ? 56 LYS A N    1 
ATOM 885  C CA   . LYS A 1 56 ? -11.138 -4.837  -4.980  1.00 1.08  ? 56 LYS A CA   1 
ATOM 886  C C    . LYS A 1 56 ? -10.945 -3.517  -4.243  1.00 1.00  ? 56 LYS A C    1 
ATOM 887  O O    . LYS A 1 56 ? -10.929 -2.447  -4.851  1.00 1.04  ? 56 LYS A O    1 
ATOM 888  C CB   . LYS A 1 56 ? -12.558 -5.347  -4.728  1.00 1.20  ? 56 LYS A CB   1 
ATOM 889  C CG   . LYS A 1 56 ? -12.852 -6.523  -5.663  1.00 2.01  ? 56 LYS A CG   1 
ATOM 890  C CD   . LYS A 1 56 ? -13.413 -5.997  -6.986  1.00 2.48  ? 56 LYS A CD   1 
ATOM 891  C CE   . LYS A 1 56 ? -14.919 -5.769  -6.848  1.00 3.29  ? 56 LYS A CE   1 
ATOM 892  N NZ   . LYS A 1 56 ? -15.582 -6.028  -8.158  1.00 3.91  ? 56 LYS A NZ   1 
ATOM 893  H H    . LYS A 1 56 ? -10.426 -6.521  -3.916  1.00 1.06  ? 56 LYS A H    1 
ATOM 894  H HA   . LYS A 1 56 ? -11.010 -4.668  -6.033  1.00 1.12  ? 56 LYS A HA   1 
ATOM 895  H HB2  . LYS A 1 56 ? -12.648 -5.670  -3.701  1.00 1.41  ? 56 LYS A HB2  1 
ATOM 896  H HB3  . LYS A 1 56 ? -13.265 -4.554  -4.920  1.00 1.60  ? 56 LYS A HB3  1 
ATOM 897  H HG2  . LYS A 1 56 ? -11.940 -7.070  -5.849  1.00 2.63  ? 56 LYS A HG2  1 
ATOM 898  H HG3  . LYS A 1 56 ? -13.577 -7.177  -5.202  1.00 2.48  ? 56 LYS A HG3  1 
ATOM 899  H HD2  . LYS A 1 56 ? -12.928 -5.064  -7.236  1.00 2.74  ? 56 LYS A HD2  1 
ATOM 900  H HD3  . LYS A 1 56 ? -13.229 -6.719  -7.767  1.00 2.75  ? 56 LYS A HD3  1 
ATOM 901  H HE2  . LYS A 1 56 ? -15.318 -6.442  -6.103  1.00 3.67  ? 56 LYS A HE2  1 
ATOM 902  H HE3  . LYS A 1 56 ? -15.103 -4.748  -6.547  1.00 3.61  ? 56 LYS A HE3  1 
ATOM 903  H HZ1  . LYS A 1 56 ? -15.142 -5.439  -8.892  1.00 4.11  ? 56 LYS A HZ1  1 
ATOM 904  H HZ2  . LYS A 1 56 ? -15.475 -7.033  -8.406  1.00 4.28  ? 56 LYS A HZ2  1 
ATOM 905  H HZ3  . LYS A 1 56 ? -16.592 -5.793  -8.087  1.00 4.23  ? 56 LYS A HZ3  1 
ATOM 906  N N    . TRP A 1 57 ? -10.800 -3.605  -2.926  1.00 0.93  ? 57 TRP A N    1 
ATOM 907  C CA   . TRP A 1 57 ? -10.611 -2.408  -2.116  1.00 0.87  ? 57 TRP A CA   1 
ATOM 908  C C    . TRP A 1 57 ? -9.200  -1.854  -2.302  1.00 0.76  ? 57 TRP A C    1 
ATOM 909  O O    . TRP A 1 57 ? -8.973  -0.651  -2.172  1.00 0.74  ? 57 TRP A O    1 
ATOM 910  C CB   . TRP A 1 57 ? -10.869 -2.691  -0.628  1.00 0.89  ? 57 TRP A CB   1 
ATOM 911  C CG   . TRP A 1 57 ? -9.947  -3.755  -0.120  1.00 0.87  ? 57 TRP A CG   1 
ATOM 912  C CD1  . TRP A 1 57 ? -10.184 -5.085  -0.185  1.00 0.95  ? 57 TRP A CD1  1 
ATOM 913  C CD2  . TRP A 1 57 ? -8.661  -3.601  0.546   1.00 0.82  ? 57 TRP A CD2  1 
ATOM 914  N NE1  . TRP A 1 57 ? -9.121  -5.757  0.390   1.00 0.95  ? 57 TRP A NE1  1 
ATOM 915  C CE2  . TRP A 1 57 ? -8.157  -4.886  0.856   1.00 0.87  ? 57 TRP A CE2  1 
ATOM 916  C CE3  . TRP A 1 57 ? -7.888  -2.482  0.906   1.00 0.76  ? 57 TRP A CE3  1 
ATOM 917  C CZ2  . TRP A 1 57 ? -6.931  -5.056  1.500   1.00 0.89  ? 57 TRP A CZ2  1 
ATOM 918  C CZ3  . TRP A 1 57 ? -6.652  -2.649  1.554   1.00 0.78  ? 57 TRP A CZ3  1 
ATOM 919  C CH2  . TRP A 1 57 ? -6.176  -3.934  1.851   1.00 0.84  ? 57 TRP A CH2  1 
ATOM 920  H H    . TRP A 1 57 ? -10.823 -4.480  -2.499  1.00 0.96  ? 57 TRP A H    1 
ATOM 921  H HA   . TRP A 1 57 ? -11.315 -1.663  -2.448  1.00 0.92  ? 57 TRP A HA   1 
ATOM 922  H HB2  . TRP A 1 57 ? -10.712 -1.785  -0.062  1.00 0.87  ? 57 TRP A HB2  1 
ATOM 923  H HB3  . TRP A 1 57 ? -11.893 -3.015  -0.502  1.00 0.99  ? 57 TRP A HB3  1 
ATOM 924  H HD1  . TRP A 1 57 ? -11.058 -5.547  -0.620  1.00 1.03  ? 57 TRP A HD1  1 
ATOM 925  H HE1  . TRP A 1 57 ? -9.043  -6.731  0.467   1.00 1.01  ? 57 TRP A HE1  1 
ATOM 926  H HE3  . TRP A 1 57 ? -8.246  -1.488  0.682   1.00 0.75  ? 57 TRP A HE3  1 
ATOM 927  H HZ2  . TRP A 1 57 ? -6.569  -6.048  1.727   1.00 0.96  ? 57 TRP A HZ2  1 
ATOM 928  H HZ3  . TRP A 1 57 ? -6.068  -1.783  1.826   1.00 0.78  ? 57 TRP A HZ3  1 
ATOM 929  H HH2  . TRP A 1 57 ? -5.226  -4.055  2.350   1.00 0.89  ? 57 TRP A HH2  1 
ATOM 930  N N    . VAL A 1 58 ? -8.256  -2.735  -2.627  1.00 0.72  ? 58 VAL A N    1 
ATOM 931  C CA   . VAL A 1 58 ? -6.881  -2.301  -2.850  1.00 0.66  ? 58 VAL A CA   1 
ATOM 932  C C    . VAL A 1 58 ? -6.778  -1.626  -4.211  1.00 0.70  ? 58 VAL A C    1 
ATOM 933  O O    . VAL A 1 58 ? -6.085  -0.623  -4.374  1.00 0.70  ? 58 VAL A O    1 
ATOM 934  C CB   . VAL A 1 58 ? -5.911  -3.489  -2.802  1.00 0.66  ? 58 VAL A CB   1 
ATOM 935  C CG1  . VAL A 1 58 ? -4.474  -2.989  -2.987  1.00 0.65  ? 58 VAL A CG1  1 
ATOM 936  C CG2  . VAL A 1 58 ? -6.033  -4.193  -1.448  1.00 0.69  ? 58 VAL A CG2  1 
ATOM 937  H H    . VAL A 1 58 ? -8.488  -3.681  -2.733  1.00 0.76  ? 58 VAL A H    1 
ATOM 938  H HA   . VAL A 1 58 ? -6.608  -1.592  -2.083  1.00 0.63  ? 58 VAL A HA   1 
ATOM 939  H HB   . VAL A 1 58 ? -6.155  -4.182  -3.594  1.00 0.71  ? 58 VAL A HB   1 
ATOM 940  H HG11 . VAL A 1 58 ? -4.409  -1.957  -2.677  1.00 1.25  ? 58 VAL A HG11 1 
ATOM 941  H HG12 . VAL A 1 58 ? -3.803  -3.587  -2.390  1.00 1.17  ? 58 VAL A HG12 1 
ATOM 942  H HG13 . VAL A 1 58 ? -4.197  -3.069  -4.029  1.00 1.18  ? 58 VAL A HG13 1 
ATOM 943  H HG21 . VAL A 1 58 ? -5.855  -3.482  -0.656  1.00 1.25  ? 58 VAL A HG21 1 
ATOM 944  H HG22 . VAL A 1 58 ? -7.024  -4.607  -1.346  1.00 1.15  ? 58 VAL A HG22 1 
ATOM 945  H HG23 . VAL A 1 58 ? -5.303  -4.987  -1.390  1.00 1.27  ? 58 VAL A HG23 1 
ATOM 946  N N    . GLN A 1 59 ? -7.485  -2.188  -5.186  1.00 0.80  ? 59 GLN A N    1 
ATOM 947  C CA   . GLN A 1 59 ? -7.472  -1.628  -6.532  1.00 0.90  ? 59 GLN A CA   1 
ATOM 948  C C    . GLN A 1 59 ? -8.093  -0.241  -6.511  1.00 0.93  ? 59 GLN A C    1 
ATOM 949  O O    . GLN A 1 59 ? -7.540  0.716   -7.053  1.00 0.99  ? 59 GLN A O    1 
ATOM 950  C CB   . GLN A 1 59 ? -8.253  -2.520  -7.500  1.00 1.02  ? 59 GLN A CB   1 
ATOM 951  C CG   . GLN A 1 59 ? -7.300  -3.522  -8.153  1.00 1.46  ? 59 GLN A CG   1 
ATOM 952  C CD   . GLN A 1 59 ? -7.873  -3.972  -9.493  1.00 1.84  ? 59 GLN A CD   1 
ATOM 953  O OE1  . GLN A 1 59 ? -8.938  -4.587  -9.545  1.00 2.44  ? 59 GLN A OE1  1 
ATOM 954  N NE2  . GLN A 1 59 ? -7.223  -3.699  -10.591 1.00 2.39  ? 59 GLN A NE2  1 
ATOM 955  H H    . GLN A 1 59 ? -8.023  -2.985  -4.997  1.00 0.82  ? 59 GLN A H    1 
ATOM 956  H HA   . GLN A 1 59 ? -6.452  -1.548  -6.867  1.00 0.89  ? 59 GLN A HA   1 
ATOM 957  H HB2  . GLN A 1 59 ? -9.022  -3.052  -6.958  1.00 1.22  ? 59 GLN A HB2  1 
ATOM 958  H HB3  . GLN A 1 59 ? -8.710  -1.909  -8.265  1.00 1.44  ? 59 GLN A HB3  1 
ATOM 959  H HG2  . GLN A 1 59 ? -6.339  -3.054  -8.310  1.00 2.12  ? 59 GLN A HG2  1 
ATOM 960  H HG3  . GLN A 1 59 ? -7.182  -4.380  -7.508  1.00 1.92  ? 59 GLN A HG3  1 
ATOM 961  H HE21 . GLN A 1 59 ? -6.375  -3.209  -10.551 1.00 2.68  ? 59 GLN A HE21 1 
ATOM 962  H HE22 . GLN A 1 59 ? -7.583  -3.984  -11.457 1.00 2.90  ? 59 GLN A HE22 1 
ATOM 963  N N    . ASP A 1 60 ? -9.244  -0.142  -5.858  1.00 0.94  ? 60 ASP A N    1 
ATOM 964  C CA   . ASP A 1 60 ? -9.929  1.137   -5.745  1.00 1.00  ? 60 ASP A CA   1 
ATOM 965  C C    . ASP A 1 60 ? -9.100  2.076   -4.877  1.00 0.91  ? 60 ASP A C    1 
ATOM 966  O O    . ASP A 1 60 ? -9.042  3.282   -5.114  1.00 0.98  ? 60 ASP A O    1 
ATOM 967  C CB   . ASP A 1 60 ? -11.314 0.956   -5.118  1.00 1.04  ? 60 ASP A CB   1 
ATOM 968  C CG   . ASP A 1 60 ? -12.305 1.911   -5.778  1.00 1.17  ? 60 ASP A CG   1 
ATOM 969  O OD1  . ASP A 1 60 ? -12.114 3.109   -5.655  1.00 1.61  ? 60 ASP A OD1  1 
ATOM 970  O OD2  . ASP A 1 60 ? -13.240 1.429   -6.396  1.00 1.63  ? 60 ASP A OD2  1 
ATOM 971  H H    . ASP A 1 60 ? -9.628  -0.936  -5.435  1.00 0.92  ? 60 ASP A H    1 
ATOM 972  H HA   . ASP A 1 60 ? -10.034 1.566   -6.728  1.00 1.09  ? 60 ASP A HA   1 
ATOM 973  H HB2  . ASP A 1 60 ? -11.643 -0.062  -5.265  1.00 1.05  ? 60 ASP A HB2  1 
ATOM 974  H HB3  . ASP A 1 60 ? -11.264 1.167   -4.061  1.00 0.97  ? 60 ASP A HB3  1 
ATOM 975  N N    . SER A 1 61 ? -8.450  1.498   -3.870  1.00 0.80  ? 61 SER A N    1 
ATOM 976  C CA   . SER A 1 61 ? -7.610  2.276   -2.968  1.00 0.76  ? 61 SER A CA   1 
ATOM 977  C C    . SER A 1 61 ? -6.428  2.858   -3.732  1.00 0.80  ? 61 SER A C    1 
ATOM 978  O O    . SER A 1 61 ? -6.157  4.057   -3.668  1.00 0.86  ? 61 SER A O    1 
ATOM 979  C CB   . SER A 1 61 ? -7.090  1.402   -1.828  1.00 0.68  ? 61 SER A CB   1 
ATOM 980  O OG   . SER A 1 61 ? -8.065  1.349   -0.795  1.00 0.70  ? 61 SER A OG   1 
ATOM 981  H H    . SER A 1 61 ? -8.531  0.532   -3.736  1.00 0.78  ? 61 SER A H    1 
ATOM 982  H HA   . SER A 1 61 ? -8.193  3.081   -2.557  1.00 0.79  ? 61 SER A HA   1 
ATOM 983  H HB2  . SER A 1 61 ? -6.904  0.405   -2.191  1.00 0.68  ? 61 SER A HB2  1 
ATOM 984  H HB3  . SER A 1 61 ? -6.168  1.821   -1.446  1.00 0.67  ? 61 SER A HB3  1 
ATOM 985  H HG   . SER A 1 61 ? -7.828  0.633   -0.200  1.00 0.95  ? 61 SER A HG   1 
ATOM 986  N N    . MET A 1 62 ? -5.730  1.992   -4.462  1.00 0.80  ? 62 MET A N    1 
ATOM 987  C CA   . MET A 1 62 ? -4.579  2.430   -5.244  1.00 0.88  ? 62 MET A CA   1 
ATOM 988  C C    . MET A 1 62 ? -5.017  3.429   -6.309  1.00 1.00  ? 62 MET A C    1 
ATOM 989  O O    . MET A 1 62 ? -4.393  4.474   -6.496  1.00 1.08  ? 62 MET A O    1 
ATOM 990  C CB   . MET A 1 62 ? -3.901  1.237   -5.922  1.00 0.90  ? 62 MET A CB   1 
ATOM 991  C CG   . MET A 1 62 ? -2.591  1.692   -6.570  1.00 1.43  ? 62 MET A CG   1 
ATOM 992  S SD   . MET A 1 62 ? -1.400  0.329   -6.552  1.00 1.73  ? 62 MET A SD   1 
ATOM 993  C CE   . MET A 1 62 ? -1.616  -0.183  -8.274  1.00 1.92  ? 62 MET A CE   1 
ATOM 994  H H    . MET A 1 62 ? -5.994  1.047   -4.479  1.00 0.77  ? 62 MET A H    1 
ATOM 995  H HA   . MET A 1 62 ? -3.872  2.910   -4.586  1.00 0.88  ? 62 MET A HA   1 
ATOM 996  H HB2  . MET A 1 62 ? -3.695  0.475   -5.184  1.00 1.42  ? 62 MET A HB2  1 
ATOM 997  H HB3  . MET A 1 62 ? -4.555  0.836   -6.681  1.00 1.44  ? 62 MET A HB3  1 
ATOM 998  H HG2  . MET A 1 62 ? -2.780  1.991   -7.591  1.00 2.04  ? 62 MET A HG2  1 
ATOM 999  H HG3  . MET A 1 62 ? -2.189  2.528   -6.018  1.00 2.10  ? 62 MET A HG3  1 
ATOM 1000 H HE1  . MET A 1 62 ? -2.584  0.145   -8.628  1.00 2.40  ? 62 MET A HE1  1 
ATOM 1001 H HE2  . MET A 1 62 ? -0.843  0.262   -8.883  1.00 2.28  ? 62 MET A HE2  1 
ATOM 1002 H HE3  . MET A 1 62 ? -1.547  -1.260  -8.341  1.00 2.30  ? 62 MET A HE3  1 
ATOM 1003 N N    . LYS A 1 63 ? -6.107  3.101   -6.994  1.00 1.04  ? 63 LYS A N    1 
ATOM 1004 C CA   . LYS A 1 63 ? -6.633  3.983   -8.030  1.00 1.18  ? 63 LYS A CA   1 
ATOM 1005 C C    . LYS A 1 63 ? -7.098  5.291   -7.401  1.00 1.21  ? 63 LYS A C    1 
ATOM 1006 O O    . LYS A 1 63 ? -6.963  6.367   -7.985  1.00 1.32  ? 63 LYS A O    1 
ATOM 1007 C CB   . LYS A 1 63 ? -7.811  3.326   -8.752  1.00 1.25  ? 63 LYS A CB   1 
ATOM 1008 C CG   . LYS A 1 63 ? -8.090  4.072   -10.058 1.00 1.56  ? 63 LYS A CG   1 
ATOM 1009 C CD   . LYS A 1 63 ? -8.783  3.132   -11.046 1.00 1.86  ? 63 LYS A CD   1 
ATOM 1010 C CE   . LYS A 1 63 ? -8.491  3.586   -12.477 1.00 2.29  ? 63 LYS A CE   1 
ATOM 1011 N NZ   . LYS A 1 63 ? -9.480  2.971   -13.406 1.00 2.80  ? 63 LYS A NZ   1 
ATOM 1012 H H    . LYS A 1 63 ? -6.569  2.261   -6.796  1.00 0.99  ? 63 LYS A H    1 
ATOM 1013 H HA   . LYS A 1 63 ? -5.852  4.191   -8.744  1.00 1.25  ? 63 LYS A HA   1 
ATOM 1014 H HB2  . LYS A 1 63 ? -7.570  2.296   -8.969  1.00 1.37  ? 63 LYS A HB2  1 
ATOM 1015 H HB3  . LYS A 1 63 ? -8.687  3.367   -8.122  1.00 1.41  ? 63 LYS A HB3  1 
ATOM 1016 H HG2  . LYS A 1 63 ? -8.729  4.920   -9.859  1.00 2.06  ? 63 LYS A HG2  1 
ATOM 1017 H HG3  . LYS A 1 63 ? -7.159  4.416   -10.483 1.00 1.91  ? 63 LYS A HG3  1 
ATOM 1018 H HD2  . LYS A 1 63 ? -8.414  2.126   -10.904 1.00 2.33  ? 63 LYS A HD2  1 
ATOM 1019 H HD3  . LYS A 1 63 ? -9.849  3.151   -10.875 1.00 2.23  ? 63 LYS A HD3  1 
ATOM 1020 H HE2  . LYS A 1 63 ? -8.564  4.663   -12.535 1.00 2.76  ? 63 LYS A HE2  1 
ATOM 1021 H HE3  . LYS A 1 63 ? -7.494  3.277   -12.756 1.00 2.65  ? 63 LYS A HE3  1 
ATOM 1022 H HZ1  . LYS A 1 63 ? -10.442 3.149   -13.056 1.00 3.09  ? 63 LYS A HZ1  1 
ATOM 1023 H HZ2  . LYS A 1 63 ? -9.375  3.389   -14.352 1.00 3.31  ? 63 LYS A HZ2  1 
ATOM 1024 H HZ3  . LYS A 1 63 ? -9.313  1.945   -13.459 1.00 3.01  ? 63 LYS A HZ3  1 
ATOM 1025 N N    . TYR A 1 64 ? -7.639  5.180   -6.192  1.00 1.12  ? 64 TYR A N    1 
ATOM 1026 C CA   . TYR A 1 64 ? -8.119  6.347   -5.462  1.00 1.15  ? 64 TYR A CA   1 
ATOM 1027 C C    . TYR A 1 64 ? -6.957  7.296   -5.179  1.00 1.17  ? 64 TYR A C    1 
ATOM 1028 O O    . TYR A 1 64 ? -7.010  8.482   -5.508  1.00 1.28  ? 64 TYR A O    1 
ATOM 1029 C CB   . TYR A 1 64 ? -8.773  5.898   -4.141  1.00 1.07  ? 64 TYR A CB   1 
ATOM 1030 C CG   . TYR A 1 64 ? -9.177  7.093   -3.302  1.00 1.12  ? 64 TYR A CG   1 
ATOM 1031 C CD1  . TYR A 1 64 ? -10.118 8.009   -3.785  1.00 1.64  ? 64 TYR A CD1  1 
ATOM 1032 C CD2  . TYR A 1 64 ? -8.605  7.275   -2.038  1.00 1.64  ? 64 TYR A CD2  1 
ATOM 1033 C CE1  . TYR A 1 64 ? -10.486 9.111   -3.001  1.00 1.71  ? 64 TYR A CE1  1 
ATOM 1034 C CE2  . TYR A 1 64 ? -8.972  8.375   -1.255  1.00 1.68  ? 64 TYR A CE2  1 
ATOM 1035 C CZ   . TYR A 1 64 ? -9.912  9.293   -1.736  1.00 1.25  ? 64 TYR A CZ   1 
ATOM 1036 O OH   . TYR A 1 64 ? -10.275 10.378  -0.965  1.00 1.33  ? 64 TYR A OH   1 
ATOM 1037 H H    . TYR A 1 64 ? -7.710  4.295   -5.778  1.00 1.04  ? 64 TYR A H    1 
ATOM 1038 H HA   . TYR A 1 64 ? -8.849  6.858   -6.062  1.00 1.24  ? 64 TYR A HA   1 
ATOM 1039 H HB2  . TYR A 1 64 ? -9.650  5.309   -4.363  1.00 1.09  ? 64 TYR A HB2  1 
ATOM 1040 H HB3  . TYR A 1 64 ? -8.071  5.294   -3.586  1.00 0.99  ? 64 TYR A HB3  1 
ATOM 1041 H HD1  . TYR A 1 64 ? -10.559 7.868   -4.760  1.00 2.36  ? 64 TYR A HD1  1 
ATOM 1042 H HD2  . TYR A 1 64 ? -7.879  6.567   -1.668  1.00 2.38  ? 64 TYR A HD2  1 
ATOM 1043 H HE1  . TYR A 1 64 ? -11.211 9.819   -3.373  1.00 2.45  ? 64 TYR A HE1  1 
ATOM 1044 H HE2  . TYR A 1 64 ? -8.529  8.512   -0.279  1.00 2.40  ? 64 TYR A HE2  1 
ATOM 1045 H HH   . TYR A 1 64 ? -10.518 10.055  -0.094  1.00 1.62  ? 64 TYR A HH   1 
ATOM 1046 N N    . LEU A 1 65 ? -5.910  6.759   -4.567  1.00 1.10  ? 65 LEU A N    1 
ATOM 1047 C CA   . LEU A 1 65 ? -4.741  7.566   -4.246  1.00 1.15  ? 65 LEU A CA   1 
ATOM 1048 C C    . LEU A 1 65 ? -4.053  8.016   -5.524  1.00 1.25  ? 65 LEU A C    1 
ATOM 1049 O O    . LEU A 1 65 ? -3.622  9.162   -5.651  1.00 1.35  ? 65 LEU A O    1 
ATOM 1050 C CB   . LEU A 1 65 ? -3.760  6.765   -3.392  1.00 1.09  ? 65 LEU A CB   1 
ATOM 1051 C CG   . LEU A 1 65 ? -4.296  6.682   -1.966  1.00 1.05  ? 65 LEU A CG   1 
ATOM 1052 C CD1  . LEU A 1 65 ? -3.435  5.723   -1.148  1.00 1.03  ? 65 LEU A CD1  1 
ATOM 1053 C CD2  . LEU A 1 65 ? -4.256  8.074   -1.335  1.00 1.17  ? 65 LEU A CD2  1 
ATOM 1054 H H    . LEU A 1 65 ? -5.923  5.810   -4.330  1.00 1.02  ? 65 LEU A H    1 
ATOM 1055 H HA   . LEU A 1 65 ? -5.058  8.435   -3.691  1.00 1.19  ? 65 LEU A HA   1 
ATOM 1056 H HB2  . LEU A 1 65 ? -3.657  5.769   -3.800  1.00 1.04  ? 65 LEU A HB2  1 
ATOM 1057 H HB3  . LEU A 1 65 ? -2.799  7.257   -3.387  1.00 1.16  ? 65 LEU A HB3  1 
ATOM 1058 H HG   . LEU A 1 65 ? -5.316  6.324   -1.985  1.00 1.01  ? 65 LEU A HG   1 
ATOM 1059 H HD11 . LEU A 1 65 ? -3.072  4.934   -1.787  1.00 1.51  ? 65 LEU A HD11 1 
ATOM 1060 H HD12 . LEU A 1 65 ? -2.599  6.262   -0.726  1.00 1.36  ? 65 LEU A HD12 1 
ATOM 1061 H HD13 . LEU A 1 65 ? -4.029  5.298   -0.352  1.00 1.46  ? 65 LEU A HD13 1 
ATOM 1062 H HD21 . LEU A 1 65 ? -3.415  8.623   -1.732  1.00 1.56  ? 65 LEU A HD21 1 
ATOM 1063 H HD22 . LEU A 1 65 ? -5.170  8.599   -1.567  1.00 1.42  ? 65 LEU A HD22 1 
ATOM 1064 H HD23 . LEU A 1 65 ? -4.154  7.981   -0.265  1.00 1.70  ? 65 LEU A HD23 1 
ATOM 1065 N N    . ASP A 1 66 ? -3.969  7.097   -6.474  1.00 1.24  ? 66 ASP A N    1 
ATOM 1066 C CA   . ASP A 1 66 ? -3.345  7.394   -7.758  1.00 1.36  ? 66 ASP A CA   1 
ATOM 1067 C C    . ASP A 1 66 ? -4.135  8.475   -8.487  1.00 1.48  ? 66 ASP A C    1 
ATOM 1068 O O    . ASP A 1 66 ? -3.570  9.301   -9.205  1.00 1.61  ? 66 ASP A O    1 
ATOM 1069 C CB   . ASP A 1 66 ? -3.289  6.140   -8.632  1.00 1.35  ? 66 ASP A CB   1 
ATOM 1070 C CG   . ASP A 1 66 ? -2.046  5.329   -8.280  1.00 1.33  ? 66 ASP A CG   1 
ATOM 1071 O OD1  . ASP A 1 66 ? -0.958  5.781   -8.596  1.00 1.74  ? 66 ASP A OD1  1 
ATOM 1072 O OD2  . ASP A 1 66 ? -2.201  4.266   -7.699  1.00 1.67  ? 66 ASP A OD2  1 
ATOM 1073 H H    . ASP A 1 66 ? -4.338  6.205   -6.310  1.00 1.17  ? 66 ASP A H    1 
ATOM 1074 H HA   . ASP A 1 66 ? -2.340  7.746   -7.585  1.00 1.40  ? 66 ASP A HA   1 
ATOM 1075 H HB2  . ASP A 1 66 ? -4.172  5.541   -8.459  1.00 1.31  ? 66 ASP A HB2  1 
ATOM 1076 H HB3  . ASP A 1 66 ? -3.245  6.428   -9.672  1.00 1.43  ? 66 ASP A HB3  1 
ATOM 1077 N N    . GLN A 1 67 ? -5.452  8.461   -8.294  1.00 1.45  ? 67 GLN A N    1 
ATOM 1078 C CA   . GLN A 1 67 ? -6.318  9.444   -8.935  1.00 1.57  ? 67 GLN A CA   1 
ATOM 1079 C C    . GLN A 1 67 ? -6.207  10.796  -8.234  1.00 1.54  ? 67 GLN A C    1 
ATOM 1080 O O    . GLN A 1 67 ? -6.369  11.847  -8.855  1.00 1.52  ? 67 GLN A O    1 
ATOM 1081 C CB   . GLN A 1 67 ? -7.776  8.981   -8.898  1.00 1.67  ? 67 GLN A CB   1 
ATOM 1082 C CG   . GLN A 1 67 ? -8.630  9.912   -9.761  1.00 1.90  ? 67 GLN A CG   1 
ATOM 1083 C CD   . GLN A 1 67 ? -9.947  9.222   -10.104 1.00 2.12  ? 67 GLN A CD   1 
ATOM 1084 O OE1  . GLN A 1 67 ? -9.970  8.029   -10.406 1.00 2.67  ? 67 GLN A OE1  1 
ATOM 1085 N NE2  . GLN A 1 67 ? -11.056 9.908   -10.074 1.00 2.55  ? 67 GLN A NE2  1 
ATOM 1086 H H    . GLN A 1 67 ? -5.848  7.781   -7.712  1.00 1.37  ? 67 GLN A H    1 
ATOM 1087 H HA   . GLN A 1 67 ? -6.014  9.555   -9.962  1.00 1.70  ? 67 GLN A HA   1 
ATOM 1088 H HB2  . GLN A 1 67 ? -7.843  7.972   -9.280  1.00 1.96  ? 67 GLN A HB2  1 
ATOM 1089 H HB3  . GLN A 1 67 ? -8.136  9.005   -7.880  1.00 1.90  ? 67 GLN A HB3  1 
ATOM 1090 H HG2  . GLN A 1 67 ? -8.831  10.822  -9.217  1.00 2.33  ? 67 GLN A HG2  1 
ATOM 1091 H HG3  . GLN A 1 67 ? -8.101  10.145  -10.672 1.00 2.38  ? 67 GLN A HG3  1 
ATOM 1092 H HE21 . GLN A 1 67 ? -11.039 10.858  -9.832  1.00 2.82  ? 67 GLN A HE21 1 
ATOM 1093 H HE22 . GLN A 1 67 ? -11.908 9.475   -10.292 1.00 3.01  ? 67 GLN A HE22 1 
ATOM 1094 N N    . LYS A 1 68 ? -5.931  10.757  -6.931  1.00 1.68  ? 68 LYS A N    1 
ATOM 1095 C CA   . LYS A 1 68 ? -5.801  11.984  -6.147  1.00 1.75  ? 68 LYS A CA   1 
ATOM 1096 C C    . LYS A 1 68 ? -4.721  12.899  -6.727  1.00 1.70  ? 68 LYS A C    1 
ATOM 1097 O O    . LYS A 1 68 ? -4.750  14.114  -6.531  1.00 1.87  ? 68 LYS A O    1 
ATOM 1098 C CB   . LYS A 1 68 ? -5.444  11.654  -4.696  1.00 2.06  ? 68 LYS A CB   1 
ATOM 1099 C CG   . LYS A 1 68 ? -5.636  12.898  -3.827  1.00 2.68  ? 68 LYS A CG   1 
ATOM 1100 C CD   . LYS A 1 68 ? -5.126  12.615  -2.412  1.00 3.18  ? 68 LYS A CD   1 
ATOM 1101 C CE   . LYS A 1 68 ? -5.475  13.791  -1.499  1.00 3.72  ? 68 LYS A CE   1 
ATOM 1102 N NZ   . LYS A 1 68 ? -4.466  14.874  -1.675  1.00 3.98  ? 68 LYS A NZ   1 
ATOM 1103 H H    . LYS A 1 68 ? -5.815  9.890   -6.489  1.00 1.82  ? 68 LYS A H    1 
ATOM 1104 H HA   . LYS A 1 68 ? -6.746  12.509  -6.160  1.00 1.86  ? 68 LYS A HA   1 
ATOM 1105 H HB2  . LYS A 1 68 ? -6.087  10.862  -4.340  1.00 2.31  ? 68 LYS A HB2  1 
ATOM 1106 H HB3  . LYS A 1 68 ? -4.415  11.335  -4.643  1.00 2.31  ? 68 LYS A HB3  1 
ATOM 1107 H HG2  . LYS A 1 68 ? -5.083  13.723  -4.252  1.00 3.14  ? 68 LYS A HG2  1 
ATOM 1108 H HG3  . LYS A 1 68 ? -6.686  13.150  -3.785  1.00 3.04  ? 68 LYS A HG3  1 
ATOM 1109 H HD2  . LYS A 1 68 ? -5.590  11.715  -2.036  1.00 3.46  ? 68 LYS A HD2  1 
ATOM 1110 H HD3  . LYS A 1 68 ? -4.055  12.486  -2.435  1.00 3.49  ? 68 LYS A HD3  1 
ATOM 1111 H HE2  . LYS A 1 68 ? -6.455  14.168  -1.754  1.00 4.06  ? 68 LYS A HE2  1 
ATOM 1112 H HE3  . LYS A 1 68 ? -5.473  13.462  -0.470  1.00 4.12  ? 68 LYS A HE3  1 
ATOM 1113 H HZ1  . LYS A 1 68 ? -3.520  14.453  -1.772  1.00 4.17  ? 68 LYS A HZ1  1 
ATOM 1114 H HZ2  . LYS A 1 68 ? -4.692  15.423  -2.528  1.00 4.15  ? 68 LYS A HZ2  1 
ATOM 1115 H HZ3  . LYS A 1 68 ? -4.483  15.503  -0.847  1.00 4.29  ? 68 LYS A HZ3  1 
ATOM 1116 N N    . SER A 1 69 ? -3.763  12.305  -7.441  1.00 1.83  ? 69 SER A N    1 
ATOM 1117 C CA   . SER A 1 69 ? -2.677  13.080  -8.042  1.00 2.10  ? 69 SER A CA   1 
ATOM 1118 C C    . SER A 1 69 ? -3.238  14.169  -8.972  1.00 2.14  ? 69 SER A C    1 
ATOM 1119 O O    . SER A 1 69 ? -4.447  14.234  -9.193  1.00 2.16  ? 69 SER A O    1 
ATOM 1120 C CB   . SER A 1 69 ? -1.744  12.160  -8.837  1.00 2.60  ? 69 SER A CB   1 
ATOM 1121 O OG   . SER A 1 69 ? -0.403  12.378  -8.419  1.00 3.06  ? 69 SER A OG   1 
ATOM 1122 H H    . SER A 1 69 ? -3.784  11.334  -7.566  1.00 1.94  ? 69 SER A H    1 
ATOM 1123 H HA   . SER A 1 69 ? -2.110  13.553  -7.254  1.00 2.32  ? 69 SER A HA   1 
ATOM 1124 H HB2  . SER A 1 69 ? -2.009  11.132  -8.653  1.00 2.93  ? 69 SER A HB2  1 
ATOM 1125 H HB3  . SER A 1 69 ? -1.840  12.367  -9.896  1.00 2.89  ? 69 SER A HB3  1 
ATOM 1126 H HG   . SER A 1 69 ? -0.262  11.885  -7.608  1.00 3.40  ? 69 SER A HG   1 
ATOM 1127 N N    . PRO A 1 70 ? -2.371  15.036  -9.523  1.00 2.69  ? 70 PRO A N    1 
ATOM 1128 C CA   . PRO A 1 70 ? -2.817  16.115  -10.423 1.00 3.18  ? 70 PRO A CA   1 
ATOM 1129 C C    . PRO A 1 70 ? -3.028  15.637  -11.859 1.00 3.55  ? 70 PRO A C    1 
ATOM 1130 O O    . PRO A 1 70 ? -2.512  14.595  -12.263 1.00 3.88  ? 70 PRO A O    1 
ATOM 1131 C CB   . PRO A 1 70 ? -1.659  17.102  -10.346 1.00 3.93  ? 70 PRO A CB   1 
ATOM 1132 C CG   . PRO A 1 70 ? -0.424  16.312  -9.929  1.00 4.02  ? 70 PRO A CG   1 
ATOM 1133 C CD   . PRO A 1 70 ? -0.908  15.004  -9.293  1.00 3.24  ? 70 PRO A CD   1 
ATOM 1134 H HA   . PRO A 1 70 ? -3.712  16.579  -10.044 1.00 3.16  ? 70 PRO A HA   1 
ATOM 1135 H HB2  . PRO A 1 70 ? -1.500  17.557  -11.314 1.00 4.44  ? 70 PRO A HB2  1 
ATOM 1136 H HB3  . PRO A 1 70 ? -1.870  17.862  -9.610  1.00 4.13  ? 70 PRO A HB3  1 
ATOM 1137 H HG2  . PRO A 1 70 ? 0.185   16.099  -10.796 1.00 4.45  ? 70 PRO A HG2  1 
ATOM 1138 H HG3  . PRO A 1 70 ? 0.146   16.876  -9.207  1.00 4.45  ? 70 PRO A HG3  1 
ATOM 1139 H HD2  . PRO A 1 70 ? -0.458  14.153  -9.788  1.00 3.37  ? 70 PRO A HD2  1 
ATOM 1140 H HD3  . PRO A 1 70 ? -0.695  14.991  -8.236  1.00 3.30  ? 70 PRO A HD3  1 
ATOM 1141 N N    . THR A 1 71 ? -3.793  16.413  -12.620 1.00 4.01  ? 71 THR A N    1 
ATOM 1142 C CA   . THR A 1 71 ? -4.072  16.066  -14.013 1.00 4.76  ? 71 THR A CA   1 
ATOM 1143 C C    . THR A 1 71 ? -2.799  16.201  -14.862 1.00 5.26  ? 71 THR A C    1 
ATOM 1144 O O    . THR A 1 71 ? -2.414  15.258  -15.554 1.00 5.51  ? 71 THR A O    1 
ATOM 1145 C CB   . THR A 1 71 ? -5.177  16.971  -14.598 1.00 5.32  ? 71 THR A CB   1 
ATOM 1146 O OG1  . THR A 1 71 ? -5.534  17.970  -13.650 1.00 5.69  ? 71 THR A OG1  1 
ATOM 1147 C CG2  . THR A 1 71 ? -6.414  16.132  -14.935 1.00 5.71  ? 71 THR A CG2  1 
ATOM 1148 H H    . THR A 1 71 ? -4.176  17.232  -12.241 1.00 4.13  ? 71 THR A H    1 
ATOM 1149 H HA   . THR A 1 71 ? -4.403  15.038  -14.051 1.00 5.05  ? 71 THR A HA   1 
ATOM 1150 H HB   . THR A 1 71 ? -4.819  17.447  -15.499 1.00 5.62  ? 71 THR A HB   1 
ATOM 1151 H HG1  . THR A 1 71 ? -5.750  18.772  -14.132 1.00 5.99  ? 71 THR A HG1  1 
ATOM 1152 H HG21 . THR A 1 71 ? -6.737  15.597  -14.054 1.00 6.01  ? 71 THR A HG21 1 
ATOM 1153 H HG22 . THR A 1 71 ? -7.208  16.781  -15.272 1.00 5.92  ? 71 THR A HG22 1 
ATOM 1154 H HG23 . THR A 1 71 ? -6.168  15.427  -15.715 1.00 5.88  ? 71 THR A HG23 1 
ATOM 1155 N N    . PRO A 1 72 ? -2.127  17.366  -14.825 1.00 5.82  ? 72 PRO A N    1 
ATOM 1156 C CA   . PRO A 1 72 ? -0.895  17.575  -15.611 1.00 6.67  ? 72 PRO A CA   1 
ATOM 1157 C C    . PRO A 1 72 ? 0.334   16.958  -14.948 1.00 7.36  ? 72 PRO A C    1 
ATOM 1158 O O    . PRO A 1 72 ? 0.251   16.444  -13.834 1.00 7.67  ? 72 PRO A O    1 
ATOM 1159 C CB   . PRO A 1 72 ? -0.784  19.093  -15.649 1.00 7.26  ? 72 PRO A CB   1 
ATOM 1160 C CG   . PRO A 1 72 ? -1.552  19.628  -14.447 1.00 7.05  ? 72 PRO A CG   1 
ATOM 1161 C CD   . PRO A 1 72 ? -2.536  18.537  -14.012 1.00 6.08  ? 72 PRO A CD   1 
ATOM 1162 H HA   . PRO A 1 72 ? -1.016  17.197  -16.612 1.00 6.69  ? 72 PRO A HA   1 
ATOM 1163 H HB2  . PRO A 1 72 ? 0.255   19.388  -15.587 1.00 8.03  ? 72 PRO A HB2  1 
ATOM 1164 H HB3  . PRO A 1 72 ? -1.222  19.474  -16.558 1.00 7.33  ? 72 PRO A HB3  1 
ATOM 1165 H HG2  . PRO A 1 72 ? -0.865  19.849  -13.641 1.00 7.64  ? 72 PRO A HG2  1 
ATOM 1166 H HG3  . PRO A 1 72 ? -2.097  20.517  -14.723 1.00 7.26  ? 72 PRO A HG3  1 
ATOM 1167 H HD2  . PRO A 1 72 ? -2.430  18.329  -12.956 1.00 6.31  ? 72 PRO A HD2  1 
ATOM 1168 H HD3  . PRO A 1 72 ? -3.548  18.821  -14.249 1.00 5.74  ? 72 PRO A HD3  1 
ATOM 1169 N N    . LYS A 1 73 ? 1.463   17.024  -15.665 1.00 7.87  ? 73 LYS A N    1 
ATOM 1170 C CA   . LYS A 1 73 ? 2.747   16.482  -15.193 1.00 8.76  ? 73 LYS A CA   1 
ATOM 1171 C C    . LYS A 1 73 ? 2.617   15.018  -14.726 1.00 9.18  ? 73 LYS A C    1 
ATOM 1172 O O    . LYS A 1 73 ? 1.513   14.516  -14.525 1.00 9.28  ? 73 LYS A O    1 
ATOM 1173 C CB   . LYS A 1 73 ? 3.349   17.367  -14.077 1.00 9.31  ? 73 LYS A CB   1 
ATOM 1174 C CG   . LYS A 1 73 ? 2.569   17.238  -12.762 1.00 9.85  ? 73 LYS A CG   1 
ATOM 1175 C CD   . LYS A 1 73 ? 3.438   17.735  -11.605 1.00 10.59 ? 73 LYS A CD   1 
ATOM 1176 C CE   . LYS A 1 73 ? 3.020   17.032  -10.312 1.00 11.25 ? 73 LYS A CE   1 
ATOM 1177 N NZ   . LYS A 1 73 ? 4.207   16.877  -9.423  1.00 12.04 ? 73 LYS A NZ   1 
ATOM 1178 H H    . LYS A 1 73 ? 1.432   17.452  -16.547 1.00 7.82  ? 73 LYS A H    1 
ATOM 1179 H HA   . LYS A 1 73 ? 3.432   16.496  -16.028 1.00 9.02  ? 73 LYS A HA   1 
ATOM 1180 H HB2  . LYS A 1 73 ? 4.373   17.077  -13.907 1.00 9.10  ? 73 LYS A HB2  1 
ATOM 1181 H HB3  . LYS A 1 73 ? 3.327   18.398  -14.398 1.00 9.79  ? 73 LYS A HB3  1 
ATOM 1182 H HG2  . LYS A 1 73 ? 1.670   17.834  -12.817 1.00 10.07 ? 73 LYS A HG2  1 
ATOM 1183 H HG3  . LYS A 1 73 ? 2.307   16.205  -12.591 1.00 9.73  ? 73 LYS A HG3  1 
ATOM 1184 H HD2  . LYS A 1 73 ? 4.476   17.516  -11.815 1.00 10.69 ? 73 LYS A HD2  1 
ATOM 1185 H HD3  . LYS A 1 73 ? 3.311   18.801  -11.490 1.00 10.75 ? 73 LYS A HD3  1 
ATOM 1186 H HE2  . LYS A 1 73 ? 2.267   17.621  -9.809  1.00 11.33 ? 73 LYS A HE2  1 
ATOM 1187 H HE3  . LYS A 1 73 ? 2.617   16.058  -10.547 1.00 11.28 ? 73 LYS A HE3  1 
ATOM 1188 H HZ1  . LYS A 1 73 ? 4.954   16.363  -9.929  1.00 12.29 ? 73 LYS A HZ1  1 
ATOM 1189 H HZ2  . LYS A 1 73 ? 4.556   17.818  -9.148  1.00 12.38 ? 73 LYS A HZ2  1 
ATOM 1190 H HZ3  . LYS A 1 73 ? 3.936   16.345  -8.573  1.00 12.16 ? 73 LYS A HZ3  1 
ATOM 1191 N N    . PRO A 1 74 ? 3.745   14.303  -14.567 1.00 9.69  ? 74 PRO A N    1 
ATOM 1192 C CA   . PRO A 1 74 ? 3.717   12.895  -14.136 1.00 10.37 ? 74 PRO A CA   1 
ATOM 1193 C C    . PRO A 1 74 ? 3.690   12.747  -12.617 1.00 10.95 ? 74 PRO A C    1 
ATOM 1194 O O    . PRO A 1 74 ? 2.856   12.001  -12.129 1.00 11.22 ? 74 PRO A O    1 
ATOM 1195 C CB   . PRO A 1 74 ? 5.024   12.361  -14.709 1.00 10.89 ? 74 PRO A CB   1 
ATOM 1196 C CG   . PRO A 1 74 ? 5.960   13.556  -14.887 1.00 10.72 ? 74 PRO A CG   1 
ATOM 1197 C CD   . PRO A 1 74 ? 5.109   14.828  -14.805 1.00 9.91  ? 74 PRO A CD   1 
ATOM 1198 O OXT  . PRO A 1 74 ? 4.504   13.379  -11.965 1.00 11.31 ? 74 PRO A OXT  1 
ATOM 1199 H HA   . PRO A 1 74 ? 2.888   12.376  -14.585 1.00 10.32 ? 74 PRO A HA   1 
ATOM 1200 H HB2  . PRO A 1 74 ? 5.461   11.646  -14.026 1.00 11.56 ? 74 PRO A HB2  1 
ATOM 1201 H HB3  . PRO A 1 74 ? 4.844   11.896  -15.667 1.00 10.89 ? 74 PRO A HB3  1 
ATOM 1202 H HG2  . PRO A 1 74 ? 6.703   13.557  -14.102 1.00 11.22 ? 74 PRO A HG2  1 
ATOM 1203 H HG3  . PRO A 1 74 ? 6.443   13.504  -15.851 1.00 10.85 ? 74 PRO A HG3  1 
ATOM 1204 H HD2  . PRO A 1 74 ? 5.435   15.445  -13.980 1.00 10.06 ? 74 PRO A HD2  1 
ATOM 1205 H HD3  . PRO A 1 74 ? 5.143   15.374  -15.735 1.00 9.62  ? 74 PRO A HD3  1 
# 
